data_5D2N
#
_entry.id   5D2N
#
_cell.length_a   84.307
_cell.length_b   124.874
_cell.length_c   193.843
_cell.angle_alpha   90.000
_cell.angle_beta   90.000
_cell.angle_gamma   90.000
#
_symmetry.space_group_name_H-M   'P 21 21 21'
#
loop_
_entity.id
_entity.type
_entity.pdbx_description
1 polymer 'C25 alpha'
2 polymer 'C25 beta'
3 polymer 'HLA class I histocompatibility antigen, A-2 alpha chain'
4 polymer Beta-2-microglobulin
5 polymer ASN-LEU-VAL-PRO-MET-VAL-ALA-THR-VAL
6 non-polymer IMIDAZOLE
7 water water
#
loop_
_entity_poly.entity_id
_entity_poly.type
_entity_poly.pdbx_seq_one_letter_code
_entity_poly.pdbx_strand_id
1 'polypeptide(L)'
;MDAKTTQPNSMESNEEEPVHLPCNHSTISGTDYIHWYRQLPSQGPEYVIHGLTSNVNNRMASLAIAEDRKSSTLILHRAT
LRDAAVYYCILDNNNDMRFGAGTRLTVKPNIQNPDPAVYQLRDSKSSDKSVCLFTDFDSQTNVSQSKDSDVYITDKCVLD
MRSMDFKSNSAVAWSNKSDFACANAFNNSIIPEDTFFPSPESS
;
C,D
2 'polypeptide(L)'
;MGAGVSQSPRYKVTKRGQDVALRCDPISGHVSLYWYRQALGQGPEFLTYFNYEAQQDKSGLPNDRFSAERPEGSISTLTI
QRTEQRDSAMYRCASSLAPGTTNEKLFFGSGTQLSVLEDLNKVFPPEVAVFEPSEAEISHTQKATLVCLATGFYPDHVEL
SWWVNGKEVHSGVCTDPQPLKEQPALNDSRYALSSRLRVSATFWQNPRNHFRCQVQFYGLSENDEWTQDRAKPVTQIVSA
EAWGRAD
;
F,E
3 'polypeptide(L)'
;MGSHSMRYFFTSVSRPGRGEPRFIAVGYVDDTQFVRFDSDAASQRMEPRAPWIEQEGPEYWDGETRKVKAHSQTHRVDLG
TLRGYYNQSEAGSHTVQRMYGCDVGSDWRFLRGYHQYAYDGKDYIALKEDLRSWTAADMAAQTTKHKWEAAHVAEQLRAY
LEGTCVEWLRRYLENGKETLQRTDAPKTHMTHHAVSDHEATLRCWALSFYPAEITLTWQRDGEDQTQDTELVETRPAGDG
TFQKWAAVVVPSGQEQRYTCHVQHEGLPKPLTLRWE
;
H,A
4 'polypeptide(L)'
;MIQRTPKIQVYSRHPAENGKSNFLNCYVSGFHPSDIEVDLLKNGERIEKVEHSDLSFSKDWSFYLLYYTEFTPTEKDEYA
CRVNHVTLSQPKIVKWDRDM
;
L,B
5 'polypeptide(L)' NLVPMVATV G,I
#
# COMPACT_ATOMS: atom_id res chain seq x y z
N ASP A 2 9.42 33.81 -16.88
CA ASP A 2 8.80 33.56 -15.58
C ASP A 2 7.56 32.67 -15.72
N ALA A 3 6.39 33.14 -15.28
CA ALA A 3 5.16 32.33 -15.32
C ALA A 3 4.90 31.76 -16.70
N LYS A 4 4.27 30.59 -16.77
CA LYS A 4 4.14 29.88 -18.05
C LYS A 4 2.68 29.89 -18.54
N THR A 5 1.75 30.04 -17.61
CA THR A 5 0.37 30.31 -17.99
C THR A 5 -0.01 31.66 -17.42
N THR A 6 -1.12 32.19 -17.92
CA THR A 6 -1.61 33.49 -17.52
C THR A 6 -3.14 33.38 -17.42
N GLN A 7 -3.71 33.90 -16.34
CA GLN A 7 -5.16 33.80 -16.10
C GLN A 7 -5.65 35.07 -15.40
N PRO A 8 -6.89 35.50 -15.69
CA PRO A 8 -7.44 36.56 -14.85
C PRO A 8 -7.45 36.11 -13.39
N ASN A 9 -7.09 37.00 -12.48
CA ASN A 9 -7.06 36.66 -11.08
C ASN A 9 -8.42 36.29 -10.51
N SER A 10 -9.46 36.97 -10.95
CA SER A 10 -10.82 36.72 -10.49
C SER A 10 -11.79 36.73 -11.66
N MET A 11 -12.97 36.21 -11.40
CA MET A 11 -14.02 36.15 -12.38
C MET A 11 -15.30 35.71 -11.67
N GLU A 12 -16.45 36.02 -12.23
CA GLU A 12 -17.71 35.61 -11.66
C GLU A 12 -18.74 35.25 -12.67
N SER A 13 -19.63 34.37 -12.32
CA SER A 13 -20.69 33.96 -13.22
C SER A 13 -21.92 33.61 -12.42
N ASN A 14 -23.06 33.51 -13.10
CA ASN A 14 -24.33 33.15 -12.45
C ASN A 14 -24.51 31.64 -12.39
N GLU A 15 -25.20 31.14 -11.37
CA GLU A 15 -25.47 29.72 -11.25
C GLU A 15 -26.34 29.18 -12.40
N GLU A 16 -26.25 27.88 -12.60
CA GLU A 16 -26.97 27.19 -13.62
C GLU A 16 -26.72 27.68 -15.05
N GLU A 17 -25.65 28.41 -15.25
CA GLU A 17 -25.23 28.86 -16.58
C GLU A 17 -23.77 28.52 -16.84
N PRO A 18 -23.35 28.58 -18.11
CA PRO A 18 -21.99 28.18 -18.48
C PRO A 18 -20.92 29.14 -17.99
N VAL A 19 -19.76 28.58 -17.68
CA VAL A 19 -18.58 29.37 -17.38
C VAL A 19 -17.43 29.01 -18.30
N HIS A 20 -16.88 30.02 -18.93
CA HIS A 20 -15.69 29.88 -19.75
C HIS A 20 -14.58 30.55 -18.99
N LEU A 21 -13.64 29.72 -18.54
CA LEU A 21 -12.48 30.16 -17.78
C LEU A 21 -11.29 30.14 -18.73
N PRO A 22 -10.72 31.33 -19.02
CA PRO A 22 -9.71 31.49 -20.06
C PRO A 22 -8.31 31.31 -19.51
N CYS A 23 -7.41 30.79 -20.35
CA CYS A 23 -6.01 30.68 -19.97
C CYS A 23 -5.09 30.95 -21.16
N ASN A 24 -3.99 31.68 -20.93
CA ASN A 24 -2.99 31.95 -21.96
C ASN A 24 -1.70 31.19 -21.70
N HIS A 25 -1.13 30.66 -22.77
CA HIS A 25 0.18 29.99 -22.70
C HIS A 25 0.77 30.12 -24.10
N SER A 26 1.11 31.36 -24.45
CA SER A 26 1.55 31.71 -25.79
C SER A 26 2.83 30.97 -26.19
N THR A 27 3.73 30.81 -25.23
CA THR A 27 5.00 30.13 -25.50
C THR A 27 4.92 28.67 -25.07
N ILE A 28 4.41 27.85 -25.96
CA ILE A 28 4.08 26.45 -25.67
C ILE A 28 4.68 25.59 -26.75
N SER A 29 5.01 24.36 -26.39
CA SER A 29 5.60 23.41 -27.32
C SER A 29 4.66 22.26 -27.54
N GLY A 30 4.89 21.50 -28.62
CA GLY A 30 4.10 20.32 -28.89
C GLY A 30 4.22 19.27 -27.81
N THR A 31 5.24 19.37 -26.94
CA THR A 31 5.40 18.41 -25.83
C THR A 31 4.85 18.90 -24.49
N ASP A 32 4.28 20.11 -24.48
CA ASP A 32 3.63 20.65 -23.29
C ASP A 32 2.18 20.21 -23.19
N TYR A 33 1.84 19.52 -22.10
CA TYR A 33 0.45 19.22 -21.80
C TYR A 33 -0.21 20.39 -21.07
N ILE A 34 -1.53 20.48 -21.22
CA ILE A 34 -2.31 21.52 -20.55
C ILE A 34 -3.16 20.88 -19.45
N HIS A 35 -2.90 21.24 -18.19
CA HIS A 35 -3.66 20.70 -17.06
C HIS A 35 -4.50 21.75 -16.36
N TRP A 36 -5.70 21.37 -15.97
CA TRP A 36 -6.51 22.19 -15.08
C TRP A 36 -6.78 21.44 -13.79
N TYR A 37 -6.52 22.12 -12.68
CA TYR A 37 -6.82 21.64 -11.33
C TYR A 37 -7.70 22.67 -10.66
N ARG A 38 -8.56 22.24 -9.75
CA ARG A 38 -9.35 23.21 -9.00
C ARG A 38 -9.14 23.06 -7.50
N GLN A 39 -9.42 24.12 -6.76
CA GLN A 39 -9.27 24.08 -5.32
C GLN A 39 -10.51 24.71 -4.67
N LEU A 40 -11.36 23.84 -4.14
CA LEU A 40 -12.54 24.25 -3.38
C LEU A 40 -12.15 24.86 -2.04
N PRO A 41 -13.05 25.70 -1.46
CA PRO A 41 -12.73 26.34 -0.18
C PRO A 41 -12.33 25.32 0.88
N SER A 42 -11.30 25.64 1.64
CA SER A 42 -10.82 24.76 2.71
C SER A 42 -10.26 23.43 2.22
N GLN A 43 -10.10 23.25 0.90
CA GLN A 43 -9.58 21.98 0.42
C GLN A 43 -8.25 22.16 -0.32
N GLY A 44 -7.63 21.04 -0.67
CA GLY A 44 -6.45 21.08 -1.51
C GLY A 44 -6.83 21.00 -2.98
N PRO A 45 -5.85 21.24 -3.88
CA PRO A 45 -6.16 21.11 -5.29
C PRO A 45 -6.62 19.72 -5.63
N GLU A 46 -7.36 19.61 -6.72
CA GLU A 46 -7.79 18.32 -7.24
C GLU A 46 -7.88 18.43 -8.76
N TYR A 47 -7.60 17.31 -9.41
CA TYR A 47 -7.52 17.21 -10.84
C TYR A 47 -8.89 17.51 -11.46
N VAL A 48 -8.92 18.28 -12.54
CA VAL A 48 -10.18 18.40 -13.28
C VAL A 48 -10.07 17.77 -14.66
N ILE A 49 -9.09 18.23 -15.43
CA ILE A 49 -8.94 17.74 -16.79
C ILE A 49 -7.55 18.12 -17.33
N HIS A 50 -7.12 17.43 -18.38
CA HIS A 50 -5.89 17.78 -19.07
C HIS A 50 -5.93 17.24 -20.50
N GLY A 51 -5.08 17.79 -21.35
CA GLY A 51 -5.05 17.32 -22.72
C GLY A 51 -3.84 17.86 -23.43
N LEU A 52 -3.70 17.47 -24.69
CA LEU A 52 -2.56 17.89 -25.49
C LEU A 52 -3.03 18.78 -26.62
N THR A 53 -3.64 18.23 -27.67
CA THR A 53 -4.11 19.09 -28.76
C THR A 53 -5.59 18.90 -29.08
N SER A 54 -6.09 17.70 -28.85
CA SER A 54 -7.52 17.43 -28.98
C SER A 54 -8.31 18.07 -27.85
N ASN A 55 -9.52 18.52 -28.17
CA ASN A 55 -10.45 18.92 -27.13
C ASN A 55 -10.78 17.72 -26.25
N VAL A 56 -10.95 17.96 -24.96
CA VAL A 56 -11.26 16.88 -24.03
C VAL A 56 -12.62 17.08 -23.35
N ASN A 57 -13.32 15.97 -23.09
CA ASN A 57 -14.54 16.00 -22.30
C ASN A 57 -14.56 14.94 -21.23
N ASN A 58 -14.91 15.35 -20.01
CA ASN A 58 -15.25 14.38 -18.98
C ASN A 58 -16.47 14.85 -18.17
N ARG A 59 -16.72 14.19 -17.05
CA ARG A 59 -17.90 14.45 -16.25
C ARG A 59 -17.89 15.85 -15.65
N MET A 60 -16.73 16.34 -15.27
CA MET A 60 -16.62 17.64 -14.59
C MET A 60 -16.61 18.80 -15.56
N ALA A 61 -16.01 18.61 -16.73
CA ALA A 61 -15.80 19.75 -17.61
C ALA A 61 -15.39 19.37 -19.01
N SER A 62 -15.24 20.40 -19.83
CA SER A 62 -14.62 20.26 -21.14
C SER A 62 -13.36 21.12 -21.20
N LEU A 63 -12.38 20.69 -21.97
CA LEU A 63 -11.18 21.47 -22.19
C LEU A 63 -11.14 21.85 -23.66
N ALA A 64 -11.24 23.14 -23.93
CA ALA A 64 -11.17 23.63 -25.30
C ALA A 64 -9.79 24.18 -25.58
N ILE A 65 -9.05 23.54 -26.48
CA ILE A 65 -7.72 24.02 -26.83
C ILE A 65 -7.70 24.67 -28.21
N ALA A 66 -7.10 25.85 -28.29
CA ALA A 66 -7.00 26.59 -29.55
C ALA A 66 -6.25 25.79 -30.60
N GLU A 67 -6.55 26.08 -31.87
CA GLU A 67 -5.86 25.43 -32.98
C GLU A 67 -4.36 25.69 -32.88
N ASP A 68 -3.98 26.89 -32.50
CA ASP A 68 -2.55 27.22 -32.38
C ASP A 68 -2.01 26.88 -30.98
N ARG A 69 -2.84 26.24 -30.16
CA ARG A 69 -2.43 25.78 -28.84
C ARG A 69 -1.85 26.90 -27.95
N LYS A 70 -2.12 28.16 -28.28
CA LYS A 70 -1.55 29.27 -27.52
C LYS A 70 -2.46 29.76 -26.41
N SER A 71 -3.69 29.26 -26.40
CA SER A 71 -4.67 29.57 -25.36
C SER A 71 -5.59 28.36 -25.20
N SER A 72 -6.27 28.28 -24.06
CA SER A 72 -7.22 27.22 -23.83
C SER A 72 -8.38 27.70 -22.96
N THR A 73 -9.47 26.95 -22.97
CA THR A 73 -10.62 27.27 -22.11
C THR A 73 -11.16 26.05 -21.36
N LEU A 74 -11.35 26.22 -20.06
CA LEU A 74 -12.03 25.22 -19.26
C LEU A 74 -13.51 25.57 -19.24
N ILE A 75 -14.36 24.67 -19.69
CA ILE A 75 -15.79 24.93 -19.77
C ILE A 75 -16.58 24.23 -18.70
N LEU A 76 -17.25 25.02 -17.87
CA LEU A 76 -18.21 24.48 -16.93
C LEU A 76 -19.61 24.65 -17.53
N HIS A 77 -20.20 23.55 -17.98
CA HIS A 77 -21.46 23.59 -18.73
C HIS A 77 -22.61 24.21 -17.95
N ARG A 78 -22.77 23.82 -16.69
CA ARG A 78 -23.75 24.44 -15.79
C ARG A 78 -23.17 24.55 -14.38
N ALA A 79 -22.50 25.67 -14.12
CA ALA A 79 -21.89 25.90 -12.83
C ALA A 79 -22.94 26.00 -11.73
N THR A 80 -22.76 25.22 -10.67
CA THR A 80 -23.54 25.39 -9.45
C THR A 80 -22.76 26.23 -8.44
N LEU A 81 -23.35 26.47 -7.27
CA LEU A 81 -22.65 27.22 -6.22
C LEU A 81 -21.45 26.42 -5.73
N ARG A 82 -21.59 25.10 -5.82
CA ARG A 82 -20.54 24.18 -5.41
C ARG A 82 -19.28 24.31 -6.27
N ASP A 83 -19.41 24.96 -7.43
CA ASP A 83 -18.27 25.10 -8.35
C ASP A 83 -17.42 26.34 -8.09
N ALA A 84 -17.82 27.19 -7.14
CA ALA A 84 -16.97 28.32 -6.76
C ALA A 84 -15.68 27.74 -6.21
N ALA A 85 -14.56 28.20 -6.73
CA ALA A 85 -13.27 27.61 -6.41
C ALA A 85 -12.20 28.38 -7.16
N VAL A 86 -10.95 28.04 -6.89
CA VAL A 86 -9.85 28.56 -7.69
C VAL A 86 -9.57 27.53 -8.78
N TYR A 87 -9.50 27.99 -10.03
CA TYR A 87 -9.17 27.10 -11.12
C TYR A 87 -7.80 27.45 -11.60
N TYR A 88 -6.92 26.44 -11.61
CA TYR A 88 -5.52 26.59 -12.01
C TYR A 88 -5.29 26.03 -13.40
N CYS A 89 -4.66 26.82 -14.26
CA CYS A 89 -4.29 26.35 -15.60
C CYS A 89 -2.80 26.07 -15.59
N ILE A 90 -2.40 24.83 -15.87
CA ILE A 90 -1.00 24.45 -15.69
C ILE A 90 -0.39 23.96 -16.98
N LEU A 91 0.76 24.54 -17.35
CA LEU A 91 1.51 24.04 -18.49
C LEU A 91 2.63 23.11 -17.99
N ASP A 92 2.74 21.91 -18.57
CA ASP A 92 3.72 20.94 -18.06
C ASP A 92 4.19 19.95 -19.11
N ASN A 93 5.50 19.65 -19.11
CA ASN A 93 6.04 18.67 -20.04
C ASN A 93 6.91 17.59 -19.38
N ASN A 94 7.01 17.60 -18.05
CA ASN A 94 7.93 16.71 -17.33
C ASN A 94 7.50 16.31 -15.91
N ASN A 95 6.22 16.52 -15.59
CA ASN A 95 5.69 16.27 -14.26
C ASN A 95 6.15 17.28 -13.19
N ASP A 96 6.72 18.41 -13.59
CA ASP A 96 7.04 19.52 -12.65
C ASP A 96 5.79 20.03 -11.92
N MET A 97 4.66 19.99 -12.61
CA MET A 97 3.35 20.45 -12.10
C MET A 97 3.44 21.71 -11.24
N ARG A 98 3.83 22.79 -11.90
CA ARG A 98 3.97 24.08 -11.26
C ARG A 98 2.68 24.86 -11.41
N PHE A 99 2.23 25.42 -10.30
CA PHE A 99 0.96 26.13 -10.19
C PHE A 99 1.18 27.63 -10.29
N GLY A 100 0.27 28.33 -10.98
CA GLY A 100 0.18 29.78 -10.94
C GLY A 100 -0.84 30.19 -9.88
N ALA A 101 -1.28 31.44 -9.89
CA ALA A 101 -2.23 31.91 -8.88
C ALA A 101 -3.67 31.52 -9.20
N GLY A 102 -3.90 30.97 -10.38
CA GLY A 102 -5.21 30.56 -10.81
C GLY A 102 -6.19 31.71 -11.00
N THR A 103 -7.41 31.35 -11.42
CA THR A 103 -8.55 32.27 -11.45
C THR A 103 -9.50 31.89 -10.33
N ARG A 104 -9.85 32.84 -9.48
CA ARG A 104 -10.85 32.56 -8.44
C ARG A 104 -12.26 32.78 -8.95
N LEU A 105 -13.04 31.71 -9.10
CA LEU A 105 -14.40 31.84 -9.61
C LEU A 105 -15.41 32.01 -8.47
N THR A 106 -16.16 33.10 -8.51
CA THR A 106 -17.35 33.26 -7.66
C THR A 106 -18.64 33.00 -8.47
N VAL A 107 -19.52 32.18 -7.91
CA VAL A 107 -20.77 31.83 -8.55
C VAL A 107 -21.94 32.54 -7.86
N LYS A 108 -22.53 33.52 -8.55
CA LYS A 108 -23.63 34.29 -7.99
C LYS A 108 -24.95 33.52 -8.02
N PRO A 109 -25.69 33.52 -6.90
CA PRO A 109 -26.99 32.86 -6.85
C PRO A 109 -28.05 33.67 -7.60
N ASN A 110 -29.05 32.98 -8.14
CA ASN A 110 -30.18 33.65 -8.78
C ASN A 110 -31.19 34.15 -7.74
N ILE A 111 -31.09 35.43 -7.40
CA ILE A 111 -32.00 35.99 -6.42
C ILE A 111 -33.20 36.63 -7.11
N GLN A 112 -34.22 35.81 -7.37
CA GLN A 112 -35.50 36.34 -7.82
C GLN A 112 -36.30 36.60 -6.55
N ASN A 113 -37.11 37.66 -6.54
CA ASN A 113 -37.76 38.09 -5.31
C ASN A 113 -36.78 38.66 -4.28
N PRO A 114 -35.86 39.53 -4.71
CA PRO A 114 -34.98 40.16 -3.71
C PRO A 114 -35.75 40.96 -2.69
N ASP A 115 -35.29 40.98 -1.45
CA ASP A 115 -35.99 41.68 -0.39
C ASP A 115 -35.02 42.35 0.55
N PRO A 116 -34.21 43.27 0.01
CA PRO A 116 -33.13 43.94 0.75
C PRO A 116 -33.60 44.46 2.11
N ALA A 117 -32.97 43.96 3.17
CA ALA A 117 -33.41 44.24 4.53
C ALA A 117 -32.23 44.19 5.49
N VAL A 118 -32.28 45.02 6.52
CA VAL A 118 -31.30 45.00 7.59
C VAL A 118 -32.02 44.72 8.91
N TYR A 119 -31.68 43.62 9.56
CA TYR A 119 -32.31 43.25 10.83
C TYR A 119 -31.33 43.40 11.96
N GLN A 120 -31.84 43.36 13.20
CA GLN A 120 -30.99 43.35 14.38
C GLN A 120 -31.31 42.14 15.24
N LEU A 121 -30.29 41.35 15.54
CA LEU A 121 -30.46 40.10 16.27
C LEU A 121 -29.81 40.23 17.65
N ARG A 122 -30.54 39.85 18.68
CA ARG A 122 -29.99 39.96 20.00
C ARG A 122 -29.38 38.69 20.46
N ASP A 123 -28.31 38.82 21.20
CA ASP A 123 -27.61 37.70 21.76
C ASP A 123 -28.56 36.78 22.48
N SER A 124 -28.26 35.50 22.44
CA SER A 124 -29.08 34.54 23.12
C SER A 124 -28.78 34.56 24.59
N LYS A 125 -27.51 34.69 24.94
CA LYS A 125 -27.13 34.73 26.34
C LYS A 125 -27.51 36.07 26.87
N SER A 126 -28.28 36.03 27.94
CA SER A 126 -28.75 37.25 28.58
C SER A 126 -27.76 38.41 28.63
N SER A 127 -27.04 38.63 27.55
CA SER A 127 -26.08 39.69 27.48
C SER A 127 -26.81 40.81 26.80
N ASP A 128 -26.10 41.90 26.53
CA ASP A 128 -26.68 43.03 25.85
C ASP A 128 -26.05 43.25 24.49
N LYS A 129 -25.49 42.21 23.87
CA LYS A 129 -24.89 42.40 22.57
C LYS A 129 -25.84 42.05 21.46
N SER A 130 -25.59 42.63 20.29
CA SER A 130 -26.41 42.36 19.14
C SER A 130 -25.60 42.46 17.84
N VAL A 131 -26.17 41.98 16.76
CA VAL A 131 -25.49 42.04 15.47
C VAL A 131 -26.46 42.50 14.40
N CYS A 132 -25.93 42.90 13.26
CA CYS A 132 -26.76 43.43 12.18
C CYS A 132 -26.65 42.53 10.97
N LEU A 133 -27.78 42.19 10.40
CA LEU A 133 -27.83 41.26 9.29
C LEU A 133 -28.42 41.90 8.04
N PHE A 134 -27.56 42.35 7.14
CA PHE A 134 -27.95 42.75 5.80
C PHE A 134 -28.28 41.49 5.00
N THR A 135 -29.57 41.28 4.69
CA THR A 135 -29.93 40.04 4.02
C THR A 135 -30.83 40.23 2.79
N ASP A 136 -30.84 39.21 1.94
CA ASP A 136 -31.79 39.08 0.83
C ASP A 136 -31.64 40.10 -0.30
N PHE A 137 -30.50 40.79 -0.37
CA PHE A 137 -30.26 41.70 -1.50
C PHE A 137 -30.01 40.90 -2.78
N ASP A 138 -30.00 41.59 -3.91
CA ASP A 138 -29.69 40.93 -5.17
C ASP A 138 -28.18 40.79 -5.29
N SER A 139 -27.75 39.82 -6.07
CA SER A 139 -26.34 39.45 -6.11
C SER A 139 -25.43 40.56 -6.64
N GLN A 140 -26.02 41.59 -7.25
CA GLN A 140 -25.20 42.68 -7.81
C GLN A 140 -24.76 43.65 -6.71
N THR A 141 -25.28 43.45 -5.51
CA THR A 141 -24.90 44.29 -4.38
C THR A 141 -23.47 43.98 -3.94
N ASN A 142 -22.69 45.02 -3.73
CA ASN A 142 -21.31 44.86 -3.27
C ASN A 142 -21.11 45.44 -1.89
N VAL A 143 -21.02 44.56 -0.90
CA VAL A 143 -20.69 44.97 0.46
C VAL A 143 -19.25 45.44 0.45
N SER A 144 -18.87 46.20 1.47
CA SER A 144 -17.48 46.63 1.59
C SER A 144 -17.08 46.61 3.05
N GLN A 145 -15.78 46.43 3.29
CA GLN A 145 -15.30 46.33 4.66
C GLN A 145 -15.31 47.71 5.31
N SER A 146 -15.58 47.76 6.61
CA SER A 146 -15.73 49.02 7.32
C SER A 146 -14.47 49.87 7.36
N LYS A 147 -14.67 51.18 7.37
CA LYS A 147 -13.57 52.13 7.52
C LYS A 147 -13.29 52.41 8.99
N ASP A 148 -14.34 52.50 9.81
CA ASP A 148 -14.15 52.56 11.25
C ASP A 148 -13.59 51.22 11.67
N SER A 149 -12.33 51.22 12.09
CA SER A 149 -11.69 50.00 12.47
C SER A 149 -12.48 49.28 13.53
N ASP A 150 -13.11 50.02 14.43
CA ASP A 150 -13.89 49.42 15.48
C ASP A 150 -15.24 48.89 15.02
N VAL A 151 -15.44 48.85 13.72
CA VAL A 151 -16.67 48.31 13.19
C VAL A 151 -16.37 47.14 12.26
N TYR A 152 -17.04 46.03 12.50
CA TYR A 152 -16.81 44.87 11.71
C TYR A 152 -17.90 44.54 10.73
N ILE A 153 -17.49 44.36 9.50
CA ILE A 153 -18.41 43.99 8.44
C ILE A 153 -17.79 42.86 7.64
N THR A 154 -18.43 41.70 7.65
CA THR A 154 -17.99 40.55 6.88
C THR A 154 -18.35 40.73 5.41
N ASP A 155 -17.81 39.88 4.56
CA ASP A 155 -18.13 39.87 3.17
C ASP A 155 -19.51 39.25 3.06
N LYS A 156 -20.13 39.35 1.90
CA LYS A 156 -21.45 38.76 1.70
C LYS A 156 -21.26 37.26 1.53
N CYS A 157 -22.25 36.51 1.97
CA CYS A 157 -22.16 35.08 2.06
C CYS A 157 -23.46 34.53 1.50
N VAL A 158 -23.39 33.45 0.72
CA VAL A 158 -24.57 32.84 0.11
C VAL A 158 -24.99 31.59 0.85
N LEU A 159 -26.25 31.49 1.27
CA LEU A 159 -26.72 30.25 1.87
C LEU A 159 -27.85 29.64 1.03
N ASP A 160 -28.01 28.33 1.15
CA ASP A 160 -28.93 27.58 0.31
C ASP A 160 -29.84 26.68 1.13
N MET A 161 -31.09 27.10 1.29
CA MET A 161 -32.08 26.33 2.02
C MET A 161 -32.61 25.25 1.07
N ARG A 162 -31.91 24.13 1.03
CA ARG A 162 -32.07 23.14 -0.01
C ARG A 162 -33.51 22.66 -0.19
N SER A 163 -34.17 22.38 0.94
CA SER A 163 -35.51 21.80 0.89
C SER A 163 -36.60 22.82 0.55
N MET A 164 -36.19 24.00 0.08
CA MET A 164 -37.15 25.02 -0.35
C MET A 164 -36.66 25.70 -1.62
N ASP A 165 -35.60 25.15 -2.20
CA ASP A 165 -34.93 25.71 -3.37
C ASP A 165 -34.84 27.24 -3.24
N PHE A 166 -34.37 27.68 -2.07
CA PHE A 166 -34.26 29.10 -1.77
C PHE A 166 -32.82 29.45 -1.39
N LYS A 167 -32.32 30.55 -1.96
CA LYS A 167 -30.96 30.98 -1.69
C LYS A 167 -30.99 32.46 -1.32
N SER A 168 -30.11 32.87 -0.41
CA SER A 168 -30.11 34.25 0.00
C SER A 168 -28.72 34.69 0.36
N ASN A 169 -28.41 35.93 -0.01
CA ASN A 169 -27.19 36.59 0.38
C ASN A 169 -27.33 37.18 1.77
N SER A 170 -26.21 37.31 2.47
CA SER A 170 -26.19 38.07 3.69
C SER A 170 -24.77 38.54 3.98
N ALA A 171 -24.68 39.60 4.76
CA ALA A 171 -23.44 40.04 5.37
C ALA A 171 -23.79 40.38 6.81
N VAL A 172 -22.81 40.33 7.69
CA VAL A 172 -23.06 40.54 9.10
C VAL A 172 -22.15 41.65 9.61
N ALA A 173 -22.63 42.44 10.56
CA ALA A 173 -21.82 43.51 11.12
C ALA A 173 -22.12 43.70 12.61
N TRP A 174 -21.11 44.13 13.35
CA TRP A 174 -21.24 44.33 14.78
C TRP A 174 -20.14 45.27 15.29
N SER A 175 -20.29 45.73 16.53
CA SER A 175 -19.31 46.59 17.17
C SER A 175 -19.60 46.67 18.66
N ASN A 176 -18.56 46.90 19.46
CA ASN A 176 -18.72 46.94 20.91
C ASN A 176 -18.89 48.35 21.48
N LYS A 177 -18.52 49.38 20.71
CA LYS A 177 -18.75 50.75 21.15
C LYS A 177 -20.25 51.00 21.26
N SER A 178 -20.65 51.83 22.22
CA SER A 178 -22.06 51.96 22.61
C SER A 178 -22.91 52.71 21.61
N ASP A 179 -22.34 53.77 21.04
CA ASP A 179 -23.02 54.63 20.07
C ASP A 179 -23.37 53.91 18.77
N PHE A 180 -22.87 52.71 18.60
CA PHE A 180 -23.11 51.97 17.37
C PHE A 180 -24.52 51.52 17.12
N ALA A 181 -24.93 51.62 15.88
CA ALA A 181 -26.25 51.20 15.49
C ALA A 181 -26.09 50.80 14.07
N CYS A 182 -27.01 49.98 13.59
CA CYS A 182 -26.99 49.40 12.26
C CYS A 182 -26.81 50.28 11.02
N ALA A 183 -27.42 51.45 11.00
CA ALA A 183 -27.27 52.31 9.86
C ALA A 183 -25.81 52.64 9.62
N ASN A 184 -25.05 52.77 10.70
CA ASN A 184 -23.62 53.12 10.67
C ASN A 184 -22.80 52.31 9.67
N ALA A 185 -22.81 50.99 9.84
CA ALA A 185 -22.02 50.10 8.99
C ALA A 185 -22.69 49.86 7.64
N PHE A 186 -23.95 49.44 7.67
CA PHE A 186 -24.72 49.29 6.45
C PHE A 186 -25.33 50.63 6.02
N ASN A 187 -24.46 51.50 5.53
CA ASN A 187 -24.83 52.84 5.12
C ASN A 187 -25.46 52.87 3.74
N ASN A 188 -25.83 54.07 3.33
CA ASN A 188 -26.40 54.31 2.02
C ASN A 188 -25.38 54.10 0.92
N SER A 189 -24.12 53.97 1.31
CA SER A 189 -23.02 53.75 0.37
C SER A 189 -22.81 52.26 0.06
N ILE A 190 -23.80 51.47 0.43
CA ILE A 190 -23.76 50.04 0.19
C ILE A 190 -25.16 49.56 -0.20
N ILE A 191 -26.12 49.80 0.68
CA ILE A 191 -27.48 49.36 0.49
C ILE A 191 -28.34 50.12 -0.50
N PRO A 192 -29.20 49.32 -1.21
CA PRO A 192 -30.04 50.04 -2.17
C PRO A 192 -31.28 50.57 -1.48
N GLU A 193 -32.36 50.62 -2.24
CA GLU A 193 -33.65 51.06 -1.75
C GLU A 193 -34.49 49.85 -1.70
N ASP A 194 -35.71 50.00 -1.25
CA ASP A 194 -36.52 48.83 -1.00
C ASP A 194 -35.89 48.19 0.25
N THR A 195 -34.78 48.73 0.76
CA THR A 195 -34.16 48.18 1.94
C THR A 195 -35.04 48.33 3.16
N PHE A 196 -35.78 47.30 3.44
CA PHE A 196 -36.60 47.23 4.63
C PHE A 196 -35.67 47.30 5.84
N PHE A 197 -35.75 48.40 6.56
CA PHE A 197 -34.80 48.69 7.62
C PHE A 197 -35.52 49.10 8.91
N PRO A 198 -36.24 48.15 9.52
CA PRO A 198 -37.10 48.32 10.71
C PRO A 198 -36.37 48.84 11.96
N SER A 199 -37.12 48.98 13.05
CA SER A 199 -36.62 49.48 14.34
C SER A 199 -35.26 48.90 14.74
N GLY B 2 -2.25 4.27 2.43
CA GLY B 2 -3.69 4.14 2.51
C GLY B 2 -4.36 4.50 1.19
N ALA B 3 -5.69 4.54 1.20
CA ALA B 3 -6.49 4.84 0.00
C ALA B 3 -6.31 6.28 -0.45
N GLY B 4 -6.06 7.18 0.50
CA GLY B 4 -5.92 8.60 0.19
C GLY B 4 -4.64 9.18 0.77
N VAL B 5 -4.31 10.41 0.40
CA VAL B 5 -3.12 11.06 0.93
C VAL B 5 -3.37 11.62 2.31
N SER B 6 -2.53 11.18 3.25
CA SER B 6 -2.70 11.51 4.65
C SER B 6 -1.53 12.35 5.18
N GLN B 7 -1.83 13.49 5.79
CA GLN B 7 -0.83 14.37 6.39
C GLN B 7 -1.12 14.58 7.89
N SER B 8 -0.07 14.73 8.69
CA SER B 8 -0.21 14.94 10.13
C SER B 8 0.91 15.84 10.58
N PRO B 9 0.66 16.73 11.55
CA PRO B 9 -0.61 17.08 12.19
C PRO B 9 -1.46 17.94 11.26
N ARG B 10 -2.77 18.02 11.45
CA ARG B 10 -3.63 18.82 10.61
C ARG B 10 -3.32 20.28 10.82
N TYR B 11 -3.08 20.64 12.07
CA TYR B 11 -2.72 22.01 12.48
C TYR B 11 -1.48 21.98 13.36
N LYS B 12 -0.68 23.02 13.29
CA LYS B 12 0.49 23.07 14.16
C LYS B 12 0.86 24.49 14.53
N VAL B 13 0.95 24.73 15.83
CA VAL B 13 1.57 25.93 16.36
C VAL B 13 2.99 25.61 16.80
N THR B 14 3.94 26.31 16.19
CA THR B 14 5.35 26.12 16.48
C THR B 14 5.92 27.45 16.92
N LYS B 15 6.71 27.42 17.99
CA LYS B 15 7.41 28.60 18.49
C LYS B 15 8.56 28.95 17.57
N ARG B 16 8.62 30.21 17.14
CA ARG B 16 9.66 30.67 16.23
C ARG B 16 11.03 30.29 16.78
N GLY B 17 11.93 29.85 15.92
CA GLY B 17 13.27 29.48 16.34
C GLY B 17 13.42 27.99 16.60
N GLN B 18 12.31 27.32 16.88
CA GLN B 18 12.33 25.88 17.04
C GLN B 18 12.10 25.13 15.72
N ASP B 19 12.48 23.86 15.70
CA ASP B 19 12.30 23.01 14.51
C ASP B 19 10.89 22.45 14.42
N VAL B 20 10.47 22.04 13.23
CA VAL B 20 9.21 21.32 13.13
C VAL B 20 9.29 20.25 12.04
N ALA B 21 8.61 19.13 12.26
CA ALA B 21 8.55 18.05 11.28
C ALA B 21 7.11 17.87 10.82
N LEU B 22 6.92 17.76 9.51
CA LEU B 22 5.60 17.53 8.91
C LEU B 22 5.62 16.21 8.17
N ARG B 23 4.58 15.40 8.35
CA ARG B 23 4.54 14.03 7.82
C ARG B 23 3.55 13.88 6.67
N CYS B 24 3.97 13.17 5.63
CA CYS B 24 3.08 12.77 4.56
C CYS B 24 3.11 11.27 4.31
N ASP B 25 1.92 10.68 4.36
CA ASP B 25 1.74 9.28 3.98
C ASP B 25 1.01 9.29 2.64
N PRO B 26 1.70 8.88 1.57
CA PRO B 26 1.09 8.90 0.24
C PRO B 26 0.13 7.72 0.05
N ILE B 27 -0.67 7.78 -1.01
CA ILE B 27 -1.45 6.61 -1.42
C ILE B 27 -0.50 5.41 -1.65
N SER B 28 -0.88 4.27 -1.08
CA SER B 28 -0.12 3.04 -1.18
C SER B 28 0.30 2.73 -2.60
N GLY B 29 1.60 2.50 -2.80
CA GLY B 29 2.09 2.15 -4.11
C GLY B 29 2.42 3.34 -4.97
N HIS B 30 2.09 4.57 -4.54
CA HIS B 30 2.42 5.73 -5.38
C HIS B 30 3.91 6.02 -5.42
N VAL B 31 4.48 6.00 -6.62
CA VAL B 31 5.91 6.21 -6.79
C VAL B 31 6.30 7.69 -6.57
N SER B 32 5.53 8.62 -7.05
CA SER B 32 5.86 10.01 -6.92
C SER B 32 5.23 10.73 -5.72
N LEU B 33 6.01 11.58 -5.09
CA LEU B 33 5.55 12.36 -3.97
C LEU B 33 6.02 13.78 -4.04
N TYR B 34 5.11 14.73 -3.97
CA TYR B 34 5.43 16.14 -4.00
C TYR B 34 5.10 16.86 -2.72
N TRP B 35 5.86 17.90 -2.43
CA TRP B 35 5.58 18.78 -1.34
C TRP B 35 5.36 20.19 -1.95
N TYR B 36 4.29 20.85 -1.53
CA TYR B 36 4.00 22.23 -1.86
C TYR B 36 3.72 22.97 -0.56
N ARG B 37 3.83 24.30 -0.60
CA ARG B 37 3.23 25.12 0.46
C ARG B 37 2.40 26.22 -0.19
N GLN B 38 1.41 26.73 0.53
CA GLN B 38 0.46 27.68 -0.02
C GLN B 38 0.15 28.80 0.96
N ALA B 39 0.27 30.04 0.48
CA ALA B 39 -0.07 31.22 1.27
C ALA B 39 -1.46 31.72 0.91
N LEU B 40 -2.04 32.53 1.80
CA LEU B 40 -3.35 33.13 1.55
C LEU B 40 -3.38 33.80 0.18
N GLY B 41 -4.43 33.55 -0.58
CA GLY B 41 -4.59 34.17 -1.88
C GLY B 41 -3.48 33.90 -2.89
N GLN B 42 -2.81 32.76 -2.74
CA GLN B 42 -1.84 32.33 -3.74
C GLN B 42 -2.03 30.85 -4.04
N GLY B 43 -1.49 30.41 -5.16
CA GLY B 43 -1.56 29.01 -5.52
C GLY B 43 -0.45 28.26 -4.83
N PRO B 44 -0.43 26.93 -4.99
CA PRO B 44 0.59 26.15 -4.32
C PRO B 44 1.98 26.48 -4.87
N GLU B 45 2.93 26.70 -3.97
CA GLU B 45 4.31 26.93 -4.35
C GLU B 45 5.06 25.62 -4.24
N PHE B 46 5.65 25.18 -5.35
CA PHE B 46 6.41 23.93 -5.37
C PHE B 46 7.59 23.98 -4.41
N LEU B 47 7.84 22.88 -3.69
CA LEU B 47 8.97 22.79 -2.76
C LEU B 47 9.99 21.72 -3.17
N THR B 48 9.54 20.47 -3.28
CA THR B 48 10.41 19.35 -3.64
C THR B 48 9.57 18.14 -4.05
N TYR B 49 10.20 17.23 -4.78
CA TYR B 49 9.59 16.06 -5.36
C TYR B 49 10.45 14.79 -5.41
N PHE B 50 9.86 13.66 -5.09
CA PHE B 50 10.52 12.39 -5.07
C PHE B 50 9.88 11.33 -5.98
N ASN B 51 10.70 10.40 -6.46
CA ASN B 51 10.33 9.22 -7.20
C ASN B 51 11.00 8.19 -6.33
N TYR B 52 10.24 7.25 -5.80
CA TYR B 52 10.75 6.34 -4.77
C TYR B 52 11.46 7.16 -3.68
N GLU B 53 12.64 6.70 -3.25
CA GLU B 53 13.42 7.41 -2.20
C GLU B 53 14.17 8.62 -2.72
N ALA B 54 14.25 8.75 -4.05
CA ALA B 54 15.13 9.74 -4.65
C ALA B 54 14.48 11.11 -4.75
N GLN B 55 15.16 12.12 -4.24
CA GLN B 55 14.68 13.48 -4.33
C GLN B 55 15.07 14.03 -5.69
N GLN B 56 14.15 13.95 -6.64
CA GLN B 56 14.42 14.25 -8.04
C GLN B 56 14.54 15.74 -8.32
N ASP B 57 13.92 16.55 -7.47
CA ASP B 57 13.91 18.00 -7.65
C ASP B 57 13.62 18.65 -6.32
N LYS B 58 14.58 19.43 -5.83
CA LYS B 58 14.38 20.19 -4.61
C LYS B 58 14.66 21.67 -4.84
N SER B 59 14.51 22.11 -6.10
CA SER B 59 14.78 23.50 -6.45
C SER B 59 13.84 24.45 -5.72
N GLY B 60 12.69 23.95 -5.28
CA GLY B 60 11.71 24.80 -4.63
C GLY B 60 11.96 25.11 -3.17
N LEU B 61 12.85 24.35 -2.52
CA LEU B 61 13.16 24.57 -1.11
C LEU B 61 13.71 25.99 -0.91
N PRO B 62 13.07 26.78 -0.05
CA PRO B 62 13.43 28.21 0.00
C PRO B 62 14.80 28.49 0.58
N ASN B 63 15.31 27.58 1.42
CA ASN B 63 16.63 27.79 2.01
C ASN B 63 17.13 26.56 2.75
N ASP B 64 18.31 26.69 3.36
CA ASP B 64 18.98 25.57 4.01
C ASP B 64 18.28 25.05 5.24
N ARG B 65 17.32 25.80 5.76
CA ARG B 65 16.58 25.34 6.93
C ARG B 65 15.57 24.25 6.56
N PHE B 66 15.19 24.23 5.28
CA PHE B 66 14.23 23.24 4.80
C PHE B 66 14.93 22.00 4.24
N SER B 67 14.50 20.82 4.68
CA SER B 67 14.96 19.58 4.04
C SER B 67 13.85 18.52 4.05
N ALA B 68 13.89 17.61 3.07
CA ALA B 68 12.91 16.54 3.05
C ALA B 68 13.55 15.18 2.84
N GLU B 69 12.90 14.15 3.36
CA GLU B 69 13.37 12.80 3.11
C GLU B 69 12.18 11.86 2.88
N ARG B 70 12.47 10.74 2.23
CA ARG B 70 11.47 9.70 1.99
C ARG B 70 12.20 8.36 1.98
N PRO B 71 12.78 7.99 3.13
CA PRO B 71 13.84 6.98 3.28
C PRO B 71 13.51 5.63 2.63
N GLU B 72 12.25 5.21 2.70
CA GLU B 72 11.86 3.92 2.13
C GLU B 72 10.88 4.06 0.97
N GLY B 73 10.85 5.24 0.35
CA GLY B 73 9.99 5.46 -0.80
C GLY B 73 8.52 5.46 -0.47
N SER B 74 8.17 5.55 0.81
CA SER B 74 6.76 5.71 1.16
C SER B 74 6.54 7.03 1.91
N ILE B 75 6.65 6.97 3.23
CA ILE B 75 6.46 8.13 4.09
C ILE B 75 7.52 9.18 3.81
N SER B 76 7.09 10.43 3.69
CA SER B 76 8.04 11.52 3.59
C SER B 76 7.88 12.45 4.79
N THR B 77 9.00 12.94 5.28
CA THR B 77 9.04 13.99 6.31
C THR B 77 9.74 15.24 5.79
N LEU B 78 9.05 16.36 5.90
CA LEU B 78 9.60 17.67 5.60
C LEU B 78 9.97 18.33 6.91
N THR B 79 11.25 18.64 7.08
CA THR B 79 11.70 19.25 8.33
C THR B 79 12.11 20.69 8.08
N ILE B 80 11.60 21.59 8.90
CA ILE B 80 12.03 22.98 8.87
C ILE B 80 12.78 23.28 10.16
N GLN B 81 14.05 23.61 10.03
CA GLN B 81 14.89 23.95 11.17
C GLN B 81 14.78 25.44 11.48
N ARG B 82 14.93 25.80 12.76
CA ARG B 82 14.99 27.20 13.18
C ARG B 82 13.89 28.03 12.52
N THR B 83 12.64 27.72 12.83
CA THR B 83 11.51 28.29 12.09
C THR B 83 11.42 29.80 12.18
N GLU B 84 11.00 30.43 11.09
CA GLU B 84 10.73 31.86 11.07
C GLU B 84 9.24 32.07 10.84
N GLN B 85 8.72 33.23 11.25
CA GLN B 85 7.30 33.49 11.09
C GLN B 85 6.91 33.30 9.63
N ARG B 86 7.81 33.74 8.77
CA ARG B 86 7.65 33.68 7.34
C ARG B 86 7.37 32.28 6.81
N ASP B 87 7.70 31.28 7.60
CA ASP B 87 7.51 29.87 7.26
C ASP B 87 6.03 29.43 7.37
N SER B 88 5.26 30.17 8.15
CA SER B 88 3.83 29.88 8.31
C SER B 88 3.13 29.73 6.96
N ALA B 89 2.36 28.66 6.79
CA ALA B 89 1.69 28.40 5.52
C ALA B 89 0.94 27.08 5.59
N MET B 90 0.12 26.82 4.57
CA MET B 90 -0.46 25.49 4.44
C MET B 90 0.55 24.60 3.67
N TYR B 91 1.02 23.54 4.31
CA TYR B 91 1.95 22.62 3.68
C TYR B 91 1.19 21.45 3.11
N ARG B 92 1.31 21.28 1.81
CA ARG B 92 0.49 20.32 1.09
C ARG B 92 1.34 19.24 0.42
N CYS B 93 1.02 18.01 0.76
CA CYS B 93 1.63 16.86 0.15
C CYS B 93 0.79 16.40 -1.04
N ALA B 94 1.41 15.80 -2.06
CA ALA B 94 0.67 15.13 -3.12
C ALA B 94 1.41 13.90 -3.63
N SER B 95 0.67 12.88 -4.07
CA SER B 95 1.31 11.72 -4.66
C SER B 95 0.65 11.38 -5.99
N SER B 96 1.40 10.73 -6.87
CA SER B 96 0.81 10.17 -8.07
C SER B 96 1.43 8.81 -8.32
N LEU B 97 0.72 7.99 -9.07
CA LEU B 97 1.04 6.58 -9.26
C LEU B 97 2.46 6.40 -9.79
N ALA B 98 2.81 7.18 -10.81
CA ALA B 98 4.11 7.03 -11.49
C ALA B 98 4.49 8.29 -12.25
N PRO B 99 5.79 8.52 -12.40
CA PRO B 99 6.26 9.61 -13.25
C PRO B 99 5.99 9.32 -14.73
N GLY B 100 6.00 10.34 -15.58
CA GLY B 100 6.07 10.10 -17.01
C GLY B 100 4.91 10.59 -17.85
N THR B 101 5.02 10.34 -19.15
CA THR B 101 4.12 10.91 -20.14
C THR B 101 2.67 10.43 -19.94
N THR B 102 2.48 9.34 -19.20
CA THR B 102 1.13 8.87 -18.94
C THR B 102 0.37 9.80 -17.99
N ASN B 103 1.04 10.81 -17.43
CA ASN B 103 0.39 11.86 -16.67
C ASN B 103 -0.58 11.32 -15.60
N GLU B 104 -0.05 10.51 -14.70
CA GLU B 104 -0.86 9.99 -13.59
C GLU B 104 -1.24 11.21 -12.76
N LYS B 105 -2.52 11.37 -12.47
CA LYS B 105 -2.95 12.63 -11.83
C LYS B 105 -2.38 12.77 -10.40
N LEU B 106 -2.20 14.01 -9.96
CA LEU B 106 -1.77 14.27 -8.60
C LEU B 106 -2.95 14.15 -7.65
N PHE B 107 -2.74 13.43 -6.54
CA PHE B 107 -3.69 13.39 -5.43
C PHE B 107 -3.15 14.21 -4.26
N PHE B 108 -3.93 15.18 -3.80
CA PHE B 108 -3.52 16.07 -2.73
C PHE B 108 -4.15 15.70 -1.39
N GLY B 109 -3.40 15.90 -0.30
CA GLY B 109 -3.88 15.59 1.04
C GLY B 109 -4.65 16.73 1.68
N SER B 110 -4.96 16.59 2.97
CA SER B 110 -5.74 17.61 3.67
C SER B 110 -4.85 18.79 4.00
N GLY B 111 -3.56 18.52 4.13
CA GLY B 111 -2.60 19.57 4.41
C GLY B 111 -2.25 19.72 5.88
N THR B 112 -1.21 20.49 6.14
CA THR B 112 -0.83 20.88 7.49
C THR B 112 -0.78 22.40 7.54
N GLN B 113 -1.63 23.00 8.37
CA GLN B 113 -1.54 24.43 8.61
C GLN B 113 -0.46 24.67 9.64
N LEU B 114 0.67 25.19 9.20
CA LEU B 114 1.77 25.51 10.09
C LEU B 114 1.73 26.98 10.43
N SER B 115 1.60 27.30 11.72
CA SER B 115 1.63 28.69 12.18
C SER B 115 2.82 28.90 13.14
N VAL B 116 3.82 29.64 12.67
CA VAL B 116 5.01 29.93 13.49
C VAL B 116 4.82 31.26 14.19
N LEU B 117 4.86 31.21 15.52
CA LEU B 117 4.53 32.34 16.40
C LEU B 117 5.74 32.74 17.24
N GLU B 118 6.02 34.03 17.30
CA GLU B 118 7.17 34.49 18.10
C GLU B 118 6.92 34.19 19.58
N ASP B 119 5.66 34.23 19.96
CA ASP B 119 5.30 34.14 21.37
C ASP B 119 4.02 33.36 21.53
N LEU B 120 4.10 32.20 22.18
CA LEU B 120 2.91 31.35 22.30
C LEU B 120 1.83 31.94 23.20
N ASN B 121 2.18 32.98 23.96
CA ASN B 121 1.22 33.64 24.82
C ASN B 121 0.21 34.43 24.01
N LYS B 122 0.48 34.55 22.72
CA LYS B 122 -0.42 35.23 21.79
C LYS B 122 -1.52 34.29 21.31
N VAL B 123 -1.47 33.03 21.76
CA VAL B 123 -2.47 32.04 21.38
C VAL B 123 -3.74 32.12 22.23
N PHE B 124 -4.87 32.31 21.59
CA PHE B 124 -6.12 32.40 22.29
C PHE B 124 -7.21 31.53 21.73
N PRO B 125 -7.98 30.88 22.68
CA PRO B 125 -9.06 30.08 22.13
C PRO B 125 -10.23 30.99 21.75
N PRO B 126 -11.20 30.44 20.96
CA PRO B 126 -12.30 31.34 20.65
C PRO B 126 -13.41 31.40 21.69
N GLU B 127 -14.13 32.50 21.68
CA GLU B 127 -15.30 32.67 22.50
C GLU B 127 -16.44 32.61 21.46
N VAL B 128 -17.54 31.96 21.79
CA VAL B 128 -18.63 31.80 20.85
C VAL B 128 -19.92 32.34 21.42
N ALA B 129 -20.75 32.90 20.56
CA ALA B 129 -22.02 33.45 20.99
C ALA B 129 -23.03 33.28 19.87
N VAL B 130 -24.26 32.91 20.23
CA VAL B 130 -25.32 32.77 19.26
C VAL B 130 -26.37 33.89 19.41
N PHE B 131 -26.62 34.60 18.31
CA PHE B 131 -27.62 35.65 18.27
C PHE B 131 -28.90 35.13 17.59
N GLU B 132 -30.04 35.33 18.25
CA GLU B 132 -31.31 34.79 17.79
C GLU B 132 -31.93 35.68 16.70
N PRO B 133 -32.73 35.09 15.81
CA PRO B 133 -33.26 35.89 14.70
C PRO B 133 -34.23 36.95 15.19
N SER B 134 -34.29 38.08 14.50
CA SER B 134 -35.21 39.16 14.89
C SER B 134 -36.62 38.79 14.47
N GLU B 135 -37.58 39.23 15.28
CA GLU B 135 -38.98 38.99 14.97
C GLU B 135 -39.34 39.72 13.68
N ALA B 136 -38.66 40.83 13.44
CA ALA B 136 -38.86 41.61 12.22
C ALA B 136 -38.61 40.76 10.97
N GLU B 137 -37.48 40.05 10.93
CA GLU B 137 -37.22 39.10 9.83
C GLU B 137 -38.34 38.07 9.78
N ILE B 138 -38.60 37.46 10.92
CA ILE B 138 -39.59 36.39 11.04
C ILE B 138 -40.97 36.78 10.49
N SER B 139 -41.48 37.95 10.85
CA SER B 139 -42.81 38.36 10.39
C SER B 139 -42.77 38.74 8.90
N HIS B 140 -41.70 39.44 8.51
CA HIS B 140 -41.54 39.93 7.13
C HIS B 140 -41.27 38.82 6.09
N THR B 141 -40.51 37.80 6.45
CA THR B 141 -40.09 36.80 5.47
C THR B 141 -40.51 35.36 5.77
N GLN B 142 -41.09 35.11 6.94
CA GLN B 142 -41.41 33.74 7.40
C GLN B 142 -40.16 32.84 7.48
N LYS B 143 -39.01 33.48 7.63
CA LYS B 143 -37.75 32.76 7.83
C LYS B 143 -37.01 33.31 9.07
N ALA B 144 -36.15 32.49 9.66
CA ALA B 144 -35.38 32.88 10.84
C ALA B 144 -33.87 32.60 10.68
N THR B 145 -33.08 33.66 10.74
CA THR B 145 -31.64 33.56 10.57
C THR B 145 -30.91 33.70 11.89
N LEU B 146 -30.37 32.61 12.42
CA LEU B 146 -29.48 32.68 13.57
C LEU B 146 -28.10 33.10 13.14
N VAL B 147 -27.37 33.75 14.03
CA VAL B 147 -26.03 34.18 13.68
C VAL B 147 -25.06 33.81 14.80
N CYS B 148 -23.98 33.13 14.41
CA CYS B 148 -22.93 32.72 15.34
C CYS B 148 -21.69 33.58 15.12
N LEU B 149 -21.06 33.95 16.23
CA LEU B 149 -19.86 34.76 16.21
C LEU B 149 -18.82 34.07 17.08
N ALA B 150 -17.72 33.67 16.46
CA ALA B 150 -16.55 33.23 17.20
C ALA B 150 -15.58 34.38 17.17
N THR B 151 -15.14 34.78 18.36
CA THR B 151 -14.32 35.98 18.51
C THR B 151 -13.06 35.73 19.35
N GLY B 152 -12.07 36.61 19.22
CA GLY B 152 -10.90 36.59 20.07
C GLY B 152 -9.92 35.44 19.89
N PHE B 153 -9.92 34.76 18.74
CA PHE B 153 -9.02 33.61 18.63
C PHE B 153 -7.77 33.87 17.80
N TYR B 154 -6.75 33.07 18.08
CA TYR B 154 -5.48 33.15 17.39
C TYR B 154 -4.65 31.90 17.74
N PRO B 155 -3.97 31.32 16.75
CA PRO B 155 -4.02 31.71 15.33
C PRO B 155 -5.32 31.29 14.69
N ASP B 156 -5.45 31.51 13.38
CA ASP B 156 -6.67 31.15 12.69
C ASP B 156 -6.71 29.64 12.52
N HIS B 157 -6.96 28.92 13.61
CA HIS B 157 -7.12 27.48 13.58
C HIS B 157 -8.50 27.06 14.06
N VAL B 158 -9.55 27.38 13.32
CA VAL B 158 -10.89 27.03 13.79
C VAL B 158 -11.74 26.39 12.72
N GLU B 159 -12.68 25.55 13.15
CA GLU B 159 -13.64 24.93 12.26
C GLU B 159 -15.01 25.08 12.90
N LEU B 160 -15.90 25.77 12.21
CA LEU B 160 -17.19 26.13 12.76
C LEU B 160 -18.33 25.28 12.21
N SER B 161 -19.10 24.62 13.06
CA SER B 161 -20.22 23.81 12.60
C SER B 161 -21.53 24.12 13.36
N TRP B 162 -22.66 23.93 12.68
CA TRP B 162 -23.99 24.05 13.31
C TRP B 162 -24.58 22.68 13.63
N TRP B 163 -25.13 22.58 14.83
CA TRP B 163 -25.72 21.34 15.32
C TRP B 163 -27.13 21.60 15.79
N VAL B 164 -28.06 20.87 15.22
CA VAL B 164 -29.47 21.09 15.50
C VAL B 164 -30.04 19.79 16.00
N ASN B 165 -30.64 19.87 17.20
CA ASN B 165 -31.03 18.69 17.95
C ASN B 165 -29.94 17.62 17.91
N GLY B 166 -28.69 18.05 18.03
CA GLY B 166 -27.57 17.13 18.12
C GLY B 166 -27.09 16.52 16.81
N LYS B 167 -27.56 17.04 15.69
CA LYS B 167 -27.18 16.52 14.37
C LYS B 167 -26.58 17.66 13.56
N GLU B 168 -25.44 17.46 12.91
CA GLU B 168 -24.85 18.58 12.18
C GLU B 168 -25.71 18.89 10.95
N VAL B 169 -25.79 20.16 10.58
CA VAL B 169 -26.53 20.53 9.39
C VAL B 169 -25.71 21.42 8.49
N HIS B 170 -25.93 21.26 7.18
CA HIS B 170 -25.26 22.12 6.20
C HIS B 170 -26.26 22.93 5.41
N SER B 171 -27.47 22.40 5.21
CA SER B 171 -28.50 23.16 4.50
C SER B 171 -28.82 24.42 5.29
N GLY B 172 -28.99 25.54 4.59
CA GLY B 172 -29.31 26.79 5.23
C GLY B 172 -28.14 27.53 5.87
N VAL B 173 -26.96 26.94 5.79
CA VAL B 173 -25.79 27.50 6.47
C VAL B 173 -24.86 28.25 5.55
N CYS B 174 -24.26 29.31 6.07
CA CYS B 174 -23.18 29.95 5.36
C CYS B 174 -22.19 30.57 6.32
N THR B 175 -20.94 30.13 6.22
CA THR B 175 -19.87 30.61 7.09
C THR B 175 -18.86 31.44 6.32
N ASP B 176 -18.40 32.54 6.92
CA ASP B 176 -17.42 33.39 6.26
C ASP B 176 -16.24 32.54 5.85
N PRO B 177 -15.69 32.80 4.66
CA PRO B 177 -14.58 32.05 4.07
C PRO B 177 -13.27 32.25 4.82
N GLN B 178 -13.05 33.45 5.35
CA GLN B 178 -11.90 33.69 6.21
C GLN B 178 -12.30 34.73 7.27
N PRO B 179 -11.57 34.77 8.39
CA PRO B 179 -11.96 35.64 9.52
C PRO B 179 -11.57 37.10 9.32
N LEU B 180 -12.09 37.99 10.17
CA LEU B 180 -11.61 39.38 10.24
C LEU B 180 -10.63 39.54 11.40
N LYS B 181 -9.66 40.43 11.24
CA LYS B 181 -8.83 40.82 12.35
C LYS B 181 -9.64 41.79 13.23
N GLU B 182 -9.61 41.56 14.54
CA GLU B 182 -10.29 42.45 15.47
C GLU B 182 -9.49 43.75 15.59
N GLN B 183 -8.21 43.66 15.26
CA GLN B 183 -7.28 44.81 15.29
C GLN B 183 -6.45 44.86 14.01
N PRO B 184 -7.02 45.44 12.94
CA PRO B 184 -6.40 45.38 11.60
C PRO B 184 -4.92 45.78 11.55
N ALA B 185 -4.45 46.55 12.52
CA ALA B 185 -3.09 47.11 12.48
C ALA B 185 -2.04 46.14 13.00
N LEU B 186 -2.50 45.05 13.62
CA LEU B 186 -1.59 44.03 14.12
C LEU B 186 -1.57 42.82 13.18
N ASN B 187 -0.38 42.44 12.70
CA ASN B 187 -0.25 41.18 11.96
C ASN B 187 -0.38 40.06 12.98
N ASP B 188 -0.43 40.50 14.22
CA ASP B 188 -0.55 39.71 15.43
C ASP B 188 -2.02 39.44 15.80
N SER B 189 -2.93 40.11 15.10
CA SER B 189 -4.30 40.30 15.61
C SER B 189 -5.12 39.04 15.81
N ARG B 190 -5.89 39.05 16.90
CA ARG B 190 -6.87 38.01 17.17
C ARG B 190 -7.99 38.11 16.13
N TYR B 191 -8.72 37.02 15.93
CA TYR B 191 -9.69 36.99 14.83
C TYR B 191 -11.16 36.87 15.25
N ALA B 192 -12.05 37.18 14.29
CA ALA B 192 -13.48 36.98 14.48
C ALA B 192 -14.08 36.35 13.23
N LEU B 193 -15.01 35.42 13.44
CA LEU B 193 -15.62 34.72 12.33
C LEU B 193 -17.13 34.62 12.58
N SER B 194 -17.92 34.87 11.53
CA SER B 194 -19.38 34.82 11.62
C SER B 194 -19.95 33.71 10.74
N SER B 195 -21.04 33.13 11.20
CA SER B 195 -21.75 32.10 10.47
C SER B 195 -23.25 32.32 10.60
N ARG B 196 -24.00 31.98 9.59
CA ARG B 196 -25.42 32.07 9.69
C ARG B 196 -26.07 30.73 9.40
N LEU B 197 -27.14 30.45 10.12
CA LEU B 197 -27.99 29.31 9.87
C LEU B 197 -29.40 29.85 9.71
N ARG B 198 -29.96 29.68 8.52
CA ARG B 198 -31.32 30.14 8.28
C ARG B 198 -32.27 28.95 8.22
N VAL B 199 -33.34 29.03 9.01
CA VAL B 199 -34.37 28.00 9.04
C VAL B 199 -35.73 28.67 8.80
N SER B 200 -36.78 27.86 8.60
CA SER B 200 -38.15 28.39 8.52
C SER B 200 -38.60 29.01 9.84
N ALA B 201 -39.37 30.09 9.76
CA ALA B 201 -39.99 30.71 10.93
C ALA B 201 -40.66 29.67 11.82
N THR B 202 -41.34 28.73 11.17
CA THR B 202 -41.96 27.60 11.86
C THR B 202 -41.00 26.83 12.72
N PHE B 203 -39.85 26.48 12.13
CA PHE B 203 -38.86 25.65 12.80
C PHE B 203 -38.31 26.34 14.05
N TRP B 204 -37.93 27.62 13.90
CA TRP B 204 -37.39 28.41 15.00
C TRP B 204 -38.41 28.63 16.10
N GLN B 205 -39.69 28.59 15.73
CA GLN B 205 -40.76 28.89 16.66
C GLN B 205 -41.12 27.73 17.56
N ASN B 206 -40.61 26.54 17.24
CA ASN B 206 -40.78 25.39 18.10
C ASN B 206 -39.71 25.36 19.21
N PRO B 207 -40.15 25.33 20.49
CA PRO B 207 -39.28 25.37 21.67
C PRO B 207 -38.48 24.10 21.90
N ARG B 208 -38.87 23.01 21.25
CA ARG B 208 -38.17 21.74 21.44
C ARG B 208 -37.00 21.61 20.49
N ASN B 209 -36.76 22.64 19.69
CA ASN B 209 -35.63 22.63 18.78
C ASN B 209 -34.41 23.29 19.41
N HIS B 210 -33.33 22.52 19.51
CA HIS B 210 -32.05 23.00 20.05
C HIS B 210 -31.05 23.34 18.94
N PHE B 211 -30.50 24.54 19.01
CA PHE B 211 -29.49 24.98 18.07
C PHE B 211 -28.14 25.19 18.80
N ARG B 212 -27.07 24.61 18.26
CA ARG B 212 -25.75 24.85 18.82
C ARG B 212 -24.75 25.25 17.77
N CYS B 213 -24.04 26.34 18.01
CA CYS B 213 -22.91 26.71 17.18
C CYS B 213 -21.65 26.11 17.79
N GLN B 214 -20.94 25.29 17.01
CA GLN B 214 -19.76 24.60 17.51
C GLN B 214 -18.53 25.16 16.82
N VAL B 215 -17.54 25.56 17.63
CA VAL B 215 -16.26 25.96 17.06
C VAL B 215 -15.13 25.10 17.61
N GLN B 216 -14.55 24.28 16.75
CA GLN B 216 -13.36 23.49 17.10
C GLN B 216 -12.09 24.34 16.89
N PHE B 217 -11.25 24.38 17.92
CA PHE B 217 -10.01 25.18 17.89
C PHE B 217 -8.83 24.24 18.02
N TYR B 218 -7.76 24.51 17.27
CA TYR B 218 -6.52 23.74 17.39
C TYR B 218 -5.42 24.65 17.91
N GLY B 219 -4.94 24.38 19.12
CA GLY B 219 -4.01 25.26 19.78
C GLY B 219 -2.71 24.59 20.18
N LEU B 220 -2.26 24.87 21.39
CA LEU B 220 -1.06 24.27 21.93
C LEU B 220 -1.25 22.78 22.14
N SER B 221 -0.16 22.04 21.91
CA SER B 221 -0.13 20.59 22.08
C SER B 221 0.23 20.22 23.50
N GLU B 222 0.06 18.94 23.79
CA GLU B 222 0.32 18.38 25.12
C GLU B 222 1.68 18.81 25.66
N ASN B 223 2.72 18.75 24.84
CA ASN B 223 4.08 19.02 25.32
C ASN B 223 4.55 20.47 25.20
N ASP B 224 3.70 21.35 24.68
CA ASP B 224 4.02 22.76 24.73
C ASP B 224 4.01 23.23 26.18
N GLU B 225 5.04 23.98 26.55
CA GLU B 225 5.12 24.57 27.88
C GLU B 225 4.16 25.75 28.03
N TRP B 226 3.51 25.84 29.18
CA TRP B 226 2.60 26.93 29.46
C TRP B 226 2.76 27.41 30.90
N THR B 227 2.87 28.73 31.08
CA THR B 227 3.09 29.30 32.41
C THR B 227 2.41 30.65 32.55
N GLN B 228 1.22 30.74 31.99
CA GLN B 228 0.34 31.87 32.25
C GLN B 228 -0.63 31.44 33.33
N ASP B 229 -1.39 32.39 33.86
CA ASP B 229 -2.39 32.05 34.87
C ASP B 229 -3.68 31.62 34.21
N ARG B 230 -3.95 32.09 32.99
CA ARG B 230 -5.12 31.64 32.26
C ARG B 230 -4.93 30.20 31.74
N ALA B 231 -6.02 29.46 31.63
CA ALA B 231 -5.97 28.08 31.15
C ALA B 231 -5.14 27.95 29.88
N LYS B 232 -4.30 26.91 29.82
CA LYS B 232 -3.50 26.63 28.63
C LYS B 232 -4.43 26.56 27.41
N PRO B 233 -4.11 27.32 26.33
CA PRO B 233 -4.97 27.31 25.15
C PRO B 233 -4.75 26.05 24.29
N VAL B 234 -5.31 24.93 24.75
CA VAL B 234 -5.18 23.67 24.04
C VAL B 234 -6.30 23.53 23.04
N THR B 235 -6.07 22.62 22.11
CA THR B 235 -7.12 22.16 21.20
C THR B 235 -8.37 21.85 22.01
N GLN B 236 -9.52 22.34 21.54
CA GLN B 236 -10.75 22.24 22.33
C GLN B 236 -11.95 22.69 21.53
N ILE B 237 -13.14 22.34 22.02
CA ILE B 237 -14.38 22.79 21.41
C ILE B 237 -15.04 23.83 22.30
N VAL B 238 -15.38 24.98 21.73
CA VAL B 238 -16.19 26.00 22.40
C VAL B 238 -17.53 26.10 21.67
N SER B 239 -18.65 26.01 22.41
CA SER B 239 -19.99 26.06 21.83
C SER B 239 -20.85 27.12 22.51
N ALA B 240 -21.86 27.60 21.77
CA ALA B 240 -22.94 28.43 22.33
C ALA B 240 -24.25 27.89 21.77
N GLU B 241 -25.34 28.20 22.43
CA GLU B 241 -26.60 27.56 22.09
C GLU B 241 -27.77 28.50 22.17
N ALA B 242 -28.89 28.03 21.64
CA ALA B 242 -30.18 28.71 21.69
C ALA B 242 -31.28 27.68 21.46
N TRP B 243 -32.40 27.86 22.16
CA TRP B 243 -33.60 27.05 21.94
C TRP B 243 -34.62 27.88 21.19
N GLY B 244 -35.49 27.21 20.45
CA GLY B 244 -36.49 27.89 19.65
C GLY B 244 -37.57 28.56 20.50
N ARG B 245 -37.98 29.75 20.08
CA ARG B 245 -38.95 30.55 20.82
C ARG B 245 -40.16 30.92 19.96
N ALA B 246 -41.36 30.56 20.41
CA ALA B 246 -42.58 30.83 19.65
C ALA B 246 -42.95 32.31 19.64
N ASP B 247 -42.62 32.99 20.71
CA ASP B 247 -42.86 34.39 20.81
C ASP B 247 -41.72 35.02 21.61
N SER C 3 23.52 12.17 -44.98
CA SER C 3 22.38 11.70 -44.16
C SER C 3 22.75 11.57 -42.69
N HIS C 4 21.82 11.86 -41.77
CA HIS C 4 22.20 11.97 -40.37
C HIS C 4 21.16 11.51 -39.36
N SER C 5 21.62 11.13 -38.18
CA SER C 5 20.73 10.64 -37.14
C SER C 5 21.17 11.04 -35.75
N MET C 6 20.20 11.16 -34.84
CA MET C 6 20.50 11.24 -33.41
C MET C 6 19.79 10.12 -32.70
N ARG C 7 20.50 9.38 -31.86
CA ARG C 7 19.89 8.24 -31.19
C ARG C 7 20.24 8.17 -29.74
N TYR C 8 19.25 7.89 -28.91
CA TYR C 8 19.50 7.62 -27.51
C TYR C 8 19.17 6.16 -27.18
N PHE C 9 20.06 5.51 -26.43
CA PHE C 9 19.89 4.14 -25.99
C PHE C 9 19.88 4.09 -24.48
N PHE C 10 18.85 3.45 -23.93
CA PHE C 10 18.68 3.37 -22.48
C PHE C 10 18.51 1.92 -22.06
N THR C 11 19.29 1.49 -21.08
CA THR C 11 19.23 0.13 -20.53
C THR C 11 19.07 0.16 -19.01
N SER C 12 18.06 -0.54 -18.48
CA SER C 12 17.98 -0.76 -17.04
C SER C 12 17.88 -2.26 -16.76
N VAL C 13 18.59 -2.69 -15.74
CA VAL C 13 18.68 -4.11 -15.39
C VAL C 13 18.39 -4.28 -13.91
N SER C 14 17.35 -5.01 -13.56
CA SER C 14 17.07 -5.21 -12.13
C SER C 14 18.08 -6.17 -11.54
N ARG C 15 18.37 -6.03 -10.27
CA ARG C 15 19.31 -6.87 -9.56
C ARG C 15 18.67 -7.17 -8.20
N PRO C 16 17.74 -8.18 -8.28
CA PRO C 16 16.96 -8.49 -7.08
C PRO C 16 17.49 -8.26 -5.71
N GLY C 17 18.51 -8.97 -5.33
CA GLY C 17 18.98 -8.78 -3.98
C GLY C 17 19.93 -7.66 -3.72
N ARG C 18 20.31 -6.99 -4.78
CA ARG C 18 21.33 -6.00 -4.69
C ARG C 18 21.05 -4.54 -4.99
N GLY C 19 19.97 -3.98 -4.45
CA GLY C 19 19.68 -2.57 -4.65
C GLY C 19 18.81 -2.27 -5.87
N GLU C 20 18.77 -0.99 -6.25
CA GLU C 20 17.92 -0.54 -7.35
C GLU C 20 18.54 -0.89 -8.68
N PRO C 21 17.74 -0.85 -9.77
CA PRO C 21 18.24 -1.28 -11.08
C PRO C 21 19.47 -0.47 -11.55
N ARG C 22 20.36 -1.14 -12.27
CA ARG C 22 21.45 -0.46 -12.96
C ARG C 22 20.83 0.19 -14.18
N PHE C 23 21.14 1.47 -14.41
CA PHE C 23 20.60 2.23 -15.53
C PHE C 23 21.76 2.87 -16.28
N ILE C 24 21.84 2.61 -17.58
CA ILE C 24 22.87 3.23 -18.40
C ILE C 24 22.26 3.92 -19.59
N ALA C 25 22.60 5.18 -19.80
CA ALA C 25 22.10 5.92 -20.94
C ALA C 25 23.25 6.39 -21.82
N VAL C 26 23.13 6.20 -23.13
CA VAL C 26 24.10 6.80 -24.06
C VAL C 26 23.38 7.49 -25.22
N GLY C 27 23.99 8.54 -25.72
CA GLY C 27 23.50 9.31 -26.83
C GLY C 27 24.49 9.43 -27.96
N TYR C 28 24.01 9.31 -29.18
CA TYR C 28 24.82 9.41 -30.37
C TYR C 28 24.28 10.35 -31.44
N VAL C 29 25.17 10.84 -32.27
CA VAL C 29 24.88 11.59 -33.46
C VAL C 29 25.62 10.75 -34.50
N ASP C 30 24.90 10.18 -35.43
CA ASP C 30 25.47 9.24 -36.39
C ASP C 30 26.22 8.13 -35.63
N ASP C 31 27.52 7.96 -35.88
CA ASP C 31 28.25 6.87 -35.23
C ASP C 31 29.17 7.41 -34.15
N THR C 32 28.87 8.63 -33.69
CA THR C 32 29.64 9.31 -32.67
C THR C 32 28.85 9.46 -31.35
N GLN C 33 29.39 8.91 -30.27
CA GLN C 33 28.77 9.05 -28.95
C GLN C 33 29.05 10.46 -28.42
N PHE C 34 28.07 11.11 -27.82
CA PHE C 34 28.37 12.44 -27.29
C PHE C 34 28.02 12.60 -25.82
N VAL C 35 27.15 11.72 -25.31
CA VAL C 35 26.84 11.78 -23.89
C VAL C 35 26.66 10.41 -23.27
N ARG C 36 26.68 10.39 -21.95
CA ARG C 36 26.43 9.19 -21.20
C ARG C 36 25.96 9.45 -19.77
N PHE C 37 25.28 8.49 -19.18
CA PHE C 37 24.90 8.51 -17.78
C PHE C 37 24.90 7.08 -17.24
N ASP C 38 25.45 6.91 -16.04
CA ASP C 38 25.53 5.59 -15.39
C ASP C 38 25.06 5.72 -13.95
N SER C 39 23.98 5.02 -13.60
CA SER C 39 23.36 5.20 -12.29
C SER C 39 24.31 4.84 -11.16
N ASP C 40 25.28 3.98 -11.43
CA ASP C 40 26.21 3.56 -10.41
C ASP C 40 27.43 4.49 -10.31
N ALA C 41 27.65 5.32 -11.34
CA ALA C 41 28.85 6.16 -11.36
C ALA C 41 28.75 7.25 -10.30
N ALA C 42 29.87 7.91 -10.01
CA ALA C 42 29.91 8.87 -8.92
C ALA C 42 29.29 10.22 -9.24
N SER C 43 29.41 10.68 -10.49
CA SER C 43 28.96 12.03 -10.80
C SER C 43 27.45 12.22 -10.65
N GLN C 44 26.66 11.19 -10.95
CA GLN C 44 25.21 11.35 -11.02
C GLN C 44 24.86 12.52 -11.95
N ARG C 45 25.66 12.69 -12.99
CA ARG C 45 25.42 13.74 -13.98
C ARG C 45 25.46 13.13 -15.37
N MET C 46 24.66 13.65 -16.28
CA MET C 46 24.91 13.42 -17.67
C MET C 46 26.33 13.93 -17.96
N GLU C 47 27.09 13.20 -18.77
CA GLU C 47 28.49 13.55 -19.02
C GLU C 47 28.81 13.58 -20.51
N PRO C 48 29.73 14.47 -20.91
CA PRO C 48 30.20 14.61 -22.30
C PRO C 48 31.08 13.45 -22.76
N ARG C 49 30.97 13.06 -24.02
CA ARG C 49 31.88 12.08 -24.60
C ARG C 49 32.27 12.46 -26.03
N ALA C 50 31.99 13.72 -26.39
CA ALA C 50 32.47 14.29 -27.63
C ALA C 50 32.88 15.74 -27.35
N PRO C 51 33.94 16.22 -28.01
CA PRO C 51 34.46 17.58 -27.81
C PRO C 51 33.40 18.66 -28.00
N TRP C 52 32.65 18.56 -29.09
CA TRP C 52 31.73 19.60 -29.48
C TRP C 52 30.54 19.80 -28.55
N ILE C 53 30.28 18.84 -27.67
CA ILE C 53 29.13 18.98 -26.75
C ILE C 53 29.55 19.69 -25.47
N GLU C 54 30.86 19.69 -25.17
CA GLU C 54 31.34 20.32 -23.95
C GLU C 54 31.12 21.81 -23.89
N GLN C 55 30.91 22.44 -25.05
CA GLN C 55 30.70 23.87 -25.11
C GLN C 55 29.34 24.24 -24.52
N GLU C 56 28.43 23.26 -24.49
CA GLU C 56 27.08 23.51 -24.02
C GLU C 56 27.13 24.00 -22.60
N GLY C 57 26.29 24.99 -22.28
CA GLY C 57 26.31 25.62 -20.99
C GLY C 57 25.74 24.74 -19.88
N PRO C 58 25.91 25.19 -18.63
CA PRO C 58 25.48 24.50 -17.40
C PRO C 58 23.97 24.30 -17.33
N GLU C 59 23.20 25.14 -18.01
CA GLU C 59 21.77 24.93 -18.07
C GLU C 59 21.48 23.68 -18.90
N TYR C 60 22.24 23.47 -19.96
CA TYR C 60 22.06 22.26 -20.76
C TYR C 60 22.33 21.03 -19.91
N TRP C 61 23.49 21.02 -19.25
CA TRP C 61 23.91 19.88 -18.46
C TRP C 61 22.97 19.58 -17.31
N ASP C 62 22.50 20.62 -16.63
CA ASP C 62 21.50 20.47 -15.56
C ASP C 62 20.20 19.88 -16.12
N GLY C 63 19.74 20.42 -17.24
CA GLY C 63 18.53 19.92 -17.87
C GLY C 63 18.63 18.47 -18.27
N GLU C 64 19.71 18.09 -18.97
CA GLU C 64 19.83 16.72 -19.46
C GLU C 64 20.02 15.74 -18.29
N THR C 65 20.63 16.21 -17.20
CA THR C 65 20.82 15.34 -16.06
C THR C 65 19.48 15.13 -15.32
N ARG C 66 18.62 16.16 -15.26
CA ARG C 66 17.29 15.96 -14.67
C ARG C 66 16.49 14.93 -15.45
N LYS C 67 16.43 15.11 -16.78
CA LYS C 67 15.64 14.24 -17.65
C LYS C 67 16.13 12.79 -17.65
N VAL C 68 17.45 12.59 -17.68
CA VAL C 68 17.98 11.24 -17.79
C VAL C 68 17.72 10.45 -16.49
N LYS C 69 17.74 11.17 -15.37
CA LYS C 69 17.42 10.61 -14.08
C LYS C 69 15.94 10.24 -13.98
N ALA C 70 15.07 11.11 -14.51
CA ALA C 70 13.65 10.83 -14.57
C ALA C 70 13.40 9.63 -15.50
N HIS C 71 14.13 9.55 -16.61
CA HIS C 71 14.08 8.37 -17.48
C HIS C 71 14.36 7.10 -16.65
N SER C 72 15.42 7.12 -15.85
CA SER C 72 15.77 5.90 -15.10
C SER C 72 14.71 5.57 -14.06
N GLN C 73 14.18 6.58 -13.37
CA GLN C 73 13.16 6.32 -12.36
C GLN C 73 11.93 5.72 -13.04
N THR C 74 11.52 6.27 -14.17
CA THR C 74 10.41 5.68 -14.92
C THR C 74 10.68 4.22 -15.34
N HIS C 75 11.91 3.94 -15.78
CA HIS C 75 12.31 2.56 -16.13
C HIS C 75 12.25 1.68 -14.89
N ARG C 76 12.59 2.26 -13.75
CA ARG C 76 12.55 1.50 -12.52
C ARG C 76 11.11 1.01 -12.28
N VAL C 77 10.14 1.90 -12.47
CA VAL C 77 8.73 1.51 -12.38
C VAL C 77 8.39 0.41 -13.39
N ASP C 78 8.86 0.54 -14.64
CA ASP C 78 8.53 -0.42 -15.70
C ASP C 78 8.87 -1.84 -15.27
N LEU C 79 10.07 -2.00 -14.74
CA LEU C 79 10.55 -3.29 -14.28
C LEU C 79 9.55 -3.96 -13.32
N GLY C 80 9.09 -3.23 -12.30
CA GLY C 80 8.02 -3.74 -11.45
C GLY C 80 6.74 -4.08 -12.22
N THR C 81 6.33 -3.20 -13.13
CA THR C 81 5.08 -3.40 -13.83
C THR C 81 5.11 -4.61 -14.77
N LEU C 82 6.20 -4.72 -15.51
CA LEU C 82 6.35 -5.82 -16.43
C LEU C 82 6.44 -7.14 -15.68
N ARG C 83 7.11 -7.12 -14.54
CA ARG C 83 7.17 -8.31 -13.71
C ARG C 83 5.75 -8.77 -13.36
N GLY C 84 4.87 -7.81 -13.12
CA GLY C 84 3.48 -8.11 -12.81
C GLY C 84 2.75 -8.61 -14.06
N TYR C 85 2.89 -7.87 -15.16
CA TYR C 85 2.22 -8.24 -16.40
C TYR C 85 2.50 -9.70 -16.76
N TYR C 86 3.72 -10.15 -16.51
CA TYR C 86 4.14 -11.49 -16.93
C TYR C 86 4.19 -12.52 -15.79
N ASN C 87 3.70 -12.13 -14.61
CA ASN C 87 3.58 -13.07 -13.51
C ASN C 87 4.91 -13.67 -13.12
N GLN C 88 5.95 -12.85 -13.00
CA GLN C 88 7.30 -13.34 -12.77
C GLN C 88 7.72 -13.13 -11.32
N SER C 89 8.67 -13.91 -10.85
CA SER C 89 9.06 -13.81 -9.46
C SER C 89 9.89 -12.57 -9.22
N GLU C 90 9.98 -12.20 -7.95
CA GLU C 90 10.94 -11.19 -7.49
C GLU C 90 12.40 -11.61 -7.71
N ALA C 91 12.65 -12.89 -7.91
CA ALA C 91 14.03 -13.39 -7.78
C ALA C 91 14.91 -13.15 -9.01
N GLY C 92 14.31 -12.96 -10.19
CA GLY C 92 15.12 -12.90 -11.39
C GLY C 92 15.53 -11.51 -11.83
N SER C 93 16.70 -11.41 -12.44
CA SER C 93 17.12 -10.17 -13.05
C SER C 93 16.41 -10.01 -14.38
N HIS C 94 15.87 -8.83 -14.66
CA HIS C 94 15.24 -8.59 -15.95
C HIS C 94 15.72 -7.27 -16.60
N THR C 95 15.46 -7.10 -17.90
CA THR C 95 16.00 -5.98 -18.65
C THR C 95 14.94 -5.19 -19.36
N VAL C 96 15.02 -3.86 -19.28
CA VAL C 96 14.22 -3.04 -20.18
C VAL C 96 15.18 -2.16 -20.95
N GLN C 97 14.87 -1.99 -22.24
CA GLN C 97 15.64 -1.14 -23.14
C GLN C 97 14.68 -0.23 -23.89
N ARG C 98 15.02 1.06 -23.97
CA ARG C 98 14.27 2.02 -24.78
C ARG C 98 15.29 2.64 -25.74
N MET C 99 14.92 2.69 -27.03
CA MET C 99 15.68 3.45 -28.02
C MET C 99 14.72 4.44 -28.68
N TYR C 100 15.15 5.71 -28.80
CA TYR C 100 14.42 6.68 -29.61
C TYR C 100 15.41 7.61 -30.29
N GLY C 101 14.94 8.27 -31.35
CA GLY C 101 15.78 9.18 -32.11
C GLY C 101 15.12 9.59 -33.42
N CYS C 102 15.86 10.32 -34.24
CA CYS C 102 15.30 10.88 -35.45
C CYS C 102 16.36 10.97 -36.57
N ASP C 103 15.90 10.93 -37.82
CA ASP C 103 16.80 11.04 -38.99
C ASP C 103 16.50 12.28 -39.82
N VAL C 104 17.56 12.91 -40.32
CA VAL C 104 17.44 13.96 -41.33
C VAL C 104 18.18 13.59 -42.63
N GLY C 105 17.64 14.04 -43.76
CA GLY C 105 18.27 13.84 -45.04
C GLY C 105 19.56 14.64 -45.19
N SER C 106 20.22 14.47 -46.32
CA SER C 106 21.44 15.19 -46.64
C SER C 106 21.14 16.68 -46.76
N ASP C 107 19.86 16.96 -46.94
CA ASP C 107 19.33 18.28 -47.06
C ASP C 107 18.84 18.78 -45.72
N TRP C 108 19.22 18.09 -44.65
CA TRP C 108 18.87 18.50 -43.27
C TRP C 108 17.38 18.61 -42.93
N ARG C 109 16.52 18.06 -43.77
CA ARG C 109 15.11 18.08 -43.47
C ARG C 109 14.68 16.75 -42.80
N PHE C 110 13.62 16.77 -42.01
CA PHE C 110 13.23 15.60 -41.22
C PHE C 110 12.88 14.40 -42.11
N LEU C 111 13.52 13.27 -41.84
CA LEU C 111 13.33 12.05 -42.64
C LEU C 111 12.46 11.00 -41.96
N ARG C 112 12.71 10.74 -40.68
CA ARG C 112 11.90 9.77 -39.93
C ARG C 112 12.20 9.81 -38.44
N GLY C 113 11.24 9.34 -37.64
CA GLY C 113 11.40 9.24 -36.20
C GLY C 113 11.12 7.83 -35.73
N TYR C 114 11.60 7.48 -34.54
CA TYR C 114 11.30 6.18 -33.95
C TYR C 114 11.36 6.20 -32.42
N HIS C 115 10.72 5.21 -31.82
CA HIS C 115 10.67 5.08 -30.38
C HIS C 115 10.20 3.68 -30.11
N GLN C 116 11.11 2.83 -29.64
CA GLN C 116 10.71 1.47 -29.39
C GLN C 116 11.28 0.97 -28.09
N TYR C 117 10.71 -0.15 -27.67
CA TYR C 117 10.86 -0.63 -26.31
C TYR C 117 10.93 -2.13 -26.32
N ALA C 118 11.85 -2.68 -25.53
CA ALA C 118 11.99 -4.12 -25.39
C ALA C 118 12.06 -4.55 -23.93
N TYR C 119 11.48 -5.73 -23.63
CA TYR C 119 11.55 -6.34 -22.31
C TYR C 119 12.34 -7.61 -22.45
N ASP C 120 13.39 -7.77 -21.64
CA ASP C 120 14.28 -8.92 -21.72
C ASP C 120 14.73 -9.24 -23.14
N GLY C 121 15.05 -8.16 -23.87
CA GLY C 121 15.73 -8.28 -25.14
C GLY C 121 14.83 -8.66 -26.30
N LYS C 122 13.52 -8.57 -26.13
CA LYS C 122 12.66 -8.78 -27.28
C LYS C 122 11.62 -7.65 -27.43
N ASP C 123 11.22 -7.39 -28.66
CA ASP C 123 10.28 -6.30 -28.95
C ASP C 123 9.11 -6.39 -28.01
N TYR C 124 8.75 -5.26 -27.43
CA TYR C 124 7.61 -5.22 -26.51
C TYR C 124 6.58 -4.30 -27.16
N ILE C 125 6.99 -3.07 -27.41
CA ILE C 125 6.11 -2.12 -28.10
C ILE C 125 6.95 -1.13 -28.89
N ALA C 126 6.43 -0.65 -30.02
CA ALA C 126 7.16 0.30 -30.87
C ALA C 126 6.21 1.32 -31.53
N LEU C 127 6.69 2.55 -31.69
CA LEU C 127 5.96 3.58 -32.42
C LEU C 127 6.12 3.29 -33.92
N LYS C 128 5.01 3.25 -34.65
CA LYS C 128 5.07 3.00 -36.09
C LYS C 128 5.64 4.21 -36.85
N GLU C 129 5.98 4.01 -38.12
CA GLU C 129 6.62 5.07 -38.89
C GLU C 129 5.76 6.33 -39.01
N ASP C 130 4.44 6.18 -38.94
CA ASP C 130 3.57 7.36 -39.05
C ASP C 130 3.58 8.21 -37.78
N LEU C 131 4.32 7.76 -36.76
CA LEU C 131 4.45 8.49 -35.50
C LEU C 131 3.08 8.78 -34.87
N ARG C 132 2.09 7.95 -35.15
CA ARG C 132 0.76 8.13 -34.61
C ARG C 132 0.24 6.87 -33.91
N SER C 133 0.71 5.72 -34.37
CA SER C 133 0.15 4.44 -33.94
C SER C 133 1.24 3.51 -33.40
N TRP C 134 0.80 2.44 -32.73
CA TRP C 134 1.69 1.57 -31.96
C TRP C 134 1.66 0.12 -32.44
N THR C 135 2.80 -0.55 -32.40
CA THR C 135 2.84 -2.00 -32.65
C THR C 135 3.09 -2.77 -31.37
N ALA C 136 2.08 -3.51 -30.91
CA ALA C 136 2.15 -4.22 -29.64
C ALA C 136 2.27 -5.74 -29.81
N ALA C 137 3.32 -6.31 -29.24
CA ALA C 137 3.64 -7.72 -29.41
C ALA C 137 2.56 -8.68 -28.91
N ASP C 138 2.29 -8.64 -27.59
CA ASP C 138 1.42 -9.60 -26.94
C ASP C 138 0.35 -8.91 -26.10
N MET C 139 -0.39 -9.66 -25.27
CA MET C 139 -1.45 -9.05 -24.44
C MET C 139 -0.92 -8.03 -23.44
N ALA C 140 0.27 -8.26 -22.88
CA ALA C 140 0.87 -7.28 -21.98
C ALA C 140 1.10 -5.95 -22.71
N ALA C 141 1.77 -6.03 -23.86
CA ALA C 141 2.06 -4.84 -24.64
C ALA C 141 0.77 -4.14 -25.09
N GLN C 142 -0.32 -4.89 -25.23
CA GLN C 142 -1.63 -4.29 -25.53
C GLN C 142 -2.12 -3.41 -24.38
N THR C 143 -1.98 -3.90 -23.15
CA THR C 143 -2.32 -3.09 -21.99
C THR C 143 -1.54 -1.79 -22.04
N THR C 144 -0.23 -1.90 -22.28
CA THR C 144 0.60 -0.70 -22.40
C THR C 144 0.09 0.18 -23.53
N LYS C 145 -0.21 -0.46 -24.66
CA LYS C 145 -0.68 0.25 -25.85
C LYS C 145 -1.87 1.12 -25.50
N HIS C 146 -2.87 0.56 -24.84
CA HIS C 146 -4.09 1.31 -24.48
C HIS C 146 -3.79 2.46 -23.53
N LYS C 147 -2.98 2.21 -22.50
CA LYS C 147 -2.57 3.28 -21.59
C LYS C 147 -1.94 4.43 -22.39
N TRP C 148 -1.09 4.09 -23.35
CA TRP C 148 -0.34 5.11 -24.09
C TRP C 148 -1.22 5.86 -25.11
N GLU C 149 -2.10 5.13 -25.78
CA GLU C 149 -3.05 5.76 -26.68
C GLU C 149 -3.85 6.77 -25.86
N ALA C 150 -4.33 6.34 -24.70
CA ALA C 150 -5.18 7.17 -23.85
C ALA C 150 -4.48 8.46 -23.43
N ALA C 151 -3.19 8.39 -23.15
CA ALA C 151 -2.49 9.56 -22.65
C ALA C 151 -1.88 10.36 -23.81
N HIS C 152 -2.21 9.99 -25.04
CA HIS C 152 -1.67 10.63 -26.25
C HIS C 152 -0.14 10.62 -26.31
N VAL C 153 0.46 9.54 -25.82
CA VAL C 153 1.92 9.48 -25.81
C VAL C 153 2.51 9.60 -27.20
N ALA C 154 1.83 9.06 -28.21
CA ALA C 154 2.37 9.11 -29.56
C ALA C 154 2.45 10.56 -30.04
N GLU C 155 1.47 11.37 -29.65
CA GLU C 155 1.45 12.77 -30.07
C GLU C 155 2.59 13.53 -29.41
N GLN C 156 2.76 13.36 -28.11
CA GLN C 156 3.89 13.97 -27.41
C GLN C 156 5.20 13.57 -28.08
N LEU C 157 5.30 12.30 -28.46
CA LEU C 157 6.52 11.79 -29.08
C LEU C 157 6.70 12.36 -30.50
N ARG C 158 5.63 12.36 -31.27
CA ARG C 158 5.66 12.95 -32.61
C ARG C 158 6.19 14.37 -32.55
N ALA C 159 5.64 15.18 -31.63
CA ALA C 159 6.07 16.58 -31.48
C ALA C 159 7.56 16.70 -31.19
N TYR C 160 8.07 15.86 -30.29
CA TYR C 160 9.49 15.83 -29.99
C TYR C 160 10.34 15.41 -31.18
N LEU C 161 9.96 14.31 -31.86
CA LEU C 161 10.77 13.78 -32.95
C LEU C 161 10.87 14.73 -34.16
N GLU C 162 9.75 15.35 -34.49
CA GLU C 162 9.65 16.30 -35.61
C GLU C 162 10.09 17.70 -35.20
N GLY C 163 10.23 17.94 -33.89
CA GLY C 163 10.61 19.26 -33.41
C GLY C 163 11.98 19.24 -32.77
N THR C 164 12.01 19.20 -31.44
CA THR C 164 13.25 19.25 -30.67
C THR C 164 14.32 18.27 -31.16
N CYS C 165 13.92 17.06 -31.52
CA CYS C 165 14.92 16.05 -31.87
C CYS C 165 15.76 16.50 -33.07
N VAL C 166 15.09 16.75 -34.19
CA VAL C 166 15.75 17.21 -35.40
C VAL C 166 16.38 18.60 -35.18
N GLU C 167 15.74 19.46 -34.41
CA GLU C 167 16.32 20.77 -34.12
C GLU C 167 17.70 20.64 -33.45
N TRP C 168 17.82 19.78 -32.44
CA TRP C 168 19.10 19.72 -31.76
C TRP C 168 20.09 18.82 -32.52
N LEU C 169 19.59 17.86 -33.29
CA LEU C 169 20.49 17.14 -34.21
C LEU C 169 21.22 18.13 -35.13
N ARG C 170 20.47 19.04 -35.73
CA ARG C 170 21.05 20.08 -36.57
C ARG C 170 22.04 20.94 -35.81
N ARG C 171 21.66 21.39 -34.62
CA ARG C 171 22.54 22.22 -33.80
C ARG C 171 23.82 21.47 -33.46
N TYR C 172 23.71 20.17 -33.19
CA TYR C 172 24.88 19.36 -32.88
C TYR C 172 25.76 19.22 -34.13
N LEU C 173 25.11 18.94 -35.26
CA LEU C 173 25.82 18.79 -36.52
C LEU C 173 26.56 20.06 -36.93
N GLU C 174 26.05 21.22 -36.54
CA GLU C 174 26.73 22.49 -36.78
C GLU C 174 27.90 22.67 -35.83
N ASN C 175 27.62 22.64 -34.53
CA ASN C 175 28.62 22.85 -33.50
C ASN C 175 29.78 21.89 -33.57
N GLY C 176 29.57 20.74 -34.22
CA GLY C 176 30.60 19.72 -34.28
C GLY C 176 30.94 19.34 -35.70
N LYS C 177 30.62 20.22 -36.64
CA LYS C 177 30.77 19.92 -38.07
C LYS C 177 32.18 19.49 -38.44
N GLU C 178 33.16 20.05 -37.76
CA GLU C 178 34.56 19.77 -38.06
C GLU C 178 34.87 18.28 -37.91
N THR C 179 34.10 17.58 -37.09
CA THR C 179 34.32 16.16 -36.86
C THR C 179 33.18 15.27 -37.39
N LEU C 180 31.94 15.60 -37.04
CA LEU C 180 30.77 14.85 -37.50
C LEU C 180 30.51 14.90 -39.00
N GLN C 181 30.97 15.96 -39.66
CA GLN C 181 30.64 16.15 -41.07
C GLN C 181 31.82 15.84 -41.98
N ARG C 182 32.95 15.52 -41.38
CA ARG C 182 34.06 15.03 -42.16
C ARG C 182 33.79 13.59 -42.55
N THR C 183 34.32 13.18 -43.68
CA THR C 183 34.34 11.78 -44.04
C THR C 183 35.81 11.34 -44.07
N ASP C 184 36.11 10.27 -43.33
CA ASP C 184 37.40 9.59 -43.46
C ASP C 184 37.19 8.38 -44.35
N ALA C 185 37.75 8.42 -45.56
CA ALA C 185 37.68 7.27 -46.46
C ALA C 185 38.52 6.12 -45.91
N PRO C 186 38.09 4.88 -46.18
CA PRO C 186 38.82 3.70 -45.69
C PRO C 186 40.22 3.55 -46.28
N LYS C 187 41.19 3.27 -45.42
CA LYS C 187 42.49 2.80 -45.87
C LYS C 187 42.34 1.32 -46.17
N THR C 188 42.82 0.90 -47.33
CA THR C 188 42.44 -0.40 -47.83
C THR C 188 43.62 -1.27 -48.23
N HIS C 189 43.55 -2.56 -47.92
CA HIS C 189 44.53 -3.51 -48.43
C HIS C 189 44.01 -4.94 -48.39
N MET C 190 44.77 -5.84 -49.01
CA MET C 190 44.43 -7.26 -49.02
C MET C 190 45.57 -8.10 -48.46
N THR C 191 45.22 -9.14 -47.70
CA THR C 191 46.18 -10.14 -47.27
C THR C 191 45.81 -11.50 -47.83
N HIS C 192 46.78 -12.41 -47.78
CA HIS C 192 46.69 -13.72 -48.39
C HIS C 192 47.23 -14.76 -47.42
N HIS C 193 46.43 -15.77 -47.11
CA HIS C 193 46.89 -16.88 -46.27
C HIS C 193 46.66 -18.20 -46.97
N ALA C 194 47.68 -19.05 -47.01
CA ALA C 194 47.44 -20.41 -47.45
C ALA C 194 46.84 -21.19 -46.29
N VAL C 195 45.65 -21.75 -46.50
CA VAL C 195 44.95 -22.51 -45.47
C VAL C 195 45.17 -24.02 -45.64
N SER C 196 45.51 -24.44 -46.85
CA SER C 196 45.76 -25.85 -47.15
C SER C 196 46.65 -25.97 -48.36
N ASP C 197 46.91 -27.20 -48.81
CA ASP C 197 47.74 -27.44 -49.99
C ASP C 197 47.18 -26.79 -51.25
N HIS C 198 45.86 -26.58 -51.28
CA HIS C 198 45.18 -26.21 -52.51
C HIS C 198 44.31 -24.98 -52.40
N GLU C 199 44.16 -24.45 -51.19
CA GLU C 199 43.29 -23.30 -51.02
C GLU C 199 43.94 -22.17 -50.22
N ALA C 200 43.59 -20.95 -50.57
CA ALA C 200 44.08 -19.79 -49.82
C ALA C 200 42.93 -18.86 -49.45
N THR C 201 43.08 -18.16 -48.33
CA THR C 201 42.12 -17.13 -48.02
C THR C 201 42.61 -15.75 -48.43
N LEU C 202 41.77 -15.02 -49.14
CA LEU C 202 42.02 -13.61 -49.41
C LEU C 202 41.20 -12.78 -48.44
N ARG C 203 41.85 -11.90 -47.68
CA ARG C 203 41.15 -11.03 -46.75
C ARG C 203 41.29 -9.61 -47.22
N CYS C 204 40.15 -8.97 -47.42
CA CYS C 204 40.10 -7.61 -47.90
C CYS C 204 39.80 -6.67 -46.72
N TRP C 205 40.69 -5.71 -46.50
CA TRP C 205 40.66 -4.84 -45.34
C TRP C 205 40.19 -3.40 -45.62
N ALA C 206 39.33 -2.89 -44.74
CA ALA C 206 38.99 -1.47 -44.70
C ALA C 206 39.27 -0.94 -43.31
N LEU C 207 40.17 0.03 -43.22
CA LEU C 207 40.53 0.61 -41.93
C LEU C 207 40.33 2.12 -41.79
N SER C 208 40.30 2.56 -40.55
CA SER C 208 40.09 3.94 -40.17
C SER C 208 39.16 4.76 -41.06
N PHE C 209 37.96 4.25 -41.27
CA PHE C 209 36.98 4.93 -42.05
C PHE C 209 35.89 5.52 -41.16
N TYR C 210 35.17 6.49 -41.66
CA TYR C 210 34.09 7.16 -40.92
C TYR C 210 33.26 7.88 -41.94
N PRO C 211 31.94 7.77 -41.90
CA PRO C 211 31.13 7.02 -40.93
C PRO C 211 31.24 5.48 -41.02
N ALA C 212 30.48 4.77 -40.19
CA ALA C 212 30.58 3.31 -40.11
C ALA C 212 30.00 2.60 -41.34
N GLU C 213 29.01 3.21 -41.97
CA GLU C 213 28.43 2.65 -43.20
C GLU C 213 29.49 2.33 -44.27
N ILE C 214 29.48 1.08 -44.74
CA ILE C 214 30.44 0.63 -45.76
C ILE C 214 29.98 -0.67 -46.40
N THR C 215 30.38 -0.89 -47.65
CA THR C 215 30.06 -2.14 -48.32
C THR C 215 31.28 -2.81 -48.90
N LEU C 216 31.66 -3.95 -48.34
CA LEU C 216 32.73 -4.77 -48.90
C LEU C 216 32.13 -5.98 -49.57
N THR C 217 32.42 -6.14 -50.86
CA THR C 217 31.92 -7.30 -51.58
C THR C 217 33.01 -7.95 -52.44
N TRP C 218 32.90 -9.24 -52.66
CA TRP C 218 33.86 -9.90 -53.49
C TRP C 218 33.23 -10.16 -54.87
N GLN C 219 34.06 -10.36 -55.88
CA GLN C 219 33.62 -10.63 -57.23
C GLN C 219 34.50 -11.65 -57.89
N ARG C 220 34.04 -12.32 -58.90
CA ARG C 220 34.87 -13.33 -59.53
C ARG C 220 34.64 -13.03 -60.98
N ASP C 221 35.66 -12.64 -61.69
CA ASP C 221 35.41 -12.39 -63.08
C ASP C 221 34.27 -11.38 -63.11
N GLY C 222 34.50 -10.20 -62.55
CA GLY C 222 33.51 -9.13 -62.54
C GLY C 222 32.06 -9.33 -62.08
N GLU C 223 31.78 -10.47 -61.49
CA GLU C 223 30.53 -10.93 -60.96
C GLU C 223 30.38 -11.13 -59.48
N ASP C 224 29.26 -10.67 -58.92
CA ASP C 224 29.03 -10.80 -57.48
C ASP C 224 29.17 -12.24 -57.00
N GLN C 225 29.83 -12.42 -55.86
CA GLN C 225 30.10 -13.74 -55.33
C GLN C 225 29.89 -13.82 -53.82
N THR C 226 29.09 -14.78 -53.38
CA THR C 226 28.84 -14.96 -51.97
C THR C 226 29.31 -16.28 -51.39
N GLN C 227 29.17 -17.35 -52.14
CA GLN C 227 29.58 -18.67 -51.69
C GLN C 227 31.01 -18.65 -51.20
N ASP C 228 31.20 -19.02 -49.96
CA ASP C 228 32.55 -19.04 -49.40
C ASP C 228 33.09 -17.66 -49.00
N THR C 229 32.22 -16.71 -48.72
CA THR C 229 32.63 -15.39 -48.28
C THR C 229 32.33 -15.20 -46.78
N GLU C 230 33.25 -14.56 -46.06
CA GLU C 230 33.07 -14.30 -44.64
C GLU C 230 33.20 -12.82 -44.33
N LEU C 231 32.17 -12.27 -43.70
CA LEU C 231 32.12 -10.85 -43.45
C LEU C 231 32.02 -10.66 -41.96
N VAL C 232 32.90 -9.85 -41.37
CA VAL C 232 32.78 -9.61 -39.94
C VAL C 232 31.99 -8.34 -39.70
N GLU C 233 31.45 -8.24 -38.49
CA GLU C 233 30.83 -7.00 -38.04
C GLU C 233 31.76 -5.82 -38.12
N THR C 234 31.26 -4.74 -38.67
CA THR C 234 31.97 -3.47 -38.61
C THR C 234 32.29 -3.20 -37.14
N ARG C 235 33.54 -2.88 -36.83
CA ARG C 235 33.98 -2.74 -35.44
C ARG C 235 34.68 -1.40 -35.23
N PRO C 236 34.67 -0.89 -33.98
CA PRO C 236 35.31 0.38 -33.61
C PRO C 236 36.81 0.24 -33.39
N ALA C 237 37.59 1.14 -33.99
CA ALA C 237 39.04 1.13 -33.80
C ALA C 237 39.35 1.73 -32.43
N GLY C 238 38.46 2.60 -31.98
CA GLY C 238 38.59 3.18 -30.66
C GLY C 238 39.07 4.62 -30.73
N ASP C 239 39.44 5.06 -31.93
CA ASP C 239 39.85 6.45 -32.13
C ASP C 239 38.73 7.26 -32.80
N GLY C 240 37.54 6.67 -32.87
CA GLY C 240 36.42 7.31 -33.51
C GLY C 240 36.18 6.85 -34.93
N THR C 241 37.08 6.02 -35.45
CA THR C 241 36.93 5.45 -36.79
C THR C 241 36.54 3.97 -36.74
N PHE C 242 36.27 3.36 -37.89
CA PHE C 242 35.84 1.98 -37.90
C PHE C 242 36.71 1.07 -38.80
N GLN C 243 36.50 -0.24 -38.65
CA GLN C 243 37.23 -1.27 -39.36
C GLN C 243 36.27 -2.37 -39.81
N LYS C 244 36.61 -3.03 -40.91
CA LYS C 244 35.82 -4.16 -41.37
C LYS C 244 36.71 -4.99 -42.27
N TRP C 245 36.45 -6.29 -42.34
CA TRP C 245 37.07 -7.06 -43.41
C TRP C 245 36.10 -8.07 -43.99
N ALA C 246 36.43 -8.49 -45.21
CA ALA C 246 35.71 -9.53 -45.91
C ALA C 246 36.70 -10.51 -46.54
N ALA C 247 36.42 -11.81 -46.38
CA ALA C 247 37.32 -12.86 -46.86
C ALA C 247 36.60 -13.83 -47.79
N VAL C 248 37.34 -14.37 -48.75
CA VAL C 248 36.85 -15.48 -49.56
C VAL C 248 37.88 -16.59 -49.56
N VAL C 249 37.44 -17.84 -49.62
CA VAL C 249 38.37 -18.93 -49.84
C VAL C 249 38.38 -19.27 -51.33
N VAL C 250 39.54 -19.14 -51.94
CA VAL C 250 39.69 -19.44 -53.35
C VAL C 250 40.59 -20.65 -53.53
N PRO C 251 40.56 -21.26 -54.72
CA PRO C 251 41.50 -22.33 -55.08
C PRO C 251 42.87 -21.75 -55.47
N SER C 252 43.93 -22.35 -54.96
CA SER C 252 45.28 -21.83 -55.18
C SER C 252 45.65 -21.72 -56.65
N GLY C 253 46.13 -20.55 -57.06
CA GLY C 253 46.47 -20.32 -58.45
C GLY C 253 45.36 -19.61 -59.19
N GLN C 254 44.24 -19.40 -58.51
CA GLN C 254 43.14 -18.67 -59.12
C GLN C 254 42.88 -17.31 -58.49
N GLU C 255 43.77 -16.90 -57.61
CA GLU C 255 43.56 -15.66 -56.90
C GLU C 255 43.37 -14.45 -57.77
N GLN C 256 43.95 -14.45 -58.95
CA GLN C 256 43.82 -13.34 -59.85
C GLN C 256 42.39 -13.16 -60.36
N ARG C 257 41.60 -14.19 -60.23
CA ARG C 257 40.23 -14.14 -60.67
C ARG C 257 39.38 -13.25 -59.80
N TYR C 258 39.76 -13.12 -58.54
CA TYR C 258 38.94 -12.40 -57.60
C TYR C 258 39.28 -10.98 -57.34
N THR C 259 38.28 -10.16 -57.11
CA THR C 259 38.52 -8.78 -56.71
C THR C 259 37.58 -8.38 -55.58
N CYS C 260 38.06 -7.49 -54.73
CA CYS C 260 37.26 -6.97 -53.66
C CYS C 260 36.86 -5.55 -53.99
N HIS C 261 35.61 -5.20 -53.72
CA HIS C 261 35.11 -3.86 -54.02
C HIS C 261 34.65 -3.15 -52.76
N VAL C 262 35.06 -1.89 -52.64
CA VAL C 262 34.79 -1.13 -51.43
C VAL C 262 34.00 0.12 -51.75
N GLN C 263 32.84 0.27 -51.10
CA GLN C 263 32.04 1.47 -51.26
C GLN C 263 31.95 2.25 -49.96
N HIS C 264 32.17 3.56 -50.03
CA HIS C 264 32.15 4.43 -48.87
C HIS C 264 32.05 5.93 -49.19
N GLU C 265 31.16 6.60 -48.52
CA GLU C 265 30.92 7.99 -48.71
C GLU C 265 32.17 8.85 -48.87
N GLY C 266 33.24 8.46 -48.22
CA GLY C 266 34.47 9.19 -48.32
C GLY C 266 35.26 8.97 -49.59
N LEU C 267 34.95 7.93 -50.33
CA LEU C 267 35.67 7.58 -51.56
C LEU C 267 35.17 8.38 -52.77
N PRO C 268 36.08 8.90 -53.58
CA PRO C 268 35.70 9.63 -54.78
C PRO C 268 34.83 8.69 -55.56
N LYS C 269 35.22 7.44 -55.58
CA LYS C 269 34.46 6.42 -56.28
C LYS C 269 34.85 5.04 -55.74
N PRO C 270 34.02 4.03 -55.99
CA PRO C 270 34.37 2.72 -55.43
C PRO C 270 35.75 2.24 -55.69
N LEU C 271 36.27 1.44 -54.80
CA LEU C 271 37.63 0.92 -54.99
C LEU C 271 37.61 -0.55 -55.37
N THR C 272 38.58 -0.94 -56.17
CA THR C 272 38.77 -2.34 -56.50
C THR C 272 40.14 -2.77 -56.06
N LEU C 273 40.23 -3.98 -55.54
CA LEU C 273 41.49 -4.50 -55.09
C LEU C 273 41.58 -5.90 -55.56
N ARG C 274 42.78 -6.30 -55.88
CA ARG C 274 43.05 -7.64 -56.34
C ARG C 274 44.38 -8.09 -55.78
N TRP C 275 44.57 -9.38 -55.62
CA TRP C 275 45.83 -9.88 -55.11
C TRP C 275 46.92 -9.76 -56.16
N MET D 1 12.55 -14.60 -23.08
CA MET D 1 13.98 -14.25 -22.99
C MET D 1 14.87 -15.25 -23.72
N ILE D 2 15.62 -14.76 -24.67
CA ILE D 2 16.54 -15.58 -25.40
C ILE D 2 17.94 -15.10 -25.09
N GLN D 3 18.74 -15.92 -24.41
CA GLN D 3 20.11 -15.54 -24.12
C GLN D 3 20.94 -15.71 -25.38
N ARG D 4 21.75 -14.73 -25.70
CA ARG D 4 22.59 -14.75 -26.87
C ARG D 4 24.04 -14.61 -26.46
N THR D 5 24.88 -15.52 -26.96
CA THR D 5 26.29 -15.52 -26.62
C THR D 5 27.09 -14.42 -27.33
N PRO D 6 28.17 -13.94 -26.61
CA PRO D 6 28.93 -12.88 -27.28
C PRO D 6 29.75 -13.28 -28.50
N LYS D 7 29.78 -12.39 -29.47
CA LYS D 7 30.60 -12.51 -30.64
C LYS D 7 31.80 -11.81 -30.08
N ILE D 8 33.00 -12.19 -30.49
CA ILE D 8 34.22 -11.65 -29.93
C ILE D 8 35.23 -11.35 -31.03
N GLN D 9 35.65 -10.10 -31.15
CA GLN D 9 36.79 -9.77 -32.02
C GLN D 9 37.92 -9.18 -31.21
N VAL D 10 39.13 -9.70 -31.41
CA VAL D 10 40.33 -9.19 -30.74
C VAL D 10 41.25 -8.59 -31.79
N TYR D 11 41.70 -7.36 -31.58
CA TYR D 11 42.43 -6.66 -32.63
C TYR D 11 43.04 -5.37 -32.11
N SER D 12 43.88 -4.77 -32.95
CA SER D 12 44.59 -3.55 -32.56
C SER D 12 43.95 -2.31 -33.18
N ARG D 13 44.06 -1.18 -32.48
CA ARG D 13 43.55 0.06 -33.02
C ARG D 13 44.22 0.37 -34.35
N HIS D 14 45.55 0.30 -34.35
CA HIS D 14 46.36 0.64 -35.52
C HIS D 14 47.09 -0.58 -36.02
N PRO D 15 47.48 -0.58 -37.31
CA PRO D 15 48.24 -1.71 -37.85
C PRO D 15 49.43 -2.00 -36.94
N ALA D 16 49.70 -3.28 -36.66
CA ALA D 16 50.65 -3.63 -35.62
C ALA D 16 52.08 -3.45 -36.10
N GLU D 17 52.89 -2.84 -35.25
CA GLU D 17 54.30 -2.69 -35.52
C GLU D 17 55.04 -2.95 -34.23
N ASN D 18 55.85 -4.00 -34.19
CA ASN D 18 56.66 -4.27 -33.00
C ASN D 18 57.37 -3.01 -32.49
N GLY D 19 57.31 -2.80 -31.18
CA GLY D 19 57.91 -1.64 -30.54
C GLY D 19 57.12 -0.36 -30.62
N LYS D 20 56.07 -0.36 -31.44
CA LYS D 20 55.26 0.85 -31.59
C LYS D 20 54.03 0.82 -30.67
N SER D 21 53.88 1.85 -29.85
CA SER D 21 52.72 1.94 -28.98
C SER D 21 51.43 1.89 -29.80
N ASN D 22 50.37 1.40 -29.18
CA ASN D 22 49.13 1.06 -29.88
C ASN D 22 48.02 0.82 -28.84
N PHE D 23 46.85 0.37 -29.27
CA PHE D 23 45.82 -0.07 -28.32
C PHE D 23 45.35 -1.46 -28.70
N LEU D 24 45.24 -2.33 -27.68
CA LEU D 24 44.63 -3.65 -27.84
C LEU D 24 43.13 -3.57 -27.57
N ASN D 25 42.32 -4.04 -28.53
CA ASN D 25 40.86 -4.00 -28.42
C ASN D 25 40.27 -5.39 -28.30
N CYS D 26 39.21 -5.51 -27.50
CA CYS D 26 38.36 -6.68 -27.52
C CYS D 26 36.93 -6.19 -27.62
N TYR D 27 36.35 -6.44 -28.78
CA TYR D 27 35.00 -5.97 -29.05
C TYR D 27 34.06 -7.14 -28.90
N VAL D 28 33.11 -7.01 -27.99
CA VAL D 28 32.14 -8.07 -27.79
C VAL D 28 30.75 -7.54 -28.19
N SER D 29 30.00 -8.34 -28.93
CA SER D 29 28.72 -7.85 -29.43
C SER D 29 27.70 -8.96 -29.59
N GLY D 30 26.47 -8.58 -29.90
CA GLY D 30 25.45 -9.57 -30.19
C GLY D 30 25.07 -10.40 -28.97
N PHE D 31 25.34 -9.91 -27.76
CA PHE D 31 24.99 -10.75 -26.61
C PHE D 31 23.79 -10.27 -25.80
N HIS D 32 23.19 -11.20 -25.05
CA HIS D 32 22.14 -10.90 -24.07
C HIS D 32 22.13 -11.98 -22.98
N PRO D 33 21.93 -11.59 -21.70
CA PRO D 33 21.75 -10.24 -21.16
C PRO D 33 23.06 -9.46 -21.14
N SER D 34 23.03 -8.28 -20.54
CA SER D 34 24.14 -7.34 -20.64
C SER D 34 25.29 -7.63 -19.66
N ASP D 35 25.04 -8.36 -18.59
CA ASP D 35 26.10 -8.67 -17.68
C ASP D 35 27.19 -9.48 -18.37
N ILE D 36 28.40 -8.96 -18.37
CA ILE D 36 29.50 -9.66 -19.02
C ILE D 36 30.79 -9.37 -18.29
N GLU D 37 31.75 -10.29 -18.39
CA GLU D 37 33.08 -10.06 -17.83
C GLU D 37 34.11 -10.25 -18.95
N VAL D 38 34.94 -9.24 -19.15
CA VAL D 38 35.92 -9.29 -20.23
C VAL D 38 37.29 -8.89 -19.70
N ASP D 39 38.27 -9.79 -19.86
CA ASP D 39 39.65 -9.48 -19.50
C ASP D 39 40.55 -9.49 -20.73
N LEU D 40 41.47 -8.54 -20.77
CA LEU D 40 42.57 -8.60 -21.72
C LEU D 40 43.76 -9.35 -21.07
N LEU D 41 44.27 -10.37 -21.76
CA LEU D 41 45.40 -11.18 -21.26
C LEU D 41 46.72 -10.89 -21.98
N LYS D 42 47.79 -10.72 -21.19
CA LYS D 42 49.15 -10.66 -21.73
C LYS D 42 49.94 -11.89 -21.31
N ASN D 43 50.32 -12.73 -22.26
CA ASN D 43 50.97 -14.00 -21.92
C ASN D 43 50.20 -14.76 -20.85
N GLY D 44 48.88 -14.78 -21.00
CA GLY D 44 48.04 -15.56 -20.12
C GLY D 44 47.62 -14.86 -18.85
N GLU D 45 48.13 -13.67 -18.59
CA GLU D 45 47.86 -12.97 -17.32
C GLU D 45 47.03 -11.69 -17.53
N ARG D 46 46.12 -11.42 -16.61
CA ARG D 46 45.19 -10.30 -16.72
C ARG D 46 45.88 -8.94 -16.72
N ILE D 47 45.70 -8.18 -17.80
CA ILE D 47 46.14 -6.79 -17.82
C ILE D 47 45.25 -5.96 -16.90
N GLU D 48 45.85 -5.08 -16.10
CA GLU D 48 45.13 -4.41 -15.02
C GLU D 48 44.44 -3.12 -15.45
N LYS D 49 45.07 -2.32 -16.29
CA LYS D 49 44.46 -1.06 -16.67
C LYS D 49 43.65 -1.22 -17.95
N VAL D 50 42.47 -1.82 -17.84
CA VAL D 50 41.60 -2.01 -19.01
C VAL D 50 40.35 -1.14 -18.94
N GLU D 51 40.05 -0.42 -20.01
CA GLU D 51 38.86 0.41 -20.02
C GLU D 51 37.83 -0.17 -20.98
N HIS D 52 36.59 0.32 -20.90
CA HIS D 52 35.54 -0.13 -21.80
C HIS D 52 34.56 0.98 -22.10
N SER D 53 33.94 0.90 -23.28
CA SER D 53 32.92 1.86 -23.70
C SER D 53 31.68 1.79 -22.81
N ASP D 54 30.79 2.74 -22.99
CA ASP D 54 29.51 2.72 -22.27
C ASP D 54 28.55 1.74 -22.93
N LEU D 55 27.92 0.90 -22.12
CA LEU D 55 26.95 -0.09 -22.61
C LEU D 55 25.99 0.49 -23.62
N SER D 56 25.92 -0.13 -24.78
CA SER D 56 24.99 0.26 -25.82
C SER D 56 24.45 -0.99 -26.50
N PHE D 57 23.47 -0.83 -27.36
CA PHE D 57 22.96 -1.99 -28.09
C PHE D 57 22.54 -1.69 -29.52
N SER D 58 22.35 -2.77 -30.27
CA SER D 58 22.06 -2.74 -31.69
C SER D 58 20.57 -2.77 -31.97
N LYS D 59 20.26 -2.78 -33.26
CA LYS D 59 18.89 -2.70 -33.74
C LYS D 59 18.07 -3.86 -33.21
N ASP D 60 18.71 -5.01 -33.02
CA ASP D 60 18.01 -6.19 -32.54
C ASP D 60 18.06 -6.33 -31.01
N TRP D 61 18.39 -5.23 -30.33
CA TRP D 61 18.47 -5.17 -28.87
C TRP D 61 19.72 -5.85 -28.25
N SER D 62 20.46 -6.66 -29.01
CA SER D 62 21.68 -7.27 -28.44
C SER D 62 22.73 -6.20 -28.14
N PHE D 63 23.53 -6.43 -27.10
CA PHE D 63 24.45 -5.43 -26.59
C PHE D 63 25.82 -5.50 -27.24
N TYR D 64 26.61 -4.44 -27.10
CA TYR D 64 28.02 -4.47 -27.50
C TYR D 64 28.82 -3.55 -26.60
N LEU D 65 30.08 -3.93 -26.40
CA LEU D 65 31.04 -3.19 -25.60
C LEU D 65 32.41 -3.28 -26.25
N LEU D 66 33.22 -2.25 -26.09
CA LEU D 66 34.59 -2.30 -26.51
C LEU D 66 35.48 -2.18 -25.28
N TYR D 67 36.29 -3.20 -25.02
CA TYR D 67 37.32 -3.10 -24.01
C TYR D 67 38.66 -2.82 -24.67
N TYR D 68 39.51 -2.07 -24.00
CA TYR D 68 40.77 -1.66 -24.61
C TYR D 68 41.79 -1.22 -23.59
N THR D 69 43.05 -1.33 -23.97
CA THR D 69 44.18 -0.95 -23.12
C THR D 69 45.34 -0.58 -24.03
N GLU D 70 46.17 0.37 -23.59
CA GLU D 70 47.35 0.66 -24.39
C GLU D 70 48.29 -0.55 -24.29
N PHE D 71 49.03 -0.82 -25.37
CA PHE D 71 50.06 -1.86 -25.30
C PHE D 71 51.11 -1.63 -26.38
N THR D 72 52.28 -2.21 -26.18
CA THR D 72 53.35 -2.17 -27.16
C THR D 72 53.66 -3.57 -27.64
N PRO D 73 53.18 -3.92 -28.85
CA PRO D 73 53.33 -5.30 -29.33
C PRO D 73 54.80 -5.66 -29.54
N THR D 74 55.13 -6.91 -29.27
CA THR D 74 56.47 -7.40 -29.53
C THR D 74 56.35 -8.61 -30.43
N GLU D 75 57.49 -9.23 -30.72
CA GLU D 75 57.48 -10.41 -31.56
C GLU D 75 56.86 -11.58 -30.81
N LYS D 76 57.06 -11.63 -29.50
CA LYS D 76 56.76 -12.86 -28.77
C LYS D 76 55.80 -12.72 -27.60
N ASP D 77 55.35 -11.51 -27.30
CA ASP D 77 54.30 -11.36 -26.30
C ASP D 77 52.99 -11.85 -26.91
N GLU D 78 52.26 -12.68 -26.18
CA GLU D 78 51.00 -13.19 -26.70
C GLU D 78 49.83 -12.51 -26.01
N TYR D 79 48.89 -12.04 -26.83
CA TYR D 79 47.73 -11.34 -26.32
C TYR D 79 46.43 -12.06 -26.67
N ALA D 80 45.49 -11.99 -25.73
CA ALA D 80 44.23 -12.70 -25.86
C ALA D 80 43.09 -11.94 -25.17
N CYS D 81 41.87 -12.27 -25.54
CA CYS D 81 40.71 -11.74 -24.85
C CYS D 81 39.97 -12.89 -24.16
N ARG D 82 39.59 -12.68 -22.90
CA ARG D 82 38.90 -13.73 -22.13
C ARG D 82 37.53 -13.28 -21.64
N VAL D 83 36.49 -14.00 -22.08
CA VAL D 83 35.14 -13.49 -21.85
C VAL D 83 34.31 -14.46 -21.02
N ASN D 84 33.62 -13.94 -20.01
CA ASN D 84 32.60 -14.70 -19.27
C ASN D 84 31.23 -14.07 -19.43
N HIS D 85 30.20 -14.91 -19.40
CA HIS D 85 28.83 -14.54 -19.76
C HIS D 85 27.99 -15.75 -19.42
N VAL D 86 26.73 -15.52 -19.08
CA VAL D 86 25.91 -16.61 -18.54
C VAL D 86 25.75 -17.73 -19.56
N THR D 87 25.84 -17.42 -20.85
CA THR D 87 25.69 -18.42 -21.91
C THR D 87 26.91 -19.31 -22.03
N LEU D 88 28.00 -18.95 -21.36
CA LEU D 88 29.23 -19.70 -21.46
C LEU D 88 29.46 -20.63 -20.26
N SER D 89 29.76 -21.89 -20.55
CA SER D 89 30.03 -22.88 -19.53
C SER D 89 31.47 -22.79 -19.00
N GLN D 90 32.38 -22.31 -19.83
CA GLN D 90 33.71 -21.93 -19.37
C GLN D 90 34.06 -20.65 -20.06
N PRO D 91 35.12 -19.98 -19.59
CA PRO D 91 35.53 -18.74 -20.23
C PRO D 91 35.88 -18.98 -21.69
N LYS D 92 35.50 -18.05 -22.57
CA LYS D 92 35.93 -18.11 -23.95
C LYS D 92 37.20 -17.28 -24.08
N ILE D 93 38.21 -17.85 -24.74
CA ILE D 93 39.46 -17.14 -24.93
C ILE D 93 39.76 -17.02 -26.42
N VAL D 94 39.89 -15.80 -26.91
CA VAL D 94 40.24 -15.59 -28.30
C VAL D 94 41.60 -14.90 -28.37
N LYS D 95 42.52 -15.51 -29.10
CA LYS D 95 43.87 -14.99 -29.21
C LYS D 95 43.94 -13.83 -30.17
N TRP D 96 44.78 -12.84 -29.87
CA TRP D 96 45.03 -11.80 -30.87
C TRP D 96 45.81 -12.40 -32.03
N ASP D 97 45.28 -12.27 -33.24
CA ASP D 97 46.03 -12.68 -34.44
C ASP D 97 46.41 -11.45 -35.24
N ARG D 98 47.64 -10.98 -35.07
CA ARG D 98 48.09 -9.78 -35.79
C ARG D 98 48.02 -10.00 -37.29
N ASP D 99 48.44 -11.19 -37.71
CA ASP D 99 48.61 -11.53 -39.13
C ASP D 99 47.34 -11.63 -39.96
N MET D 100 46.19 -11.35 -39.37
CA MET D 100 44.95 -11.43 -40.15
C MET D 100 44.96 -10.34 -41.22
N ASP E 2 -1.49 -33.17 20.84
CA ASP E 2 -2.57 -32.19 20.94
C ASP E 2 -2.97 -31.54 19.60
N ALA E 3 -2.70 -32.21 18.48
CA ALA E 3 -3.03 -31.68 17.16
C ALA E 3 -4.53 -31.76 16.92
N LYS E 4 -5.14 -30.66 16.47
CA LYS E 4 -6.60 -30.61 16.31
C LYS E 4 -7.07 -31.22 14.99
N THR E 5 -6.15 -31.52 14.08
CA THR E 5 -6.54 -32.28 12.89
C THR E 5 -5.55 -33.41 12.64
N THR E 6 -6.02 -34.50 12.03
CA THR E 6 -5.09 -35.54 11.60
C THR E 6 -5.36 -35.92 10.17
N GLN E 7 -4.29 -36.18 9.43
CA GLN E 7 -4.35 -36.63 8.05
C GLN E 7 -3.30 -37.71 7.88
N PRO E 8 -3.50 -38.60 6.90
CA PRO E 8 -2.46 -39.54 6.51
C PRO E 8 -1.23 -38.76 6.06
N ASN E 9 -0.06 -39.23 6.42
CA ASN E 9 1.15 -38.55 6.06
C ASN E 9 1.34 -38.42 4.57
N SER E 10 0.87 -39.38 3.80
CA SER E 10 1.06 -39.35 2.35
C SER E 10 -0.06 -40.08 1.64
N MET E 11 -0.18 -39.80 0.35
CA MET E 11 -1.23 -40.42 -0.45
C MET E 11 -0.82 -40.37 -1.91
N GLU E 12 -1.24 -41.35 -2.70
CA GLU E 12 -0.97 -41.29 -4.13
C GLU E 12 -2.22 -41.55 -4.92
N SER E 13 -2.31 -40.96 -6.10
CA SER E 13 -3.41 -41.23 -7.02
C SER E 13 -2.93 -41.17 -8.47
N ASN E 14 -3.78 -41.56 -9.40
CA ASN E 14 -3.46 -41.48 -10.83
C ASN E 14 -3.93 -40.17 -11.42
N GLU E 15 -3.22 -39.66 -12.41
CA GLU E 15 -3.64 -38.42 -13.07
C GLU E 15 -5.02 -38.59 -13.71
N GLU E 16 -5.76 -37.49 -13.77
CA GLU E 16 -7.08 -37.45 -14.37
C GLU E 16 -8.12 -38.23 -13.58
N GLU E 17 -7.75 -38.73 -12.40
CA GLU E 17 -8.74 -39.34 -11.52
C GLU E 17 -9.03 -38.39 -10.36
N PRO E 18 -10.21 -38.53 -9.72
CA PRO E 18 -10.55 -37.69 -8.58
C PRO E 18 -9.71 -38.08 -7.38
N VAL E 19 -9.48 -37.13 -6.47
CA VAL E 19 -8.75 -37.43 -5.25
C VAL E 19 -9.60 -37.00 -4.06
N HIS E 20 -9.71 -37.89 -3.07
CA HIS E 20 -10.35 -37.58 -1.80
C HIS E 20 -9.32 -37.53 -0.68
N LEU E 21 -8.98 -36.34 -0.22
CA LEU E 21 -7.98 -36.18 0.83
C LEU E 21 -8.66 -36.05 2.19
N PRO E 22 -8.56 -37.11 3.02
CA PRO E 22 -9.28 -37.17 4.29
C PRO E 22 -8.64 -36.33 5.37
N CYS E 23 -9.48 -35.78 6.25
CA CYS E 23 -9.03 -35.08 7.44
C CYS E 23 -9.97 -35.37 8.59
N ASN E 24 -9.41 -35.56 9.78
CA ASN E 24 -10.20 -35.84 10.98
C ASN E 24 -10.03 -34.70 11.97
N HIS E 25 -11.14 -34.25 12.56
CA HIS E 25 -11.11 -33.21 13.58
C HIS E 25 -12.25 -33.49 14.53
N SER E 26 -11.99 -34.40 15.47
CA SER E 26 -13.06 -35.03 16.23
C SER E 26 -13.55 -34.16 17.38
N THR E 27 -12.71 -33.25 17.83
CA THR E 27 -13.04 -32.39 18.96
C THR E 27 -13.47 -30.98 18.52
N ILE E 28 -14.03 -30.91 17.32
CA ILE E 28 -14.44 -29.63 16.73
C ILE E 28 -15.63 -28.99 17.43
N SER E 29 -15.64 -27.67 17.54
CA SER E 29 -16.82 -26.98 18.05
C SER E 29 -17.47 -26.13 16.95
N GLY E 30 -18.66 -25.61 17.23
CA GLY E 30 -19.47 -24.93 16.23
C GLY E 30 -18.81 -23.69 15.63
N THR E 31 -17.87 -23.09 16.36
CA THR E 31 -17.19 -21.88 15.90
C THR E 31 -15.80 -22.14 15.33
N ASP E 32 -15.49 -23.41 15.05
CA ASP E 32 -14.21 -23.78 14.44
C ASP E 32 -14.32 -23.87 12.92
N TYR E 33 -13.51 -23.13 12.19
CA TYR E 33 -13.49 -23.27 10.74
C TYR E 33 -12.50 -24.35 10.31
N ILE E 34 -12.79 -24.97 9.16
CA ILE E 34 -11.92 -25.94 8.52
C ILE E 34 -11.28 -25.26 7.32
N HIS E 35 -9.97 -25.07 7.37
CA HIS E 35 -9.25 -24.52 6.20
C HIS E 35 -8.34 -25.56 5.58
N TRP E 36 -8.22 -25.46 4.25
CA TRP E 36 -7.23 -26.23 3.54
C TRP E 36 -6.26 -25.31 2.80
N TYR E 37 -4.97 -25.55 3.02
CA TYR E 37 -3.89 -24.91 2.24
C TYR E 37 -3.06 -25.97 1.54
N ARG E 38 -2.40 -25.59 0.44
CA ARG E 38 -1.55 -26.56 -0.24
C ARG E 38 -0.17 -25.95 -0.43
N GLN E 39 0.83 -26.79 -0.67
CA GLN E 39 2.17 -26.30 -0.86
C GLN E 39 2.85 -27.11 -1.94
N LEU E 40 3.02 -26.50 -3.10
CA LEU E 40 3.68 -27.14 -4.22
C LEU E 40 5.17 -27.23 -3.98
N PRO E 41 5.85 -28.14 -4.68
CA PRO E 41 7.30 -28.25 -4.50
C PRO E 41 8.00 -26.89 -4.68
N SER E 42 8.88 -26.55 -3.73
CA SER E 42 9.65 -25.30 -3.79
C SER E 42 8.84 -24.03 -3.65
N GLN E 43 7.60 -24.14 -3.18
CA GLN E 43 6.77 -22.94 -2.97
C GLN E 43 6.29 -22.85 -1.52
N GLY E 44 5.78 -21.69 -1.12
CA GLY E 44 5.20 -21.52 0.19
C GLY E 44 3.76 -22.00 0.13
N PRO E 45 3.10 -22.13 1.29
CA PRO E 45 1.70 -22.59 1.30
C PRO E 45 0.79 -21.61 0.55
N GLU E 46 -0.32 -22.08 0.03
CA GLU E 46 -1.31 -21.16 -0.51
C GLU E 46 -2.70 -21.67 -0.22
N TYR E 47 -3.62 -20.72 -0.06
CA TYR E 47 -5.02 -20.97 0.24
C TYR E 47 -5.65 -21.87 -0.81
N VAL E 48 -6.45 -22.83 -0.38
CA VAL E 48 -7.27 -23.57 -1.32
C VAL E 48 -8.76 -23.30 -1.13
N ILE E 49 -9.25 -23.48 0.09
CA ILE E 49 -10.66 -23.41 0.37
C ILE E 49 -10.88 -23.49 1.89
N HIS E 50 -12.02 -23.00 2.36
CA HIS E 50 -12.38 -23.16 3.77
C HIS E 50 -13.89 -23.16 3.94
N GLY E 51 -14.36 -23.56 5.11
CA GLY E 51 -15.78 -23.69 5.33
C GLY E 51 -16.11 -23.90 6.79
N LEU E 52 -17.40 -23.96 7.08
CA LEU E 52 -17.85 -24.11 8.44
C LEU E 52 -18.70 -25.36 8.53
N THR E 53 -19.81 -25.40 7.79
CA THR E 53 -20.72 -26.55 7.89
C THR E 53 -21.16 -27.07 6.52
N SER E 54 -21.49 -26.17 5.60
CA SER E 54 -21.95 -26.56 4.28
C SER E 54 -20.78 -26.97 3.39
N ASN E 55 -21.02 -27.94 2.50
CA ASN E 55 -20.06 -28.22 1.42
C ASN E 55 -19.79 -26.96 0.62
N VAL E 56 -18.51 -26.69 0.35
CA VAL E 56 -18.07 -25.52 -0.39
C VAL E 56 -17.37 -25.96 -1.66
N ASN E 57 -17.55 -25.20 -2.73
CA ASN E 57 -16.92 -25.48 -4.01
C ASN E 57 -16.22 -24.25 -4.54
N ASN E 58 -15.07 -24.43 -5.15
CA ASN E 58 -14.47 -23.35 -5.94
C ASN E 58 -13.64 -23.94 -7.07
N ARG E 59 -13.02 -23.07 -7.86
CA ARG E 59 -12.31 -23.51 -9.05
C ARG E 59 -11.30 -24.59 -8.74
N MET E 60 -10.65 -24.48 -7.59
CA MET E 60 -9.49 -25.28 -7.25
C MET E 60 -9.84 -26.64 -6.66
N ALA E 61 -11.00 -26.75 -6.02
CA ALA E 61 -11.31 -27.95 -5.24
C ALA E 61 -12.69 -27.82 -4.61
N SER E 62 -13.19 -28.92 -4.07
CA SER E 62 -14.40 -28.88 -3.27
C SER E 62 -14.10 -29.34 -1.85
N LEU E 63 -14.87 -28.81 -0.92
CA LEU E 63 -14.75 -29.14 0.47
C LEU E 63 -16.01 -29.84 0.92
N ALA E 64 -15.87 -31.10 1.34
CA ALA E 64 -16.99 -31.87 1.86
C ALA E 64 -16.82 -32.03 3.37
N ILE E 65 -17.84 -31.61 4.12
CA ILE E 65 -17.77 -31.68 5.58
C ILE E 65 -18.84 -32.62 6.11
N ALA E 66 -18.45 -33.50 7.03
CA ALA E 66 -19.35 -34.51 7.57
C ALA E 66 -20.52 -33.86 8.30
N GLU E 67 -21.66 -34.55 8.26
CA GLU E 67 -22.85 -34.17 9.04
C GLU E 67 -22.48 -33.82 10.49
N ASP E 68 -21.72 -34.69 11.14
CA ASP E 68 -21.31 -34.42 12.53
C ASP E 68 -20.07 -33.52 12.61
N ARG E 69 -19.59 -33.05 11.46
CA ARG E 69 -18.48 -32.10 11.36
C ARG E 69 -17.15 -32.60 11.90
N LYS E 70 -17.08 -33.88 12.25
CA LYS E 70 -15.90 -34.44 12.91
C LYS E 70 -14.80 -34.85 11.92
N SER E 71 -15.14 -34.81 10.63
CA SER E 71 -14.21 -35.15 9.57
C SER E 71 -14.57 -34.39 8.29
N SER E 72 -13.63 -34.25 7.38
CA SER E 72 -13.91 -33.55 6.13
C SER E 72 -13.03 -34.12 5.04
N THR E 73 -13.31 -33.70 3.83
CA THR E 73 -12.62 -34.24 2.68
C THR E 73 -12.33 -33.12 1.67
N LEU E 74 -11.06 -32.97 1.30
CA LEU E 74 -10.74 -32.08 0.18
C LEU E 74 -10.78 -32.89 -1.09
N ILE E 75 -11.66 -32.52 -2.01
CA ILE E 75 -11.81 -33.24 -3.26
C ILE E 75 -11.21 -32.47 -4.43
N LEU E 76 -10.24 -33.08 -5.10
CA LEU E 76 -9.77 -32.63 -6.39
C LEU E 76 -10.48 -33.49 -7.43
N HIS E 77 -11.29 -32.85 -8.26
CA HIS E 77 -12.16 -33.61 -9.15
C HIS E 77 -11.37 -34.29 -10.27
N ARG E 78 -10.29 -33.68 -10.70
CA ARG E 78 -9.50 -34.22 -11.79
C ARG E 78 -8.02 -33.91 -11.56
N ALA E 79 -7.36 -34.72 -10.75
CA ALA E 79 -5.99 -34.45 -10.36
C ALA E 79 -5.05 -34.48 -11.55
N THR E 80 -4.24 -33.43 -11.71
CA THR E 80 -3.16 -33.46 -12.71
C THR E 80 -1.81 -33.62 -12.02
N LEU E 81 -0.75 -33.86 -12.79
CA LEU E 81 0.60 -33.94 -12.23
C LEU E 81 0.93 -32.67 -11.43
N ARG E 82 0.37 -31.54 -11.86
CA ARG E 82 0.59 -30.25 -11.21
C ARG E 82 -0.02 -30.14 -9.80
N ASP E 83 -0.94 -31.05 -9.46
CA ASP E 83 -1.59 -31.01 -8.15
C ASP E 83 -0.78 -31.77 -7.10
N ALA E 84 0.30 -32.42 -7.53
CA ALA E 84 1.22 -33.04 -6.59
C ALA E 84 1.69 -31.98 -5.61
N ALA E 85 1.52 -32.23 -4.32
CA ALA E 85 1.76 -31.19 -3.30
C ALA E 85 1.46 -31.68 -1.88
N VAL E 86 1.81 -30.88 -0.89
CA VAL E 86 1.35 -31.14 0.46
C VAL E 86 0.05 -30.41 0.74
N TYR E 87 -0.95 -31.13 1.24
CA TYR E 87 -2.24 -30.57 1.58
C TYR E 87 -2.45 -30.56 3.09
N TYR E 88 -2.61 -29.34 3.62
CA TYR E 88 -2.81 -29.09 5.04
C TYR E 88 -4.27 -28.84 5.35
N CYS E 89 -4.78 -29.60 6.32
CA CYS E 89 -6.12 -29.42 6.86
C CYS E 89 -5.96 -28.74 8.20
N ILE E 90 -6.55 -27.56 8.33
CA ILE E 90 -6.31 -26.67 9.47
C ILE E 90 -7.62 -26.39 10.21
N LEU E 91 -7.60 -26.51 11.54
CA LEU E 91 -8.80 -26.13 12.33
C LEU E 91 -8.49 -24.80 12.97
N ASP E 92 -9.41 -23.84 12.90
CA ASP E 92 -9.11 -22.51 13.40
C ASP E 92 -10.39 -21.77 13.79
N ASN E 93 -10.34 -21.03 14.89
CA ASN E 93 -11.49 -20.21 15.27
C ASN E 93 -11.10 -18.78 15.65
N ASN E 94 -9.81 -18.46 15.49
CA ASN E 94 -9.34 -17.15 15.93
C ASN E 94 -8.20 -16.55 15.10
N ASN E 95 -7.99 -17.09 13.90
CA ASN E 95 -6.91 -16.66 13.00
C ASN E 95 -5.51 -17.08 13.51
N ASP E 96 -5.46 -18.08 14.40
CA ASP E 96 -4.17 -18.61 14.85
C ASP E 96 -3.48 -19.30 13.68
N MET E 97 -4.29 -19.90 12.81
CA MET E 97 -3.82 -20.57 11.61
C MET E 97 -2.59 -21.50 11.86
N ARG E 98 -2.81 -22.52 12.70
CA ARG E 98 -1.75 -23.49 12.99
C ARG E 98 -1.76 -24.65 12.02
N PHE E 99 -0.59 -24.97 11.49
CA PHE E 99 -0.42 -26.03 10.51
C PHE E 99 0.03 -27.33 11.18
N GLY E 100 -0.40 -28.46 10.65
CA GLY E 100 0.12 -29.77 11.03
C GLY E 100 1.03 -30.23 9.90
N ALA E 101 1.43 -31.50 9.85
CA ALA E 101 2.34 -31.94 8.78
C ALA E 101 1.65 -32.11 7.41
N GLY E 102 0.34 -32.34 7.41
CA GLY E 102 -0.40 -32.42 6.16
C GLY E 102 -0.26 -33.75 5.46
N THR E 103 -0.82 -33.85 4.25
CA THR E 103 -0.69 -35.06 3.43
C THR E 103 0.09 -34.80 2.15
N ARG E 104 1.14 -35.56 1.92
CA ARG E 104 1.88 -35.41 0.67
C ARG E 104 1.19 -36.26 -0.39
N LEU E 105 0.66 -35.58 -1.39
CA LEU E 105 -0.01 -36.25 -2.49
C LEU E 105 0.90 -36.42 -3.68
N THR E 106 1.14 -37.68 -4.04
CA THR E 106 1.86 -37.95 -5.28
C THR E 106 0.84 -38.29 -6.35
N VAL E 107 1.09 -37.80 -7.56
CA VAL E 107 0.21 -38.10 -8.68
C VAL E 107 1.01 -38.88 -9.70
N LYS E 108 0.54 -40.09 -10.03
CA LYS E 108 1.24 -40.97 -10.97
C LYS E 108 0.71 -40.83 -12.39
N PRO E 109 1.62 -40.58 -13.33
CA PRO E 109 1.23 -40.50 -14.75
C PRO E 109 0.70 -41.86 -15.21
N ASN E 110 -0.20 -41.89 -16.18
CA ASN E 110 -0.65 -43.15 -16.74
C ASN E 110 0.23 -43.50 -17.94
N ILE E 111 1.25 -44.32 -17.72
CA ILE E 111 2.15 -44.66 -18.82
C ILE E 111 1.47 -45.56 -19.85
N GLN E 112 1.07 -45.01 -20.98
CA GLN E 112 0.36 -45.76 -22.01
C GLN E 112 1.13 -46.93 -22.57
N ASN E 113 2.28 -46.64 -23.12
CA ASN E 113 3.13 -47.65 -23.69
C ASN E 113 4.43 -47.79 -22.95
N PRO E 114 4.39 -48.57 -21.82
CA PRO E 114 5.66 -48.68 -21.09
C PRO E 114 6.75 -49.39 -21.87
N ASP E 115 8.00 -49.19 -21.49
CA ASP E 115 9.15 -49.76 -22.18
C ASP E 115 10.36 -49.64 -21.29
N PRO E 116 10.33 -50.37 -20.11
CA PRO E 116 11.49 -50.17 -19.22
C PRO E 116 12.83 -50.38 -19.86
N ALA E 117 13.81 -49.61 -19.45
CA ALA E 117 15.14 -49.74 -19.97
C ALA E 117 16.16 -49.07 -19.12
N VAL E 118 17.36 -49.62 -19.09
CA VAL E 118 18.47 -48.99 -18.39
C VAL E 118 19.55 -48.66 -19.43
N TYR E 119 19.76 -47.37 -19.67
CA TYR E 119 20.77 -46.92 -20.65
C TYR E 119 21.94 -46.28 -19.95
N GLN E 120 23.10 -46.35 -20.59
CA GLN E 120 24.28 -45.69 -20.05
C GLN E 120 24.60 -44.46 -20.89
N LEU E 121 24.86 -43.34 -20.22
CA LEU E 121 25.12 -42.07 -20.89
C LEU E 121 26.50 -41.55 -20.49
N ARG E 122 27.28 -41.08 -21.44
CA ARG E 122 28.60 -40.59 -21.13
C ARG E 122 28.69 -39.09 -21.07
N ASP E 123 29.64 -38.61 -20.29
CA ASP E 123 29.90 -37.19 -20.17
C ASP E 123 30.16 -36.56 -21.55
N SER E 124 29.66 -35.34 -21.73
CA SER E 124 29.85 -34.62 -22.97
C SER E 124 31.23 -33.97 -23.01
N LYS E 125 31.79 -33.75 -21.84
CA LYS E 125 33.14 -33.27 -21.76
C LYS E 125 33.78 -34.62 -21.65
N SER E 126 34.80 -34.90 -22.44
CA SER E 126 35.42 -36.24 -22.41
C SER E 126 35.95 -36.60 -21.05
N SER E 127 35.60 -37.79 -20.60
CA SER E 127 36.01 -38.26 -19.32
C SER E 127 35.67 -39.70 -19.13
N ASP E 128 36.05 -40.17 -17.97
CA ASP E 128 35.75 -41.50 -17.57
C ASP E 128 34.34 -41.54 -16.99
N LYS E 129 33.66 -40.41 -17.01
CA LYS E 129 32.36 -40.30 -16.40
C LYS E 129 31.12 -40.65 -17.19
N SER E 130 30.20 -41.27 -16.50
CA SER E 130 28.92 -41.60 -17.06
C SER E 130 27.88 -41.80 -15.99
N VAL E 131 26.63 -41.82 -16.40
CA VAL E 131 25.55 -42.12 -15.47
C VAL E 131 24.62 -43.18 -16.09
N CYS E 132 23.81 -43.79 -15.24
CA CYS E 132 22.83 -44.78 -15.65
C CYS E 132 21.41 -44.22 -15.57
N LEU E 133 20.65 -44.42 -16.63
CA LEU E 133 19.27 -43.93 -16.69
C LEU E 133 18.27 -45.09 -16.71
N PHE E 134 17.52 -45.24 -15.63
CA PHE E 134 16.39 -46.16 -15.66
C PHE E 134 15.16 -45.37 -16.10
N THR E 135 14.55 -45.76 -17.22
CA THR E 135 13.46 -44.97 -17.77
C THR E 135 12.34 -45.76 -18.47
N ASP E 136 11.20 -45.08 -18.62
CA ASP E 136 10.04 -45.54 -19.35
C ASP E 136 9.34 -46.71 -18.66
N PHE E 137 9.50 -46.81 -17.36
CA PHE E 137 8.82 -47.84 -16.62
C PHE E 137 7.45 -47.36 -16.16
N ASP E 138 6.65 -48.33 -15.73
CA ASP E 138 5.30 -48.15 -15.21
C ASP E 138 5.37 -47.34 -13.96
N SER E 139 4.33 -46.56 -13.69
CA SER E 139 4.28 -45.73 -12.50
C SER E 139 4.16 -46.52 -11.24
N GLN E 140 3.73 -47.75 -11.36
CA GLN E 140 3.59 -48.64 -10.21
C GLN E 140 4.95 -49.05 -9.66
N THR E 141 5.97 -48.96 -10.52
CA THR E 141 7.34 -49.34 -10.18
C THR E 141 8.00 -48.39 -9.20
N ASN E 142 8.56 -48.93 -8.12
CA ASN E 142 9.26 -48.12 -7.14
C ASN E 142 10.77 -48.23 -7.31
N VAL E 143 11.49 -47.20 -6.90
CA VAL E 143 12.94 -47.14 -7.07
C VAL E 143 13.65 -46.88 -5.74
N SER E 144 14.13 -47.96 -5.12
CA SER E 144 14.71 -47.86 -3.78
C SER E 144 16.06 -47.17 -3.78
N GLN E 145 16.30 -46.36 -2.75
CA GLN E 145 17.58 -45.69 -2.61
C GLN E 145 18.68 -46.75 -2.39
N SER E 146 19.93 -46.37 -2.57
CA SER E 146 21.05 -47.32 -2.55
C SER E 146 21.36 -47.92 -1.19
N LYS E 147 21.86 -49.16 -1.22
CA LYS E 147 22.36 -49.84 -0.04
C LYS E 147 23.83 -49.50 0.15
N ASP E 148 24.47 -49.11 -0.94
CA ASP E 148 25.89 -48.82 -0.94
C ASP E 148 26.15 -47.31 -0.81
N SER E 149 26.89 -46.93 0.22
CA SER E 149 27.30 -45.54 0.41
C SER E 149 27.98 -44.95 -0.83
N ASP E 150 28.74 -45.80 -1.53
CA ASP E 150 29.55 -45.36 -2.66
C ASP E 150 28.74 -45.22 -3.95
N VAL E 151 27.48 -45.63 -3.92
CA VAL E 151 26.63 -45.61 -5.09
C VAL E 151 25.38 -44.74 -4.90
N TYR E 152 25.01 -43.99 -5.93
CA TYR E 152 23.95 -43.00 -5.84
C TYR E 152 22.78 -43.29 -6.77
N ILE E 153 21.59 -43.39 -6.20
CA ILE E 153 20.36 -43.60 -6.97
C ILE E 153 19.31 -42.58 -6.56
N THR E 154 18.76 -41.87 -7.53
CA THR E 154 17.75 -40.88 -7.25
C THR E 154 16.37 -41.44 -7.19
N ASP E 155 15.47 -40.63 -6.70
CA ASP E 155 14.09 -40.98 -6.69
C ASP E 155 13.66 -40.84 -8.12
N LYS E 156 12.50 -41.32 -8.47
CA LYS E 156 12.02 -41.16 -9.80
C LYS E 156 11.34 -39.80 -10.00
N CYS E 157 11.49 -39.24 -11.20
CA CYS E 157 10.91 -37.95 -11.54
C CYS E 157 10.15 -38.13 -12.84
N VAL E 158 8.97 -37.53 -12.93
CA VAL E 158 8.17 -37.66 -14.12
C VAL E 158 8.39 -36.46 -15.00
N LEU E 159 8.60 -36.71 -16.29
CA LEU E 159 8.76 -35.62 -17.25
C LEU E 159 7.68 -35.70 -18.31
N ASP E 160 7.32 -34.54 -18.83
CA ASP E 160 6.18 -34.39 -19.68
C ASP E 160 6.62 -33.73 -20.96
N MET E 161 6.80 -34.51 -22.03
CA MET E 161 7.11 -33.92 -23.32
C MET E 161 5.79 -33.46 -23.93
N ARG E 162 5.45 -32.19 -23.72
CA ARG E 162 4.09 -31.73 -24.02
C ARG E 162 3.68 -31.81 -25.49
N SER E 163 4.56 -31.38 -26.40
CA SER E 163 4.21 -31.35 -27.82
C SER E 163 4.09 -32.75 -28.43
N MET E 164 4.59 -33.77 -27.74
CA MET E 164 4.40 -35.15 -28.20
C MET E 164 3.29 -35.87 -27.43
N ASP E 165 2.63 -35.17 -26.52
CA ASP E 165 1.66 -35.80 -25.61
C ASP E 165 2.24 -37.06 -25.00
N PHE E 166 3.49 -36.96 -24.54
CA PHE E 166 4.20 -38.12 -23.97
C PHE E 166 4.79 -37.82 -22.58
N LYS E 167 4.51 -38.70 -21.63
CA LYS E 167 5.04 -38.59 -20.27
C LYS E 167 5.86 -39.82 -19.98
N SER E 168 6.88 -39.69 -19.13
CA SER E 168 7.70 -40.85 -18.76
C SER E 168 8.41 -40.68 -17.41
N ASN E 169 8.55 -41.81 -16.73
CA ASN E 169 9.29 -41.87 -15.49
C ASN E 169 10.77 -42.14 -15.75
N SER E 170 11.61 -41.76 -14.79
CA SER E 170 13.03 -42.08 -14.85
C SER E 170 13.70 -41.87 -13.51
N ALA E 171 14.80 -42.58 -13.29
CA ALA E 171 15.67 -42.38 -12.15
C ALA E 171 17.10 -42.50 -12.64
N VAL E 172 18.01 -41.93 -11.88
CA VAL E 172 19.39 -41.81 -12.31
C VAL E 172 20.28 -42.44 -11.26
N ALA E 173 21.29 -43.18 -11.71
CA ALA E 173 22.26 -43.75 -10.81
C ALA E 173 23.66 -43.44 -11.32
N TRP E 174 24.60 -43.32 -10.40
CA TRP E 174 26.00 -43.15 -10.75
C TRP E 174 26.89 -43.49 -9.57
N SER E 175 28.17 -43.72 -9.87
CA SER E 175 29.17 -44.03 -8.87
C SER E 175 30.53 -43.76 -9.47
N ASN E 176 31.50 -43.44 -8.64
CA ASN E 176 32.88 -43.30 -9.09
C ASN E 176 33.73 -44.46 -8.59
N LYS E 177 33.07 -45.51 -8.10
CA LYS E 177 33.73 -46.79 -7.89
C LYS E 177 34.05 -47.41 -9.25
N SER E 178 35.28 -47.87 -9.41
CA SER E 178 35.79 -48.40 -10.69
C SER E 178 34.99 -49.58 -11.23
N ASP E 179 34.44 -50.40 -10.34
CA ASP E 179 33.81 -51.65 -10.74
C ASP E 179 32.31 -51.52 -11.01
N PHE E 180 31.76 -50.32 -10.85
CA PHE E 180 30.31 -50.11 -10.96
C PHE E 180 29.77 -50.28 -12.36
N ALA E 181 28.86 -51.25 -12.52
CA ALA E 181 28.15 -51.42 -13.77
C ALA E 181 26.68 -51.09 -13.54
N CYS E 182 25.97 -50.73 -14.60
CA CYS E 182 24.64 -50.19 -14.42
C CYS E 182 23.70 -51.19 -13.75
N ALA E 183 23.85 -52.47 -14.08
CA ALA E 183 23.06 -53.53 -13.46
C ALA E 183 23.21 -53.58 -11.92
N ASN E 184 24.29 -52.99 -11.41
CA ASN E 184 24.50 -52.90 -9.95
C ASN E 184 23.35 -52.19 -9.24
N ALA E 185 23.13 -50.93 -9.61
CA ALA E 185 22.07 -50.11 -9.05
C ALA E 185 20.73 -50.69 -9.40
N PHE E 186 20.49 -50.79 -10.71
CA PHE E 186 19.23 -51.27 -11.19
C PHE E 186 19.30 -52.80 -11.40
N ASN E 187 19.27 -53.52 -10.30
CA ASN E 187 19.25 -54.97 -10.33
C ASN E 187 17.80 -55.44 -10.37
N ASN E 188 17.57 -56.75 -10.29
CA ASN E 188 16.21 -57.26 -10.34
C ASN E 188 15.35 -57.02 -9.09
N SER E 189 15.91 -56.36 -8.09
CA SER E 189 15.16 -56.00 -6.90
C SER E 189 14.34 -54.75 -7.18
N ILE E 190 14.54 -54.18 -8.35
CA ILE E 190 13.86 -52.97 -8.75
C ILE E 190 13.28 -53.13 -10.11
N ILE E 191 14.09 -53.65 -11.00
CA ILE E 191 13.72 -53.81 -12.40
C ILE E 191 12.61 -54.84 -12.62
N PRO E 192 11.65 -54.52 -13.51
CA PRO E 192 10.67 -55.54 -13.89
C PRO E 192 11.24 -56.58 -14.86
N GLU E 193 10.37 -57.48 -15.29
CA GLU E 193 10.66 -58.36 -16.42
C GLU E 193 10.54 -57.58 -17.72
N ASP E 194 11.12 -58.10 -18.78
CA ASP E 194 11.01 -57.45 -20.05
C ASP E 194 11.82 -56.15 -20.09
N THR E 195 12.66 -55.91 -19.08
CA THR E 195 13.46 -54.69 -19.06
C THR E 195 14.57 -54.69 -20.09
N PHE E 196 14.48 -53.77 -21.02
CA PHE E 196 15.49 -53.64 -22.03
C PHE E 196 16.74 -53.15 -21.35
N PHE E 197 17.80 -53.91 -21.44
CA PHE E 197 19.01 -53.59 -20.76
C PHE E 197 20.20 -53.88 -21.64
N PRO E 198 20.41 -52.93 -22.62
CA PRO E 198 21.56 -53.20 -23.49
C PRO E 198 22.85 -53.01 -22.75
N SER E 199 23.93 -53.49 -23.34
CA SER E 199 25.25 -53.37 -22.75
C SER E 199 26.06 -52.24 -23.38
N GLY F 2 4.77 -3.89 -2.41
CA GLY F 2 3.60 -4.12 -1.60
C GLY F 2 2.48 -4.90 -2.28
N ALA F 3 2.75 -5.47 -3.46
CA ALA F 3 1.71 -6.21 -4.21
C ALA F 3 1.67 -7.71 -3.86
N GLY F 4 2.83 -8.31 -3.64
CA GLY F 4 2.88 -9.67 -3.13
C GLY F 4 3.64 -9.62 -1.82
N VAL F 5 3.62 -10.71 -1.05
CA VAL F 5 4.44 -10.71 0.14
C VAL F 5 5.88 -10.90 -0.32
N SER F 6 6.78 -10.09 0.21
CA SER F 6 8.18 -10.10 -0.23
C SER F 6 9.14 -10.29 0.93
N GLN F 7 10.00 -11.30 0.85
CA GLN F 7 11.01 -11.57 1.87
C GLN F 7 12.43 -11.43 1.33
N SER F 8 13.31 -10.90 2.17
CA SER F 8 14.74 -10.88 1.87
C SER F 8 15.56 -11.22 3.12
N PRO F 9 16.77 -11.80 2.94
CA PRO F 9 17.31 -12.30 1.67
C PRO F 9 16.64 -13.60 1.26
N ARG F 10 16.72 -13.97 -0.01
CA ARG F 10 16.10 -15.21 -0.49
C ARG F 10 16.78 -16.46 0.11
N TYR F 11 18.11 -16.41 0.17
CA TYR F 11 19.00 -17.42 0.78
C TYR F 11 19.98 -16.73 1.69
N LYS F 12 20.41 -17.40 2.76
CA LYS F 12 21.35 -16.80 3.68
C LYS F 12 22.22 -17.88 4.31
N VAL F 13 23.53 -17.77 4.13
CA VAL F 13 24.45 -18.64 4.86
C VAL F 13 24.87 -17.84 6.07
N THR F 14 24.73 -18.43 7.24
CA THR F 14 25.10 -17.73 8.46
C THR F 14 26.09 -18.58 9.23
N LYS F 15 27.12 -17.92 9.77
CA LYS F 15 28.11 -18.61 10.60
C LYS F 15 27.55 -18.89 12.00
N ARG F 16 27.53 -20.17 12.39
CA ARG F 16 27.05 -20.57 13.72
C ARG F 16 27.67 -19.67 14.80
N GLY F 17 26.84 -19.01 15.58
CA GLY F 17 27.32 -18.08 16.59
C GLY F 17 26.99 -16.64 16.27
N GLN F 18 26.83 -16.31 14.99
CA GLN F 18 26.52 -14.94 14.54
C GLN F 18 25.03 -14.63 14.54
N ASP F 19 24.69 -13.34 14.56
CA ASP F 19 23.29 -12.90 14.49
C ASP F 19 22.79 -12.90 13.04
N VAL F 20 21.49 -13.10 12.85
CA VAL F 20 20.88 -12.96 11.51
C VAL F 20 19.58 -12.19 11.58
N ALA F 21 19.35 -11.31 10.61
CA ALA F 21 18.08 -10.61 10.51
C ALA F 21 17.35 -10.97 9.21
N LEU F 22 16.10 -11.37 9.34
CA LEU F 22 15.30 -11.73 8.18
C LEU F 22 14.17 -10.73 8.04
N ARG F 23 13.94 -10.27 6.83
CA ARG F 23 12.93 -9.26 6.58
C ARG F 23 11.70 -9.64 5.74
N CYS F 24 10.57 -9.08 6.11
CA CYS F 24 9.33 -9.31 5.41
C CYS F 24 8.62 -8.03 5.10
N ASP F 25 8.18 -7.93 3.87
CA ASP F 25 7.44 -6.82 3.38
C ASP F 25 6.11 -7.37 2.97
N PRO F 26 5.09 -7.05 3.85
CA PRO F 26 3.78 -7.60 3.49
C PRO F 26 3.05 -6.91 2.37
N ILE F 27 1.98 -7.52 1.89
CA ILE F 27 1.15 -6.86 0.89
C ILE F 27 0.65 -5.52 1.47
N SER F 28 0.68 -4.46 0.65
CA SER F 28 0.33 -3.10 1.10
C SER F 28 -1.01 -3.02 1.77
N GLY F 29 -1.02 -2.46 2.97
CA GLY F 29 -2.27 -2.26 3.71
C GLY F 29 -2.72 -3.47 4.53
N HIS F 30 -2.01 -4.59 4.40
CA HIS F 30 -2.40 -5.77 5.15
C HIS F 30 -2.17 -5.57 6.65
N VAL F 31 -3.24 -5.71 7.42
CA VAL F 31 -3.13 -5.47 8.86
C VAL F 31 -2.37 -6.58 9.59
N SER F 32 -2.58 -7.83 9.20
CA SER F 32 -2.01 -8.96 9.94
C SER F 32 -0.72 -9.48 9.29
N LEU F 33 0.25 -9.84 10.11
CA LEU F 33 1.49 -10.45 9.65
C LEU F 33 1.89 -11.64 10.53
N TYR F 34 2.20 -12.77 9.89
CA TYR F 34 2.66 -13.99 10.54
C TYR F 34 4.10 -14.33 10.17
N TRP F 35 4.83 -14.91 11.12
CA TRP F 35 6.08 -15.59 10.82
C TRP F 35 5.92 -17.07 11.13
N TYR F 36 6.33 -17.91 10.18
CA TYR F 36 6.45 -19.34 10.38
C TYR F 36 7.89 -19.75 10.06
N ARG F 37 8.25 -20.98 10.43
CA ARG F 37 9.45 -21.56 9.85
C ARG F 37 9.15 -22.98 9.49
N GLN F 38 9.90 -23.52 8.54
CA GLN F 38 9.56 -24.85 8.07
C GLN F 38 10.79 -25.72 7.89
N ALA F 39 10.70 -26.93 8.44
CA ALA F 39 11.78 -27.94 8.38
C ALA F 39 11.47 -28.95 7.28
N LEU F 40 12.47 -29.72 6.88
CA LEU F 40 12.26 -30.67 5.80
C LEU F 40 11.21 -31.71 6.21
N GLY F 41 10.25 -31.94 5.33
CA GLY F 41 9.21 -32.93 5.54
C GLY F 41 8.20 -32.57 6.62
N GLN F 42 8.32 -31.37 7.16
CA GLN F 42 7.43 -30.89 8.21
C GLN F 42 6.58 -29.75 7.68
N GLY F 43 5.49 -29.44 8.38
CA GLY F 43 4.60 -28.37 7.98
C GLY F 43 5.08 -27.05 8.57
N PRO F 44 4.47 -25.93 8.15
CA PRO F 44 4.88 -24.66 8.74
C PRO F 44 4.69 -24.66 10.27
N GLU F 45 5.70 -24.17 10.98
CA GLU F 45 5.69 -24.07 12.44
C GLU F 45 5.47 -22.62 12.81
N PHE F 46 4.40 -22.34 13.56
CA PHE F 46 4.08 -20.96 13.87
C PHE F 46 5.12 -20.34 14.79
N LEU F 47 5.54 -19.12 14.47
CA LEU F 47 6.48 -18.39 15.33
C LEU F 47 5.83 -17.23 16.06
N THR F 48 5.33 -16.26 15.30
CA THR F 48 4.72 -15.08 15.88
C THR F 48 3.75 -14.42 14.90
N TYR F 49 2.87 -13.61 15.45
CA TYR F 49 1.77 -12.94 14.76
C TYR F 49 1.52 -11.50 15.18
N PHE F 50 1.32 -10.61 14.23
CA PHE F 50 1.07 -9.21 14.48
C PHE F 50 -0.25 -8.69 13.88
N ASN F 51 -0.77 -7.62 14.45
CA ASN F 51 -1.91 -6.83 13.99
C ASN F 51 -1.32 -5.45 14.12
N TYR F 52 -1.26 -4.68 13.04
CA TYR F 52 -0.53 -3.43 13.05
C TYR F 52 0.85 -3.70 13.65
N GLU F 53 1.32 -2.84 14.55
CA GLU F 53 2.64 -2.99 15.15
C GLU F 53 2.68 -3.96 16.34
N ALA F 54 1.51 -4.42 16.80
CA ALA F 54 1.46 -5.18 18.05
C ALA F 54 1.57 -6.69 17.83
N GLN F 55 2.44 -7.35 18.58
CA GLN F 55 2.55 -8.79 18.55
C GLN F 55 1.45 -9.45 19.38
N GLN F 56 0.35 -9.81 18.73
CA GLN F 56 -0.81 -10.40 19.41
C GLN F 56 -0.51 -11.81 19.95
N ASP F 57 0.50 -12.46 19.39
CA ASP F 57 0.85 -13.83 19.79
C ASP F 57 2.28 -14.16 19.38
N LYS F 58 3.14 -14.41 20.37
CA LYS F 58 4.52 -14.81 20.10
C LYS F 58 4.89 -16.12 20.81
N SER F 59 3.89 -16.93 21.12
CA SER F 59 4.08 -18.21 21.80
C SER F 59 4.91 -19.21 20.99
N GLY F 60 5.11 -18.92 19.70
CA GLY F 60 5.80 -19.84 18.83
C GLY F 60 7.31 -19.66 18.77
N LEU F 61 7.80 -18.52 19.27
CA LEU F 61 9.24 -18.28 19.30
C LEU F 61 9.90 -19.36 20.16
N PRO F 62 10.87 -20.10 19.58
CA PRO F 62 11.44 -21.27 20.24
C PRO F 62 12.27 -20.95 21.47
N ASN F 63 12.89 -19.77 21.52
CA ASN F 63 13.65 -19.35 22.70
C ASN F 63 13.97 -17.87 22.61
N ASP F 64 14.65 -17.34 23.62
CA ASP F 64 14.86 -15.88 23.72
C ASP F 64 15.92 -15.35 22.77
N ARG F 65 16.51 -16.24 21.97
CA ARG F 65 17.41 -15.80 20.91
C ARG F 65 16.61 -15.25 19.75
N PHE F 66 15.32 -15.61 19.69
CA PHE F 66 14.43 -15.21 18.60
C PHE F 66 13.56 -14.03 18.99
N SER F 67 13.53 -13.00 18.15
CA SER F 67 12.61 -11.90 18.43
C SER F 67 12.22 -11.16 17.15
N ALA F 68 11.04 -10.54 17.14
CA ALA F 68 10.58 -9.84 15.95
C ALA F 68 9.97 -8.51 16.26
N GLU F 69 9.92 -7.67 15.25
CA GLU F 69 9.31 -6.38 15.40
C GLU F 69 8.65 -6.00 14.08
N ARG F 70 7.81 -4.98 14.15
CA ARG F 70 7.08 -4.47 13.00
C ARG F 70 6.66 -3.06 13.35
N PRO F 71 7.67 -2.18 13.56
CA PRO F 71 7.52 -0.89 14.24
C PRO F 71 6.56 0.09 13.56
N GLU F 72 6.32 -0.08 12.27
CA GLU F 72 5.41 0.81 11.57
C GLU F 72 4.10 0.11 11.22
N GLY F 73 3.92 -1.13 11.65
CA GLY F 73 2.77 -1.90 11.23
C GLY F 73 2.81 -2.28 9.76
N SER F 74 3.99 -2.21 9.14
CA SER F 74 4.13 -2.72 7.77
C SER F 74 5.25 -3.76 7.73
N ILE F 75 6.46 -3.29 7.50
CA ILE F 75 7.61 -4.16 7.37
C ILE F 75 7.92 -4.83 8.69
N SER F 76 8.27 -6.11 8.66
CA SER F 76 8.64 -6.81 9.87
C SER F 76 10.01 -7.44 9.76
N THR F 77 10.77 -7.41 10.85
CA THR F 77 12.08 -8.07 10.90
C THR F 77 12.12 -9.12 12.01
N LEU F 78 12.52 -10.33 11.64
CA LEU F 78 12.74 -11.39 12.60
C LEU F 78 14.23 -11.49 12.80
N THR F 79 14.67 -11.35 14.05
CA THR F 79 16.09 -11.40 14.36
C THR F 79 16.43 -12.60 15.22
N ILE F 80 17.46 -13.32 14.80
CA ILE F 80 17.92 -14.50 15.52
C ILE F 80 19.35 -14.25 16.00
N GLN F 81 19.52 -14.16 17.31
CA GLN F 81 20.85 -13.93 17.87
C GLN F 81 21.57 -15.24 18.09
N ARG F 82 22.90 -15.19 17.96
CA ARG F 82 23.74 -16.31 18.32
C ARG F 82 23.23 -17.60 17.69
N THR F 83 23.13 -17.60 16.37
CA THR F 83 22.53 -18.72 15.65
C THR F 83 23.13 -20.04 16.07
N GLU F 84 22.31 -21.08 16.04
CA GLU F 84 22.79 -22.44 16.15
C GLU F 84 22.35 -23.21 14.90
N GLN F 85 23.03 -24.30 14.61
CA GLN F 85 22.74 -25.08 13.45
C GLN F 85 21.29 -25.47 13.35
N ARG F 86 20.68 -25.74 14.49
CA ARG F 86 19.29 -26.15 14.56
C ARG F 86 18.33 -25.04 14.18
N ASP F 87 18.79 -23.82 14.15
CA ASP F 87 18.01 -22.67 13.70
C ASP F 87 17.74 -22.73 12.19
N SER F 88 18.51 -23.55 11.49
CA SER F 88 18.44 -23.65 10.04
C SER F 88 17.05 -24.11 9.61
N ALA F 89 16.47 -23.39 8.66
CA ALA F 89 15.11 -23.69 8.19
C ALA F 89 14.72 -22.73 7.09
N MET F 90 13.55 -22.94 6.54
CA MET F 90 12.99 -22.03 5.61
C MET F 90 12.06 -21.13 6.45
N TYR F 91 12.36 -19.86 6.53
CA TYR F 91 11.53 -18.94 7.26
C TYR F 91 10.53 -18.31 6.33
N ARG F 92 9.25 -18.40 6.65
CA ARG F 92 8.19 -17.85 5.82
C ARG F 92 7.26 -16.85 6.48
N CYS F 93 6.87 -15.42 6.04
CA CYS F 93 5.83 -14.55 6.57
C CYS F 93 4.63 -14.73 5.72
N ALA F 94 3.53 -14.37 6.25
CA ALA F 94 2.38 -14.37 5.48
C ALA F 94 1.70 -13.12 5.98
N SER F 95 0.82 -12.57 5.17
CA SER F 95 0.08 -11.42 5.55
C SER F 95 -1.38 -11.65 5.20
N SER F 96 -2.24 -10.97 5.90
CA SER F 96 -3.65 -11.04 5.62
C SER F 96 -4.24 -9.65 5.78
N LEU F 97 -5.28 -9.39 5.02
CA LEU F 97 -5.93 -8.08 5.01
C LEU F 97 -6.29 -7.60 6.42
N ALA F 98 -6.93 -8.47 7.20
CA ALA F 98 -7.46 -8.09 8.51
C ALA F 98 -7.74 -9.31 9.37
N PRO F 99 -7.71 -9.14 10.70
CA PRO F 99 -8.11 -10.26 11.57
C PRO F 99 -9.61 -10.41 11.58
N GLY F 100 -10.10 -11.54 12.06
CA GLY F 100 -11.51 -11.65 12.39
C GLY F 100 -12.26 -12.64 11.55
N THR F 101 -13.56 -12.67 11.78
CA THR F 101 -14.41 -13.74 11.27
C THR F 101 -14.59 -13.70 9.78
N THR F 102 -14.17 -12.63 9.13
CA THR F 102 -14.29 -12.62 7.67
C THR F 102 -13.23 -13.58 7.09
N ASN F 103 -12.29 -14.02 7.91
CA ASN F 103 -11.33 -15.04 7.50
C ASN F 103 -10.60 -14.64 6.21
N GLU F 104 -9.97 -13.48 6.27
CA GLU F 104 -9.22 -12.96 5.14
C GLU F 104 -8.08 -13.94 4.88
N LYS F 105 -7.86 -14.35 3.63
CA LYS F 105 -6.91 -15.43 3.39
C LYS F 105 -5.47 -14.97 3.70
N LEU F 106 -4.63 -15.92 4.11
CA LEU F 106 -3.23 -15.69 4.33
C LEU F 106 -2.52 -15.77 2.99
N PHE F 107 -1.72 -14.77 2.67
CA PHE F 107 -0.78 -14.82 1.54
C PHE F 107 0.65 -15.08 2.04
N PHE F 108 1.33 -16.06 1.47
CA PHE F 108 2.69 -16.37 1.91
C PHE F 108 3.80 -15.82 1.00
N GLY F 109 4.90 -15.43 1.59
CA GLY F 109 6.04 -14.94 0.88
C GLY F 109 6.78 -16.06 0.22
N SER F 110 7.87 -15.76 -0.44
CA SER F 110 8.63 -16.76 -1.10
C SER F 110 9.53 -17.46 -0.14
N GLY F 111 9.85 -16.80 0.94
CA GLY F 111 10.65 -17.38 1.99
C GLY F 111 12.11 -17.06 2.03
N THR F 112 12.72 -17.29 3.16
CA THR F 112 14.16 -17.09 3.33
C THR F 112 14.77 -18.40 3.78
N GLN F 113 15.64 -18.99 2.95
CA GLN F 113 16.28 -20.22 3.39
C GLN F 113 17.50 -19.86 4.21
N LEU F 114 17.43 -20.08 5.53
CA LEU F 114 18.55 -19.80 6.43
C LEU F 114 19.32 -21.08 6.68
N SER F 115 20.60 -21.08 6.34
CA SER F 115 21.45 -22.23 6.59
C SER F 115 22.55 -21.79 7.52
N VAL F 116 22.53 -22.29 8.76
CA VAL F 116 23.55 -21.90 9.74
C VAL F 116 24.62 -22.98 9.74
N LEU F 117 25.88 -22.58 9.54
CA LEU F 117 26.95 -23.56 9.35
C LEU F 117 28.06 -23.36 10.37
N GLU F 118 28.59 -24.47 10.88
CA GLU F 118 29.63 -24.39 11.89
C GLU F 118 30.87 -23.74 11.30
N ASP F 119 31.17 -24.11 10.06
CA ASP F 119 32.41 -23.75 9.39
C ASP F 119 32.12 -23.29 7.97
N LEU F 120 32.38 -22.01 7.69
CA LEU F 120 32.12 -21.48 6.35
C LEU F 120 33.07 -22.05 5.28
N ASN F 121 34.15 -22.70 5.73
CA ASN F 121 35.11 -23.35 4.83
C ASN F 121 34.49 -24.58 4.19
N LYS F 122 33.31 -24.97 4.66
CA LYS F 122 32.61 -26.12 4.13
C LYS F 122 31.68 -25.75 2.97
N VAL F 123 31.58 -24.46 2.69
CA VAL F 123 30.77 -23.97 1.57
C VAL F 123 31.46 -24.22 0.23
N PHE F 124 30.80 -24.94 -0.69
CA PHE F 124 31.34 -25.18 -2.05
C PHE F 124 30.27 -24.89 -3.09
N PRO F 125 30.67 -24.31 -4.21
CA PRO F 125 29.76 -24.09 -5.31
C PRO F 125 29.52 -25.41 -6.01
N PRO F 126 28.48 -25.51 -6.91
CA PRO F 126 28.37 -26.83 -7.55
C PRO F 126 29.33 -26.95 -8.74
N GLU F 127 29.62 -28.16 -9.16
CA GLU F 127 30.36 -28.47 -10.36
C GLU F 127 29.22 -29.10 -11.16
N VAL F 128 29.07 -28.77 -12.43
CA VAL F 128 28.00 -29.25 -13.28
C VAL F 128 28.57 -30.05 -14.46
N ALA F 129 27.93 -31.17 -14.79
CA ALA F 129 28.26 -31.95 -15.99
C ALA F 129 27.00 -32.35 -16.73
N VAL F 130 27.06 -32.29 -18.06
CA VAL F 130 25.97 -32.81 -18.86
C VAL F 130 26.38 -34.11 -19.53
N PHE F 131 25.49 -35.09 -19.49
CA PHE F 131 25.75 -36.40 -20.05
C PHE F 131 24.86 -36.59 -21.28
N GLU F 132 25.48 -36.91 -22.40
CA GLU F 132 24.78 -36.98 -23.68
C GLU F 132 23.90 -38.21 -23.75
N PRO F 133 22.85 -38.14 -24.57
CA PRO F 133 21.88 -39.24 -24.76
C PRO F 133 22.52 -40.55 -25.23
N SER F 134 21.98 -41.66 -24.75
CA SER F 134 22.41 -42.99 -25.14
C SER F 134 22.04 -43.32 -26.56
N GLU F 135 23.03 -43.80 -27.31
CA GLU F 135 22.80 -44.30 -28.66
C GLU F 135 21.64 -45.29 -28.67
N ALA F 136 21.65 -46.22 -27.73
CA ALA F 136 20.62 -47.25 -27.65
C ALA F 136 19.22 -46.65 -27.46
N GLU F 137 19.11 -45.65 -26.59
CA GLU F 137 17.82 -45.03 -26.34
C GLU F 137 17.26 -44.45 -27.63
N ILE F 138 18.09 -43.74 -28.36
CA ILE F 138 17.65 -43.12 -29.60
C ILE F 138 17.11 -44.16 -30.58
N SER F 139 17.80 -45.30 -30.68
CA SER F 139 17.42 -46.29 -31.68
C SER F 139 16.22 -47.06 -31.18
N HIS F 140 16.14 -47.27 -29.87
CA HIS F 140 15.04 -48.00 -29.27
C HIS F 140 13.72 -47.21 -29.16
N THR F 141 13.79 -45.87 -29.08
CA THR F 141 12.59 -45.06 -28.82
C THR F 141 12.43 -43.81 -29.67
N GLN F 142 13.44 -43.46 -30.45
CA GLN F 142 13.40 -42.22 -31.21
C GLN F 142 13.30 -40.99 -30.31
N LYS F 143 13.70 -41.14 -29.05
CA LYS F 143 13.85 -40.04 -28.13
C LYS F 143 15.27 -40.00 -27.56
N ALA F 144 15.65 -38.85 -27.02
CA ALA F 144 17.00 -38.64 -26.49
C ALA F 144 16.96 -37.91 -25.15
N THR F 145 17.38 -38.57 -24.09
CA THR F 145 17.39 -38.00 -22.76
C THR F 145 18.79 -37.55 -22.34
N LEU F 146 18.96 -36.24 -22.14
CA LEU F 146 20.17 -35.70 -21.54
C LEU F 146 20.08 -35.74 -20.03
N VAL F 147 21.22 -35.90 -19.37
CA VAL F 147 21.23 -35.82 -17.91
C VAL F 147 22.22 -34.80 -17.44
N CYS F 148 21.78 -33.95 -16.52
CA CYS F 148 22.67 -33.01 -15.86
C CYS F 148 22.89 -33.44 -14.41
N LEU F 149 24.14 -33.34 -13.99
CA LEU F 149 24.52 -33.65 -12.62
C LEU F 149 25.19 -32.44 -12.01
N ALA F 150 24.62 -31.94 -10.92
CA ALA F 150 25.25 -30.91 -10.12
C ALA F 150 25.86 -31.59 -8.91
N THR F 151 27.17 -31.46 -8.74
CA THR F 151 27.89 -32.23 -7.72
C THR F 151 28.69 -31.37 -6.78
N GLY F 152 28.94 -31.91 -5.59
CA GLY F 152 29.82 -31.30 -4.61
C GLY F 152 29.45 -29.97 -4.01
N PHE F 153 28.17 -29.60 -3.98
CA PHE F 153 27.82 -28.27 -3.50
C PHE F 153 27.37 -28.30 -2.02
N TYR F 154 27.53 -27.19 -1.34
CA TYR F 154 27.11 -27.08 0.06
C TYR F 154 27.07 -25.62 0.47
N PRO F 155 25.99 -25.19 1.14
CA PRO F 155 24.83 -26.02 1.53
C PRO F 155 23.87 -26.23 0.34
N ASP F 156 22.69 -26.75 0.60
CA ASP F 156 21.76 -27.03 -0.50
C ASP F 156 21.07 -25.75 -0.94
N HIS F 157 21.82 -24.87 -1.60
CA HIS F 157 21.25 -23.63 -2.12
C HIS F 157 21.35 -23.61 -3.64
N VAL F 158 20.70 -24.53 -4.34
CA VAL F 158 20.80 -24.51 -5.80
C VAL F 158 19.46 -24.41 -6.51
N GLU F 159 19.50 -23.76 -7.66
CA GLU F 159 18.35 -23.73 -8.55
C GLU F 159 18.84 -24.11 -9.91
N LEU F 160 18.27 -25.19 -10.44
CA LEU F 160 18.75 -25.80 -11.68
C LEU F 160 17.74 -25.60 -12.80
N SER F 161 18.23 -25.19 -13.96
CA SER F 161 17.37 -24.98 -15.11
C SER F 161 18.09 -25.37 -16.42
N TRP F 162 17.32 -25.73 -17.42
CA TRP F 162 17.86 -26.09 -18.72
C TRP F 162 17.61 -24.95 -19.68
N TRP F 163 18.58 -24.70 -20.55
CA TRP F 163 18.45 -23.68 -21.58
C TRP F 163 18.83 -24.29 -22.92
N VAL F 164 17.94 -24.19 -23.87
CA VAL F 164 18.12 -24.82 -25.18
C VAL F 164 18.07 -23.73 -26.22
N ASN F 165 19.12 -23.61 -26.99
CA ASN F 165 19.22 -22.56 -27.95
C ASN F 165 18.93 -21.23 -27.26
N GLY F 166 19.40 -21.08 -26.04
CA GLY F 166 19.24 -19.88 -25.28
C GLY F 166 17.91 -19.54 -24.65
N LYS F 167 16.95 -20.43 -24.73
CA LYS F 167 15.64 -20.22 -24.15
C LYS F 167 15.38 -21.26 -23.08
N GLU F 168 14.89 -20.85 -21.93
CA GLU F 168 14.66 -21.80 -20.84
C GLU F 168 13.63 -22.84 -21.26
N VAL F 169 13.86 -24.09 -20.90
CA VAL F 169 12.93 -25.14 -21.29
C VAL F 169 12.22 -25.65 -20.05
N HIS F 170 10.93 -25.92 -20.19
CA HIS F 170 10.14 -26.48 -19.09
C HIS F 170 9.59 -27.84 -19.50
N SER F 171 9.09 -27.92 -20.72
CA SER F 171 8.61 -29.18 -21.26
C SER F 171 9.73 -30.22 -21.32
N GLY F 172 9.40 -31.45 -21.02
CA GLY F 172 10.33 -32.52 -21.07
C GLY F 172 11.41 -32.57 -20.03
N VAL F 173 11.20 -31.86 -18.95
CA VAL F 173 12.14 -31.78 -17.86
C VAL F 173 11.59 -32.34 -16.54
N CYS F 174 12.50 -32.92 -15.76
CA CYS F 174 12.23 -33.51 -14.47
C CYS F 174 13.51 -33.42 -13.64
N THR F 175 13.44 -32.75 -12.50
CA THR F 175 14.59 -32.54 -11.62
C THR F 175 14.35 -33.17 -10.25
N ASP F 176 15.34 -33.87 -9.67
CA ASP F 176 15.12 -34.47 -8.34
C ASP F 176 14.55 -33.41 -7.41
N PRO F 177 13.50 -33.78 -6.64
CA PRO F 177 12.90 -32.89 -5.63
C PRO F 177 13.88 -32.54 -4.51
N GLN F 178 14.73 -33.50 -4.15
CA GLN F 178 15.78 -33.26 -3.16
C GLN F 178 17.10 -33.81 -3.67
N PRO F 179 18.19 -33.25 -3.19
CA PRO F 179 19.52 -33.75 -3.55
C PRO F 179 19.93 -34.94 -2.69
N LEU F 180 21.02 -35.59 -3.02
CA LEU F 180 21.53 -36.71 -2.27
C LEU F 180 22.81 -36.32 -1.57
N LYS F 181 22.99 -36.76 -0.33
CA LYS F 181 24.23 -36.53 0.40
C LYS F 181 25.34 -37.34 -0.25
N GLU F 182 26.44 -36.69 -0.61
CA GLU F 182 27.54 -37.42 -1.24
C GLU F 182 28.20 -38.36 -0.23
N GLN F 183 28.34 -37.89 1.01
CA GLN F 183 28.81 -38.70 2.13
C GLN F 183 27.77 -38.70 3.23
N PRO F 184 26.85 -39.68 3.18
CA PRO F 184 25.66 -39.80 4.03
C PRO F 184 25.97 -39.76 5.53
N ALA F 185 27.18 -40.16 5.91
CA ALA F 185 27.57 -40.20 7.32
C ALA F 185 27.80 -38.81 7.90
N LEU F 186 28.44 -37.93 7.12
CA LEU F 186 28.79 -36.59 7.56
C LEU F 186 27.59 -35.66 7.62
N ASN F 187 27.57 -34.78 8.61
CA ASN F 187 26.48 -33.83 8.79
C ASN F 187 26.65 -32.60 7.91
N ASP F 188 27.87 -32.34 7.50
CA ASP F 188 28.10 -31.27 6.54
C ASP F 188 28.44 -31.87 5.16
N SER F 189 27.86 -33.03 4.86
CA SER F 189 28.10 -33.68 3.58
C SER F 189 27.77 -32.72 2.44
N ARG F 190 28.57 -32.77 1.38
CA ARG F 190 28.23 -32.03 0.18
C ARG F 190 27.15 -32.77 -0.58
N TYR F 191 26.50 -32.06 -1.49
CA TYR F 191 25.32 -32.61 -2.17
C TYR F 191 25.49 -32.84 -3.67
N ALA F 192 24.60 -33.66 -4.22
CA ALA F 192 24.51 -33.92 -5.64
C ALA F 192 23.07 -33.91 -6.06
N LEU F 193 22.79 -33.28 -7.20
CA LEU F 193 21.42 -33.21 -7.71
C LEU F 193 21.40 -33.54 -9.18
N SER F 194 20.45 -34.36 -9.62
CA SER F 194 20.33 -34.70 -11.05
C SER F 194 19.07 -34.14 -11.68
N SER F 195 19.15 -33.88 -12.98
CA SER F 195 17.99 -33.47 -13.75
C SER F 195 18.03 -34.14 -15.12
N ARG F 196 16.89 -34.26 -15.75
CA ARG F 196 16.81 -34.84 -17.06
C ARG F 196 16.03 -33.97 -18.05
N LEU F 197 16.51 -33.87 -19.27
CA LEU F 197 15.76 -33.19 -20.33
C LEU F 197 15.63 -34.14 -21.51
N ARG F 198 14.38 -34.41 -21.90
CA ARG F 198 14.14 -35.36 -22.98
C ARG F 198 13.65 -34.61 -24.21
N VAL F 199 14.27 -34.87 -25.34
CA VAL F 199 13.83 -34.31 -26.62
C VAL F 199 13.66 -35.43 -27.64
N SER F 200 13.24 -35.07 -28.85
CA SER F 200 13.16 -36.02 -29.96
C SER F 200 14.56 -36.36 -30.46
N ALA F 201 14.71 -37.58 -30.99
CA ALA F 201 15.95 -38.00 -31.61
C ALA F 201 16.44 -36.98 -32.63
N THR F 202 15.52 -36.48 -33.45
CA THR F 202 15.88 -35.52 -34.49
C THR F 202 16.39 -34.21 -33.91
N PHE F 203 15.78 -33.76 -32.82
CA PHE F 203 16.21 -32.51 -32.23
C PHE F 203 17.64 -32.69 -31.68
N TRP F 204 17.89 -33.83 -31.05
CA TRP F 204 19.22 -34.07 -30.53
C TRP F 204 20.26 -34.25 -31.64
N GLN F 205 19.87 -34.86 -32.75
CA GLN F 205 20.87 -35.21 -33.79
C GLN F 205 21.22 -34.01 -34.67
N ASN F 206 20.53 -32.90 -34.44
CA ASN F 206 20.78 -31.65 -35.14
C ASN F 206 21.90 -30.85 -34.46
N PRO F 207 23.08 -30.81 -35.08
CA PRO F 207 24.29 -30.24 -34.49
C PRO F 207 24.22 -28.75 -34.17
N ARG F 208 23.24 -28.02 -34.71
CA ARG F 208 23.11 -26.60 -34.40
C ARG F 208 22.29 -26.35 -33.13
N ASN F 209 21.72 -27.39 -32.55
CA ASN F 209 20.95 -27.21 -31.31
C ASN F 209 21.87 -27.22 -30.10
N HIS F 210 21.71 -26.22 -29.23
CA HIS F 210 22.56 -26.06 -28.04
C HIS F 210 21.79 -26.28 -26.73
N PHE F 211 22.35 -27.16 -25.89
CA PHE F 211 21.77 -27.55 -24.62
C PHE F 211 22.66 -27.11 -23.47
N ARG F 212 22.13 -26.32 -22.55
CA ARG F 212 22.90 -25.89 -21.40
C ARG F 212 22.18 -26.21 -20.11
N CYS F 213 22.86 -26.87 -19.19
CA CYS F 213 22.32 -27.09 -17.87
C CYS F 213 22.85 -25.99 -16.97
N GLN F 214 21.96 -25.17 -16.43
CA GLN F 214 22.37 -24.06 -15.59
C GLN F 214 22.09 -24.31 -14.11
N VAL F 215 23.09 -24.11 -13.26
CA VAL F 215 22.86 -24.17 -11.82
C VAL F 215 23.22 -22.87 -11.13
N GLN F 216 22.19 -22.13 -10.70
CA GLN F 216 22.37 -20.95 -9.85
C GLN F 216 22.66 -21.43 -8.43
N PHE F 217 23.71 -20.91 -7.82
CA PHE F 217 24.13 -21.29 -6.46
C PHE F 217 24.08 -20.05 -5.63
N TYR F 218 23.62 -20.14 -4.38
CA TYR F 218 23.66 -18.97 -3.50
C TYR F 218 24.59 -19.30 -2.34
N GLY F 219 25.65 -18.53 -2.20
CA GLY F 219 26.72 -18.92 -1.29
C GLY F 219 27.00 -17.83 -0.29
N LEU F 220 28.26 -17.50 -0.12
CA LEU F 220 28.65 -16.45 0.83
C LEU F 220 28.38 -15.09 0.21
N SER F 221 28.26 -14.05 1.05
CA SER F 221 27.99 -12.71 0.54
C SER F 221 29.29 -11.92 0.51
N GLU F 222 29.21 -10.66 0.06
CA GLU F 222 30.38 -9.78 0.05
C GLU F 222 31.04 -9.66 1.42
N ASN F 223 30.21 -9.37 2.43
CA ASN F 223 30.72 -9.04 3.75
C ASN F 223 31.23 -10.25 4.51
N ASP F 224 31.02 -11.44 3.97
CA ASP F 224 31.60 -12.64 4.58
C ASP F 224 33.11 -12.64 4.35
N GLU F 225 33.86 -13.10 5.34
CA GLU F 225 35.30 -13.13 5.22
C GLU F 225 35.76 -14.37 4.46
N TRP F 226 36.92 -14.29 3.81
CA TRP F 226 37.46 -15.47 3.12
C TRP F 226 38.98 -15.43 3.07
N THR F 227 39.63 -16.38 3.75
CA THR F 227 41.09 -16.49 3.80
C THR F 227 41.63 -17.50 2.79
N GLN F 228 41.00 -18.67 2.73
CA GLN F 228 41.50 -19.81 1.96
C GLN F 228 41.87 -19.51 0.52
N ASP F 229 42.69 -20.38 -0.06
CA ASP F 229 43.25 -20.17 -1.39
C ASP F 229 42.22 -20.34 -2.49
N ARG F 230 41.25 -21.23 -2.28
CA ARG F 230 40.25 -21.45 -3.31
C ARG F 230 39.38 -20.21 -3.47
N ALA F 231 38.85 -20.02 -4.67
CA ALA F 231 38.00 -18.86 -4.95
C ALA F 231 36.85 -18.83 -3.94
N LYS F 232 36.43 -17.63 -3.56
CA LYS F 232 35.37 -17.48 -2.57
C LYS F 232 34.07 -18.03 -3.15
N PRO F 233 33.44 -18.98 -2.44
CA PRO F 233 32.17 -19.55 -2.91
C PRO F 233 31.01 -18.57 -2.77
N VAL F 234 31.03 -17.52 -3.58
CA VAL F 234 29.97 -16.54 -3.61
C VAL F 234 28.80 -17.04 -4.44
N THR F 235 27.70 -16.29 -4.39
CA THR F 235 26.55 -16.52 -5.25
C THR F 235 27.04 -16.43 -6.69
N GLN F 236 26.61 -17.37 -7.53
CA GLN F 236 27.15 -17.49 -8.88
C GLN F 236 26.37 -18.52 -9.67
N ILE F 237 26.48 -18.45 -11.00
CA ILE F 237 25.95 -19.49 -11.87
C ILE F 237 27.06 -20.36 -12.43
N VAL F 238 26.87 -21.67 -12.35
CA VAL F 238 27.73 -22.65 -13.04
C VAL F 238 26.91 -23.44 -14.07
N SER F 239 27.45 -23.54 -15.28
CA SER F 239 26.78 -24.25 -16.35
C SER F 239 27.70 -25.28 -16.98
N ALA F 240 27.10 -26.31 -17.57
CA ALA F 240 27.76 -27.21 -18.49
C ALA F 240 26.86 -27.35 -19.71
N GLU F 241 27.42 -27.80 -20.84
CA GLU F 241 26.74 -27.68 -22.11
C GLU F 241 26.96 -28.91 -22.98
N ALA F 242 26.15 -29.03 -24.02
CA ALA F 242 26.30 -30.06 -25.03
C ALA F 242 25.70 -29.55 -26.33
N TRP F 243 26.37 -29.81 -27.44
CA TRP F 243 25.77 -29.54 -28.76
C TRP F 243 25.14 -30.82 -29.25
N GLY F 244 24.08 -30.69 -30.05
CA GLY F 244 23.50 -31.84 -30.73
C GLY F 244 24.54 -32.47 -31.64
N ARG F 245 24.33 -33.72 -32.02
CA ARG F 245 25.29 -34.43 -32.86
C ARG F 245 24.65 -35.54 -33.70
N ALA F 246 24.96 -35.56 -34.99
CA ALA F 246 24.54 -36.65 -35.87
C ALA F 246 25.35 -37.91 -35.58
N SER G 3 -35.40 -17.02 33.71
CA SER G 3 -35.09 -16.13 32.60
C SER G 3 -33.88 -15.21 32.84
N HIS G 4 -32.80 -15.42 32.08
CA HIS G 4 -31.50 -14.74 32.33
C HIS G 4 -30.74 -14.41 31.04
N SER G 5 -29.79 -13.47 31.15
CA SER G 5 -29.04 -13.01 29.98
C SER G 5 -27.54 -12.88 30.25
N MET G 6 -26.76 -13.02 29.18
CA MET G 6 -25.35 -12.61 29.23
C MET G 6 -25.12 -11.60 28.11
N ARG G 7 -24.43 -10.51 28.43
CA ARG G 7 -24.21 -9.43 27.47
C ARG G 7 -22.80 -8.89 27.56
N TYR G 8 -22.16 -8.75 26.40
CA TYR G 8 -20.87 -8.04 26.31
C TYR G 8 -21.02 -6.69 25.58
N PHE G 9 -20.36 -5.65 26.09
CA PHE G 9 -20.44 -4.31 25.52
C PHE G 9 -19.04 -3.82 25.18
N PHE G 10 -18.82 -3.38 23.94
CA PHE G 10 -17.48 -2.94 23.50
C PHE G 10 -17.49 -1.56 22.88
N THR G 11 -16.62 -0.66 23.36
CA THR G 11 -16.52 0.67 22.80
C THR G 11 -15.08 0.96 22.39
N SER G 12 -14.88 1.39 21.14
CA SER G 12 -13.60 1.98 20.71
C SER G 12 -13.81 3.41 20.22
N VAL G 13 -12.97 4.31 20.68
CA VAL G 13 -13.01 5.69 20.23
C VAL G 13 -11.67 6.04 19.60
N SER G 14 -11.66 6.41 18.32
CA SER G 14 -10.42 6.86 17.71
C SER G 14 -10.00 8.17 18.33
N ARG G 15 -8.70 8.43 18.32
CA ARG G 15 -8.18 9.69 18.84
C ARG G 15 -6.94 10.09 18.04
N PRO G 16 -7.16 10.62 16.83
CA PRO G 16 -6.07 10.91 15.89
C PRO G 16 -5.08 11.87 16.51
N GLY G 17 -3.79 11.60 16.31
CA GLY G 17 -2.75 12.42 16.90
C GLY G 17 -2.38 11.96 18.30
N ARG G 18 -3.24 11.20 18.95
CA ARG G 18 -2.98 10.79 20.33
C ARG G 18 -2.81 9.29 20.46
N GLY G 19 -2.68 8.61 19.33
CA GLY G 19 -2.39 7.19 19.35
C GLY G 19 -3.56 6.35 18.90
N GLU G 20 -3.47 5.05 19.19
CA GLU G 20 -4.47 4.12 18.69
C GLU G 20 -5.74 4.29 19.49
N PRO G 21 -6.87 3.84 18.92
CA PRO G 21 -8.17 4.06 19.56
C PRO G 21 -8.22 3.53 20.98
N ARG G 22 -8.97 4.22 21.82
CA ARG G 22 -9.25 3.75 23.17
C ARG G 22 -10.33 2.67 23.11
N PHE G 23 -10.11 1.55 23.77
CA PHE G 23 -11.02 0.43 23.69
C PHE G 23 -11.41 -0.06 25.08
N ILE G 24 -12.71 -0.21 25.30
CA ILE G 24 -13.24 -0.65 26.60
C ILE G 24 -14.26 -1.75 26.39
N ALA G 25 -14.09 -2.85 27.12
CA ALA G 25 -15.00 -3.97 27.07
C ALA G 25 -15.56 -4.25 28.45
N VAL G 26 -16.83 -4.61 28.52
CA VAL G 26 -17.44 -5.00 29.78
C VAL G 26 -18.42 -6.13 29.52
N GLY G 27 -18.52 -7.00 30.50
CA GLY G 27 -19.40 -8.14 30.46
C GLY G 27 -20.38 -8.15 31.61
N TYR G 28 -21.56 -8.68 31.38
CA TYR G 28 -22.61 -8.74 32.36
C TYR G 28 -23.42 -10.00 32.30
N VAL G 29 -23.93 -10.42 33.43
CA VAL G 29 -24.87 -11.50 33.53
C VAL G 29 -26.07 -10.79 34.13
N ASP G 30 -27.21 -10.83 33.48
CA ASP G 30 -28.34 -10.06 33.98
C ASP G 30 -27.89 -8.62 34.30
N ASP G 31 -28.11 -8.13 35.51
CA ASP G 31 -27.71 -6.75 35.81
C ASP G 31 -26.43 -6.68 36.62
N THR G 32 -25.64 -7.75 36.57
CA THR G 32 -24.36 -7.77 37.27
C THR G 32 -23.14 -7.82 36.33
N GLN G 33 -22.27 -6.80 36.42
CA GLN G 33 -21.03 -6.78 35.68
C GLN G 33 -20.05 -7.83 36.22
N PHE G 34 -19.33 -8.55 35.36
CA PHE G 34 -18.40 -9.53 35.91
C PHE G 34 -16.97 -9.52 35.33
N VAL G 35 -16.77 -8.83 34.22
CA VAL G 35 -15.41 -8.57 33.72
C VAL G 35 -15.27 -7.19 33.09
N ARG G 36 -14.03 -6.77 32.91
CA ARG G 36 -13.75 -5.57 32.14
C ARG G 36 -12.38 -5.66 31.49
N PHE G 37 -12.18 -4.84 30.47
CA PHE G 37 -10.88 -4.63 29.88
C PHE G 37 -10.79 -3.19 29.42
N ASP G 38 -9.64 -2.56 29.68
CA ASP G 38 -9.40 -1.19 29.25
C ASP G 38 -8.03 -1.11 28.59
N SER G 39 -8.01 -0.69 27.33
CA SER G 39 -6.79 -0.64 26.55
C SER G 39 -5.78 0.34 27.14
N ASP G 40 -6.29 1.30 27.90
CA ASP G 40 -5.44 2.30 28.54
C ASP G 40 -5.01 1.96 29.96
N ALA G 41 -5.64 0.95 30.56
CA ALA G 41 -5.24 0.54 31.91
C ALA G 41 -3.91 -0.21 31.83
N ALA G 42 -3.26 -0.32 32.98
CA ALA G 42 -1.90 -0.84 33.03
C ALA G 42 -1.78 -2.38 32.95
N SER G 43 -2.82 -3.10 33.35
CA SER G 43 -2.71 -4.56 33.46
C SER G 43 -2.69 -5.24 32.10
N GLN G 44 -3.35 -4.64 31.12
CA GLN G 44 -3.51 -5.28 29.84
C GLN G 44 -4.05 -6.69 29.97
N ARG G 45 -5.00 -6.87 30.89
CA ARG G 45 -5.62 -8.17 31.11
C ARG G 45 -7.15 -8.02 31.25
N MET G 46 -7.92 -9.00 30.82
CA MET G 46 -9.30 -9.05 31.26
C MET G 46 -9.29 -9.15 32.78
N GLU G 47 -10.16 -8.39 33.45
CA GLU G 47 -10.17 -8.33 34.91
C GLU G 47 -11.56 -8.63 35.47
N PRO G 48 -11.60 -9.27 36.63
CA PRO G 48 -12.89 -9.64 37.21
C PRO G 48 -13.57 -8.44 37.89
N ARG G 49 -14.87 -8.47 37.93
CA ARG G 49 -15.60 -7.43 38.57
C ARG G 49 -16.70 -7.98 39.48
N ALA G 50 -16.77 -9.28 39.61
CA ALA G 50 -17.71 -10.00 40.47
C ALA G 50 -16.99 -11.20 41.06
N PRO G 51 -17.27 -11.54 42.33
CA PRO G 51 -16.50 -12.59 43.01
C PRO G 51 -16.64 -14.00 42.38
N TRP G 52 -17.83 -14.40 41.96
CA TRP G 52 -18.00 -15.75 41.44
C TRP G 52 -17.20 -16.07 40.16
N ILE G 53 -16.55 -15.06 39.56
CA ILE G 53 -15.77 -15.27 38.33
C ILE G 53 -14.27 -15.36 38.64
N GLU G 54 -13.85 -14.76 39.76
CA GLU G 54 -12.46 -14.81 40.18
C GLU G 54 -11.97 -16.24 40.40
N GLN G 55 -12.91 -17.16 40.57
CA GLN G 55 -12.55 -18.55 40.79
C GLN G 55 -12.09 -19.24 39.50
N GLU G 56 -12.41 -18.66 38.34
CA GLU G 56 -11.95 -19.24 37.08
C GLU G 56 -10.42 -19.23 37.07
N GLY G 57 -9.83 -20.27 36.50
CA GLY G 57 -8.39 -20.44 36.52
C GLY G 57 -7.72 -19.62 35.45
N PRO G 58 -6.37 -19.59 35.46
CA PRO G 58 -5.53 -18.77 34.58
C PRO G 58 -5.73 -19.08 33.10
N GLU G 59 -6.14 -20.30 32.77
CA GLU G 59 -6.48 -20.61 31.39
C GLU G 59 -7.60 -19.69 30.90
N TYR G 60 -8.65 -19.53 31.72
CA TYR G 60 -9.77 -18.65 31.39
C TYR G 60 -9.26 -17.24 31.18
N TRP G 61 -8.54 -16.71 32.16
CA TRP G 61 -8.11 -15.31 32.09
C TRP G 61 -7.19 -15.06 30.92
N ASP G 62 -6.23 -15.96 30.70
CA ASP G 62 -5.37 -15.88 29.51
C ASP G 62 -6.20 -15.87 28.23
N GLY G 63 -7.19 -16.75 28.14
CA GLY G 63 -7.96 -16.90 26.92
C GLY G 63 -8.86 -15.69 26.67
N GLU G 64 -9.56 -15.28 27.73
CA GLU G 64 -10.39 -14.08 27.65
C GLU G 64 -9.57 -12.82 27.31
N THR G 65 -8.34 -12.72 27.83
CA THR G 65 -7.47 -11.56 27.55
C THR G 65 -7.07 -11.55 26.07
N ARG G 66 -6.71 -12.69 25.57
CA ARG G 66 -6.33 -12.88 24.21
C ARG G 66 -7.45 -12.49 23.28
N LYS G 67 -8.65 -13.01 23.50
CA LYS G 67 -9.80 -12.69 22.66
C LYS G 67 -10.13 -11.19 22.73
N VAL G 68 -10.15 -10.62 23.93
CA VAL G 68 -10.63 -9.26 24.07
C VAL G 68 -9.64 -8.31 23.39
N LYS G 69 -8.36 -8.67 23.39
CA LYS G 69 -7.39 -7.86 22.67
C LYS G 69 -7.64 -7.94 21.16
N ALA G 70 -7.97 -9.13 20.67
CA ALA G 70 -8.23 -9.29 19.23
C ALA G 70 -9.54 -8.59 18.82
N HIS G 71 -10.49 -8.54 19.75
CA HIS G 71 -11.65 -7.69 19.55
C HIS G 71 -11.15 -6.27 19.32
N SER G 72 -10.23 -5.80 20.15
CA SER G 72 -9.89 -4.39 20.11
C SER G 72 -9.12 -4.07 18.83
N GLN G 73 -8.33 -5.03 18.38
CA GLN G 73 -7.56 -4.80 17.18
C GLN G 73 -8.50 -4.80 16.00
N THR G 74 -9.45 -5.72 15.99
CA THR G 74 -10.43 -5.76 14.92
C THR G 74 -11.20 -4.43 14.82
N HIS G 75 -11.66 -3.92 15.96
CA HIS G 75 -12.33 -2.63 16.01
C HIS G 75 -11.49 -1.45 15.50
N ARG G 76 -10.19 -1.52 15.75
CA ARG G 76 -9.28 -0.49 15.27
C ARG G 76 -9.30 -0.50 13.74
N VAL G 77 -9.24 -1.69 13.15
CA VAL G 77 -9.48 -1.85 11.72
C VAL G 77 -10.82 -1.23 11.33
N ASP G 78 -11.89 -1.56 12.06
CA ASP G 78 -13.23 -1.05 11.74
C ASP G 78 -13.24 0.48 11.59
N LEU G 79 -12.63 1.18 12.53
CA LEU G 79 -12.65 2.64 12.48
C LEU G 79 -11.97 3.17 11.22
N GLY G 80 -10.84 2.56 10.84
CA GLY G 80 -10.21 2.91 9.57
C GLY G 80 -11.16 2.68 8.39
N THR G 81 -11.76 1.49 8.35
CA THR G 81 -12.64 1.13 7.24
C THR G 81 -13.89 2.02 7.15
N LEU G 82 -14.45 2.35 8.31
CA LEU G 82 -15.65 3.20 8.39
C LEU G 82 -15.37 4.66 8.00
N ARG G 83 -14.24 5.21 8.42
CA ARG G 83 -13.85 6.53 7.92
C ARG G 83 -13.91 6.57 6.38
N GLY G 84 -13.36 5.54 5.74
CA GLY G 84 -13.45 5.35 4.29
C GLY G 84 -14.85 5.19 3.70
N TYR G 85 -15.69 4.34 4.28
CA TYR G 85 -17.05 4.17 3.78
C TYR G 85 -17.84 5.49 3.71
N TYR G 86 -17.55 6.38 4.67
CA TYR G 86 -18.31 7.61 4.85
C TYR G 86 -17.51 8.83 4.37
N ASN G 87 -16.37 8.58 3.71
CA ASN G 87 -15.42 9.62 3.34
C ASN G 87 -15.28 10.68 4.41
N GLN G 88 -14.74 10.32 5.56
CA GLN G 88 -14.59 11.28 6.65
C GLN G 88 -13.13 11.64 6.77
N SER G 89 -12.87 12.81 7.35
CA SER G 89 -11.51 13.26 7.51
C SER G 89 -10.80 12.40 8.53
N GLU G 90 -9.49 12.34 8.41
CA GLU G 90 -8.69 11.64 9.39
C GLU G 90 -8.60 12.42 10.68
N ALA G 91 -9.21 13.59 10.70
CA ALA G 91 -9.02 14.52 11.82
C ALA G 91 -9.95 14.18 12.99
N GLY G 92 -11.20 13.86 12.68
CA GLY G 92 -12.20 13.69 13.71
C GLY G 92 -12.12 12.41 14.51
N SER G 93 -12.59 12.50 15.76
CA SER G 93 -12.78 11.34 16.62
C SER G 93 -14.09 10.65 16.27
N HIS G 94 -14.06 9.33 16.20
CA HIS G 94 -15.27 8.57 15.90
C HIS G 94 -15.41 7.36 16.84
N THR G 95 -16.60 6.79 16.90
CA THR G 95 -16.90 5.73 17.87
C THR G 95 -17.47 4.47 17.23
N VAL G 96 -16.95 3.31 17.59
CA VAL G 96 -17.64 2.08 17.23
C VAL G 96 -18.11 1.39 18.50
N GLN G 97 -19.26 0.74 18.43
CA GLN G 97 -19.80 -0.01 19.56
C GLN G 97 -20.29 -1.35 19.06
N ARG G 98 -19.97 -2.41 19.78
CA ARG G 98 -20.49 -3.74 19.46
C ARG G 98 -21.14 -4.30 20.72
N MET G 99 -22.29 -4.92 20.56
CA MET G 99 -22.91 -5.61 21.67
C MET G 99 -23.33 -6.99 21.19
N TYR G 100 -23.03 -8.00 21.99
CA TYR G 100 -23.57 -9.31 21.71
C TYR G 100 -23.83 -10.03 23.00
N GLY G 101 -24.69 -11.02 22.94
CA GLY G 101 -25.07 -11.74 24.13
C GLY G 101 -26.18 -12.72 23.83
N CYS G 102 -26.63 -13.41 24.87
CA CYS G 102 -27.69 -14.40 24.74
C CYS G 102 -28.62 -14.42 25.97
N ASP G 103 -29.83 -14.91 25.77
CA ASP G 103 -30.78 -15.13 26.86
C ASP G 103 -31.15 -16.61 26.99
N VAL G 104 -31.31 -17.08 28.22
CA VAL G 104 -31.94 -18.41 28.44
C VAL G 104 -33.30 -18.25 29.11
N GLY G 105 -34.24 -19.11 28.70
CA GLY G 105 -35.57 -19.13 29.29
C GLY G 105 -35.57 -19.75 30.67
N SER G 106 -36.75 -19.94 31.25
CA SER G 106 -36.83 -20.51 32.58
C SER G 106 -36.40 -21.97 32.56
N ASP G 107 -36.62 -22.64 31.43
CA ASP G 107 -36.12 -24.01 31.27
C ASP G 107 -34.60 -24.04 31.07
N TRP G 108 -33.96 -22.92 31.40
CA TRP G 108 -32.54 -22.67 31.15
C TRP G 108 -32.09 -23.01 29.72
N ARG G 109 -33.04 -23.08 28.78
CA ARG G 109 -32.68 -23.34 27.39
C ARG G 109 -32.52 -22.04 26.58
N PHE G 110 -31.83 -22.14 25.45
CA PHE G 110 -31.57 -20.96 24.61
C PHE G 110 -32.86 -20.24 24.27
N LEU G 111 -32.90 -18.95 24.61
CA LEU G 111 -34.09 -18.14 24.37
C LEU G 111 -33.93 -17.25 23.14
N ARG G 112 -32.84 -16.51 23.07
CA ARG G 112 -32.62 -15.60 21.96
C ARG G 112 -31.18 -15.15 21.94
N GLY G 113 -30.69 -14.74 20.77
CA GLY G 113 -29.33 -14.27 20.63
C GLY G 113 -29.27 -12.89 20.00
N TYR G 114 -28.19 -12.15 20.29
CA TYR G 114 -28.00 -10.80 19.73
C TYR G 114 -26.55 -10.56 19.31
N HIS G 115 -26.40 -9.76 18.26
CA HIS G 115 -25.12 -9.23 17.85
C HIS G 115 -25.37 -7.96 17.03
N GLN G 116 -25.12 -6.78 17.59
CA GLN G 116 -25.36 -5.58 16.81
C GLN G 116 -24.23 -4.60 16.99
N TYR G 117 -24.27 -3.55 16.18
CA TYR G 117 -23.11 -2.71 15.93
C TYR G 117 -23.61 -1.29 15.66
N ALA G 118 -22.90 -0.30 16.20
CA ALA G 118 -23.25 1.09 15.98
C ALA G 118 -22.02 1.86 15.57
N TYR G 119 -22.21 2.91 14.76
CA TYR G 119 -21.13 3.83 14.38
C TYR G 119 -21.54 5.25 14.72
N ASP G 120 -20.68 5.95 15.45
CA ASP G 120 -20.97 7.30 15.92
C ASP G 120 -22.35 7.42 16.57
N GLY G 121 -22.75 6.35 17.26
CA GLY G 121 -23.94 6.39 18.09
C GLY G 121 -25.24 6.10 17.38
N LYS G 122 -25.16 5.65 16.14
CA LYS G 122 -26.34 5.34 15.33
C LYS G 122 -26.31 3.86 14.94
N ASP G 123 -27.47 3.21 14.88
CA ASP G 123 -27.53 1.82 14.41
C ASP G 123 -26.68 1.72 13.14
N TYR G 124 -25.86 0.67 13.04
CA TYR G 124 -25.11 0.43 11.81
C TYR G 124 -25.58 -0.87 11.17
N ILE G 125 -25.42 -1.99 11.90
CA ILE G 125 -25.92 -3.25 11.39
C ILE G 125 -26.30 -4.16 12.54
N ALA G 126 -27.31 -4.99 12.30
CA ALA G 126 -27.86 -5.82 13.38
C ALA G 126 -28.19 -7.22 12.88
N LEU G 127 -27.90 -8.23 13.70
CA LEU G 127 -28.25 -9.60 13.38
C LEU G 127 -29.69 -9.80 13.80
N LYS G 128 -30.49 -10.42 12.96
CA LYS G 128 -31.90 -10.57 13.30
C LYS G 128 -32.08 -11.75 14.23
N GLU G 129 -33.30 -11.92 14.73
CA GLU G 129 -33.57 -12.91 15.75
C GLU G 129 -33.39 -14.32 15.21
N ASP G 130 -33.56 -14.52 13.91
CA ASP G 130 -33.36 -15.86 13.36
C ASP G 130 -31.88 -16.23 13.30
N LEU G 131 -31.01 -15.30 13.66
CA LEU G 131 -29.55 -15.51 13.64
C LEU G 131 -29.04 -16.00 12.29
N ARG G 132 -29.75 -15.67 11.22
CA ARG G 132 -29.31 -16.07 9.89
C ARG G 132 -29.24 -14.89 8.93
N SER G 133 -29.85 -13.77 9.32
CA SER G 133 -29.91 -12.62 8.45
C SER G 133 -29.55 -11.32 9.16
N TRP G 134 -29.36 -10.28 8.34
CA TRP G 134 -28.84 -9.01 8.79
C TRP G 134 -29.75 -7.87 8.38
N THR G 135 -29.79 -6.81 9.19
CA THR G 135 -30.45 -5.57 8.79
C THR G 135 -29.42 -4.44 8.75
N ALA G 136 -29.16 -3.90 7.57
CA ALA G 136 -28.23 -2.77 7.47
C ALA G 136 -29.00 -1.46 7.61
N ALA G 137 -28.48 -0.51 8.40
CA ALA G 137 -29.17 0.75 8.66
C ALA G 137 -28.91 1.83 7.61
N ASP G 138 -27.88 1.66 6.77
CA ASP G 138 -27.64 2.58 5.66
C ASP G 138 -26.80 1.96 4.53
N MET G 139 -26.34 2.80 3.62
CA MET G 139 -25.63 2.33 2.43
C MET G 139 -24.28 1.73 2.77
N ALA G 140 -23.53 2.37 3.67
CA ALA G 140 -22.24 1.85 4.09
C ALA G 140 -22.42 0.49 4.77
N ALA G 141 -23.39 0.42 5.67
CA ALA G 141 -23.61 -0.79 6.43
C ALA G 141 -24.02 -1.92 5.48
N GLN G 142 -24.64 -1.56 4.36
CA GLN G 142 -25.08 -2.58 3.42
C GLN G 142 -23.84 -3.25 2.79
N THR G 143 -22.76 -2.49 2.59
CA THR G 143 -21.49 -3.07 2.14
C THR G 143 -20.98 -4.11 3.13
N THR G 144 -21.04 -3.77 4.41
CA THR G 144 -20.65 -4.69 5.47
C THR G 144 -21.51 -5.94 5.43
N LYS G 145 -22.81 -5.74 5.26
CA LYS G 145 -23.78 -6.84 5.27
C LYS G 145 -23.44 -7.87 4.18
N HIS G 146 -23.11 -7.40 2.98
CA HIS G 146 -22.83 -8.31 1.88
C HIS G 146 -21.50 -9.02 2.11
N LYS G 147 -20.50 -8.30 2.58
CA LYS G 147 -19.25 -8.92 2.99
C LYS G 147 -19.45 -9.96 4.09
N TRP G 148 -20.25 -9.64 5.10
CA TRP G 148 -20.50 -10.59 6.18
C TRP G 148 -21.34 -11.78 5.68
N GLU G 149 -22.20 -11.54 4.69
CA GLU G 149 -22.95 -12.62 4.08
C GLU G 149 -21.99 -13.54 3.31
N ALA G 150 -21.05 -12.96 2.58
CA ALA G 150 -20.14 -13.76 1.78
C ALA G 150 -19.27 -14.64 2.65
N ALA G 151 -18.93 -14.15 3.84
CA ALA G 151 -18.08 -14.89 4.76
C ALA G 151 -18.86 -15.81 5.70
N HIS G 152 -20.18 -15.79 5.61
CA HIS G 152 -21.00 -16.65 6.46
C HIS G 152 -20.82 -16.34 7.95
N VAL G 153 -20.59 -15.07 8.24
CA VAL G 153 -20.38 -14.64 9.62
C VAL G 153 -21.54 -14.99 10.55
N ALA G 154 -22.75 -14.93 10.03
CA ALA G 154 -23.94 -15.17 10.84
C ALA G 154 -23.96 -16.60 11.39
N GLU G 155 -23.55 -17.56 10.58
CA GLU G 155 -23.48 -18.96 11.02
C GLU G 155 -22.48 -19.13 12.15
N GLN G 156 -21.32 -18.47 12.08
CA GLN G 156 -20.38 -18.59 13.21
C GLN G 156 -21.01 -18.00 14.48
N LEU G 157 -21.70 -16.87 14.35
CA LEU G 157 -22.33 -16.21 15.51
C LEU G 157 -23.48 -17.04 16.05
N ARG G 158 -24.28 -17.59 15.14
CA ARG G 158 -25.37 -18.45 15.56
C ARG G 158 -24.84 -19.60 16.41
N ALA G 159 -23.75 -20.22 15.94
CA ALA G 159 -23.13 -21.34 16.64
C ALA G 159 -22.65 -20.92 18.03
N TYR G 160 -21.98 -19.77 18.12
CA TYR G 160 -21.61 -19.19 19.41
C TYR G 160 -22.81 -18.94 20.32
N LEU G 161 -23.82 -18.24 19.79
CA LEU G 161 -24.91 -17.74 20.62
C LEU G 161 -25.77 -18.90 21.12
N GLU G 162 -26.02 -19.89 20.26
CA GLU G 162 -26.81 -21.07 20.66
C GLU G 162 -25.97 -22.15 21.35
N GLY G 163 -24.65 -21.98 21.34
CA GLY G 163 -23.77 -22.89 22.05
C GLY G 163 -23.03 -22.25 23.21
N THR G 164 -21.76 -21.93 22.98
CA THR G 164 -20.89 -21.38 24.02
C THR G 164 -21.56 -20.32 24.89
N CYS G 165 -22.22 -19.35 24.25
CA CYS G 165 -22.81 -18.24 24.98
C CYS G 165 -23.69 -18.76 26.12
N VAL G 166 -24.65 -19.59 25.76
CA VAL G 166 -25.66 -20.08 26.69
C VAL G 166 -25.03 -21.08 27.63
N GLU G 167 -24.10 -21.86 27.11
CA GLU G 167 -23.41 -22.84 27.95
C GLU G 167 -22.67 -22.16 29.11
N TRP G 168 -21.95 -21.08 28.84
CA TRP G 168 -21.18 -20.42 29.88
C TRP G 168 -22.04 -19.50 30.73
N LEU G 169 -23.14 -19.02 30.16
CA LEU G 169 -24.11 -18.29 30.94
C LEU G 169 -24.66 -19.18 32.05
N ARG G 170 -25.02 -20.41 31.72
CA ARG G 170 -25.50 -21.37 32.72
C ARG G 170 -24.44 -21.64 33.76
N ARG G 171 -23.20 -21.80 33.32
CA ARG G 171 -22.06 -22.04 34.22
C ARG G 171 -21.89 -20.88 35.19
N TYR G 172 -21.92 -19.67 34.66
CA TYR G 172 -21.82 -18.48 35.51
C TYR G 172 -23.00 -18.43 36.49
N LEU G 173 -24.19 -18.82 36.04
CA LEU G 173 -25.39 -18.81 36.90
C LEU G 173 -25.25 -19.82 38.04
N GLU G 174 -24.72 -21.01 37.74
CA GLU G 174 -24.44 -22.01 38.77
C GLU G 174 -23.39 -21.52 39.76
N ASN G 175 -22.19 -21.24 39.24
CA ASN G 175 -21.08 -20.77 40.07
C ASN G 175 -21.48 -19.55 40.91
N GLY G 176 -22.41 -18.75 40.39
CA GLY G 176 -22.73 -17.49 41.05
C GLY G 176 -24.13 -17.43 41.63
N LYS G 177 -24.79 -18.56 41.69
CA LYS G 177 -26.16 -18.63 42.18
C LYS G 177 -26.46 -17.90 43.43
N GLU G 178 -25.52 -17.83 44.34
CA GLU G 178 -25.72 -17.16 45.62
C GLU G 178 -26.04 -15.67 45.49
N THR G 179 -25.57 -15.04 44.41
CA THR G 179 -25.83 -13.63 44.17
C THR G 179 -26.71 -13.43 42.93
N LEU G 180 -26.31 -14.03 41.81
CA LEU G 180 -27.04 -13.96 40.55
C LEU G 180 -28.49 -14.42 40.60
N GLN G 181 -28.78 -15.46 41.38
CA GLN G 181 -30.15 -15.96 41.47
C GLN G 181 -30.77 -15.56 42.82
N ARG G 182 -30.24 -14.48 43.40
CA ARG G 182 -30.71 -13.94 44.68
C ARG G 182 -31.35 -12.56 44.53
N THR G 183 -32.67 -12.52 44.46
CA THR G 183 -33.41 -11.25 44.36
C THR G 183 -33.45 -10.46 45.67
N ASP G 184 -33.32 -9.15 45.54
CA ASP G 184 -33.46 -8.24 46.63
C ASP G 184 -34.73 -7.46 46.36
N ALA G 185 -35.72 -7.61 47.24
CA ALA G 185 -36.98 -6.90 47.12
C ALA G 185 -36.77 -5.46 47.51
N PRO G 186 -37.50 -4.54 46.91
CA PRO G 186 -37.25 -3.13 47.20
C PRO G 186 -37.59 -2.76 48.64
N LYS G 187 -36.71 -1.99 49.29
CA LYS G 187 -37.09 -1.29 50.51
C LYS G 187 -37.78 0.02 50.13
N THR G 188 -39.05 0.15 50.52
CA THR G 188 -39.88 1.26 50.05
C THR G 188 -40.38 2.14 51.17
N HIS G 189 -40.34 3.45 50.93
CA HIS G 189 -41.02 4.41 51.78
C HIS G 189 -41.60 5.56 50.96
N MET G 190 -42.17 6.54 51.66
CA MET G 190 -42.82 7.66 50.99
C MET G 190 -42.51 8.95 51.73
N THR G 191 -42.24 10.02 50.98
CA THR G 191 -42.03 11.33 51.58
C THR G 191 -43.12 12.30 51.10
N HIS G 192 -43.28 13.38 51.86
CA HIS G 192 -44.30 14.40 51.66
C HIS G 192 -43.64 15.76 51.81
N HIS G 193 -43.81 16.65 50.84
CA HIS G 193 -43.26 18.00 50.97
C HIS G 193 -44.18 19.05 50.34
N ALA G 194 -44.62 19.99 51.15
CA ALA G 194 -45.46 21.07 50.68
C ALA G 194 -44.72 21.89 49.64
N VAL G 195 -45.41 22.24 48.55
CA VAL G 195 -44.86 23.12 47.55
C VAL G 195 -45.66 24.42 47.42
N SER G 196 -46.78 24.48 48.15
CA SER G 196 -47.65 25.66 48.24
C SER G 196 -48.63 25.38 49.35
N ASP G 197 -49.46 26.36 49.68
CA ASP G 197 -50.52 26.20 50.70
C ASP G 197 -51.59 25.20 50.27
N HIS G 198 -51.64 24.89 48.97
CA HIS G 198 -52.69 24.01 48.44
C HIS G 198 -52.20 22.74 47.74
N GLU G 199 -50.88 22.59 47.59
CA GLU G 199 -50.35 21.38 46.96
C GLU G 199 -49.12 20.85 47.68
N ALA G 200 -48.83 19.56 47.48
CA ALA G 200 -47.67 18.92 48.09
C ALA G 200 -47.18 17.74 47.25
N THR G 201 -45.88 17.47 47.36
CA THR G 201 -45.26 16.34 46.66
C THR G 201 -45.34 15.04 47.45
N LEU G 202 -45.76 14.00 46.79
CA LEU G 202 -45.76 12.68 47.30
C LEU G 202 -44.70 11.97 46.45
N ARG G 203 -43.59 11.59 47.05
CA ARG G 203 -42.52 10.83 46.39
C ARG G 203 -42.46 9.38 46.91
N CYS G 204 -42.68 8.44 46.01
CA CYS G 204 -42.63 7.02 46.34
C CYS G 204 -41.27 6.43 46.00
N TRP G 205 -40.57 5.91 47.02
CA TRP G 205 -39.21 5.35 46.88
C TRP G 205 -39.13 3.81 46.86
N ALA G 206 -38.34 3.29 45.93
CA ALA G 206 -37.88 1.89 46.04
C ALA G 206 -36.36 1.88 46.07
N LEU G 207 -35.78 1.21 47.07
CA LEU G 207 -34.33 1.19 47.27
C LEU G 207 -33.76 -0.23 47.44
N SER G 208 -32.50 -0.39 47.04
CA SER G 208 -31.74 -1.61 47.28
C SER G 208 -32.39 -2.86 46.70
N PHE G 209 -32.91 -2.78 45.48
CA PHE G 209 -33.54 -3.95 44.85
C PHE G 209 -32.69 -4.54 43.71
N TYR G 210 -32.93 -5.80 43.37
CA TYR G 210 -32.24 -6.51 42.29
C TYR G 210 -33.11 -7.68 41.81
N PRO G 211 -33.18 -7.92 40.48
CA PRO G 211 -32.56 -7.16 39.39
C PRO G 211 -33.14 -5.76 39.26
N ALA G 212 -32.78 -5.04 38.18
CA ALA G 212 -33.11 -3.63 38.08
C ALA G 212 -34.56 -3.42 37.65
N GLU G 213 -35.13 -4.37 36.91
CA GLU G 213 -36.53 -4.27 36.50
C GLU G 213 -37.44 -3.94 37.69
N ILE G 214 -38.29 -2.95 37.49
CA ILE G 214 -39.24 -2.55 38.53
C ILE G 214 -40.30 -1.68 37.90
N THR G 215 -41.52 -1.77 38.40
CA THR G 215 -42.56 -0.84 38.02
C THR G 215 -43.09 -0.08 39.24
N LEU G 216 -42.92 1.24 39.19
CA LEU G 216 -43.46 2.18 40.16
C LEU G 216 -44.57 2.97 39.51
N THR G 217 -45.77 2.94 40.08
CA THR G 217 -46.85 3.74 39.51
C THR G 217 -47.68 4.37 40.62
N TRP G 218 -48.36 5.47 40.27
CA TRP G 218 -49.23 6.17 41.21
C TRP G 218 -50.67 6.09 40.72
N GLN G 219 -51.59 5.98 41.67
CA GLN G 219 -53.00 5.92 41.34
C GLN G 219 -53.76 6.97 42.14
N ARG G 220 -54.80 7.51 41.53
CA ARG G 220 -55.68 8.44 42.23
C ARG G 220 -57.07 7.83 42.26
N ASP G 221 -57.49 7.42 43.45
CA ASP G 221 -58.76 6.71 43.60
C ASP G 221 -58.78 5.54 42.62
N GLY G 222 -57.73 4.72 42.69
CA GLY G 222 -57.59 3.55 41.83
C GLY G 222 -57.31 3.81 40.37
N GLU G 223 -57.32 5.08 39.96
CA GLU G 223 -57.16 5.41 38.54
C GLU G 223 -55.71 5.85 38.24
N ASP G 224 -55.18 5.44 37.10
CA ASP G 224 -53.78 5.69 36.79
C ASP G 224 -53.43 7.15 36.54
N GLN G 225 -52.36 7.60 37.14
CA GLN G 225 -51.89 8.96 37.07
C GLN G 225 -50.65 9.07 36.22
N THR G 226 -50.67 8.41 35.06
CA THR G 226 -49.46 8.28 34.26
C THR G 226 -48.87 9.63 33.88
N GLN G 227 -49.71 10.51 33.35
CA GLN G 227 -49.29 11.78 32.81
C GLN G 227 -48.79 12.77 33.85
N ASP G 228 -49.29 12.66 35.08
CA ASP G 228 -48.91 13.60 36.14
C ASP G 228 -47.81 13.04 37.04
N THR G 229 -47.28 11.88 36.68
CA THR G 229 -46.26 11.26 37.50
C THR G 229 -44.87 11.60 37.01
N GLU G 230 -44.07 12.21 37.87
CA GLU G 230 -42.65 12.37 37.57
C GLU G 230 -41.84 11.14 38.01
N LEU G 231 -41.13 10.54 37.06
CA LEU G 231 -40.52 9.23 37.26
C LEU G 231 -39.07 9.24 36.83
N VAL G 232 -38.11 9.13 37.77
CA VAL G 232 -36.71 9.15 37.36
C VAL G 232 -36.22 7.80 36.88
N GLU G 233 -35.08 7.82 36.20
CA GLU G 233 -34.53 6.62 35.58
C GLU G 233 -33.99 5.70 36.65
N THR G 234 -34.27 4.41 36.53
CA THR G 234 -33.74 3.48 37.52
C THR G 234 -32.24 3.67 37.58
N ARG G 235 -31.70 3.76 38.78
CA ARG G 235 -30.29 4.12 38.96
C ARG G 235 -29.57 3.12 39.85
N PRO G 236 -28.26 2.93 39.64
CA PRO G 236 -27.49 2.00 40.46
C PRO G 236 -27.14 2.65 41.78
N ALA G 237 -27.24 1.87 42.85
CA ALA G 237 -26.91 2.38 44.16
C ALA G 237 -25.38 2.46 44.31
N GLY G 238 -24.68 1.59 43.60
CA GLY G 238 -23.24 1.50 43.72
C GLY G 238 -22.80 0.26 44.47
N ASP G 239 -23.75 -0.56 44.89
CA ASP G 239 -23.44 -1.80 45.61
C ASP G 239 -24.13 -2.97 44.95
N GLY G 240 -24.43 -2.83 43.66
CA GLY G 240 -25.01 -3.92 42.93
C GLY G 240 -26.52 -3.91 43.08
N THR G 241 -27.03 -2.98 43.87
CA THR G 241 -28.47 -2.79 43.98
C THR G 241 -28.90 -1.55 43.18
N PHE G 242 -30.20 -1.35 43.08
CA PHE G 242 -30.72 -0.23 42.31
C PHE G 242 -31.74 0.61 43.08
N GLN G 243 -31.99 1.82 42.57
CA GLN G 243 -32.94 2.75 43.14
C GLN G 243 -33.90 3.31 42.08
N LYS G 244 -35.07 3.74 42.52
CA LYS G 244 -36.00 4.47 41.67
C LYS G 244 -37.04 5.16 42.54
N TRP G 245 -37.51 6.34 42.13
CA TRP G 245 -38.71 6.91 42.72
C TRP G 245 -39.67 7.45 41.67
N ALA G 246 -40.91 7.64 42.10
CA ALA G 246 -41.98 8.22 41.31
C ALA G 246 -42.73 9.21 42.19
N ALA G 247 -43.03 10.38 41.64
CA ALA G 247 -43.64 11.45 42.42
C ALA G 247 -44.89 12.03 41.75
N VAL G 248 -45.79 12.54 42.57
CA VAL G 248 -46.97 13.24 42.07
C VAL G 248 -47.25 14.46 42.93
N VAL G 249 -47.73 15.53 42.29
CA VAL G 249 -48.11 16.73 43.02
C VAL G 249 -49.62 16.74 43.19
N VAL G 250 -50.03 16.62 44.44
CA VAL G 250 -51.41 16.44 44.83
C VAL G 250 -51.90 17.61 45.66
N PRO G 251 -53.23 17.76 45.75
CA PRO G 251 -53.81 18.81 46.58
C PRO G 251 -53.70 18.45 48.05
N SER G 252 -53.23 19.39 48.87
CA SER G 252 -53.15 19.15 50.30
C SER G 252 -54.55 18.90 50.86
N GLY G 253 -54.66 17.92 51.73
CA GLY G 253 -55.96 17.46 52.21
C GLY G 253 -56.49 16.29 51.41
N GLN G 254 -55.83 15.96 50.32
CA GLN G 254 -56.29 14.88 49.46
C GLN G 254 -55.26 13.77 49.29
N GLU G 255 -54.15 13.81 50.03
CA GLU G 255 -53.11 12.84 49.77
C GLU G 255 -53.52 11.41 50.17
N GLN G 256 -54.75 11.23 50.62
CA GLN G 256 -55.20 9.89 50.93
C GLN G 256 -55.93 9.23 49.76
N ARG G 257 -56.24 9.98 48.71
CA ARG G 257 -56.82 9.40 47.50
C ARG G 257 -55.76 8.73 46.63
N TYR G 258 -54.49 8.90 47.01
CA TYR G 258 -53.39 8.48 46.16
C TYR G 258 -52.68 7.22 46.67
N THR G 259 -52.41 6.29 45.76
CA THR G 259 -51.64 5.09 46.11
C THR G 259 -50.48 4.83 45.16
N CYS G 260 -49.33 4.55 45.75
CA CYS G 260 -48.18 4.07 45.02
C CYS G 260 -48.22 2.55 44.92
N HIS G 261 -47.88 2.04 43.75
CA HIS G 261 -47.85 0.62 43.48
C HIS G 261 -46.49 0.17 42.97
N VAL G 262 -45.89 -0.80 43.68
CA VAL G 262 -44.59 -1.35 43.36
C VAL G 262 -44.69 -2.80 42.87
N GLN G 263 -44.30 -3.03 41.62
CA GLN G 263 -44.17 -4.39 41.12
C GLN G 263 -42.69 -4.72 40.98
N HIS G 264 -42.26 -5.72 41.74
CA HIS G 264 -40.91 -6.24 41.59
C HIS G 264 -40.88 -7.76 41.78
N GLU G 265 -40.03 -8.42 41.00
CA GLU G 265 -39.90 -9.88 41.05
C GLU G 265 -39.63 -10.40 42.46
N GLY G 266 -38.91 -9.63 43.26
CA GLY G 266 -38.50 -10.07 44.59
C GLY G 266 -39.56 -9.88 45.66
N LEU G 267 -40.79 -9.57 45.25
CA LEU G 267 -41.89 -9.38 46.19
C LEU G 267 -42.88 -10.52 46.12
N PRO G 268 -43.39 -10.96 47.28
CA PRO G 268 -44.43 -12.01 47.29
C PRO G 268 -45.63 -11.57 46.45
N LYS G 269 -45.90 -10.28 46.45
CA LYS G 269 -46.92 -9.69 45.60
C LYS G 269 -46.73 -8.18 45.51
N PRO G 270 -47.39 -7.54 44.52
CA PRO G 270 -47.33 -6.09 44.32
C PRO G 270 -47.66 -5.31 45.60
N LEU G 271 -46.90 -4.26 45.87
CA LEU G 271 -47.11 -3.42 47.05
C LEU G 271 -48.12 -2.33 46.79
N THR G 272 -48.68 -1.81 47.88
CA THR G 272 -49.54 -0.65 47.81
C THR G 272 -49.19 0.22 49.00
N LEU G 273 -48.73 1.44 48.71
CA LEU G 273 -48.33 2.35 49.77
C LEU G 273 -49.27 3.53 49.77
N ARG G 274 -49.62 4.00 50.96
CA ARG G 274 -50.47 5.18 51.13
C ARG G 274 -49.81 6.08 52.16
N TRP G 275 -50.09 7.38 52.08
CA TRP G 275 -49.44 8.33 52.97
C TRP G 275 -50.08 8.35 54.36
N MET H 1 -24.04 11.22 12.79
CA MET H 1 -23.64 11.36 14.18
C MET H 1 -24.64 12.18 14.98
N ILE H 2 -25.25 11.56 15.98
CA ILE H 2 -26.19 12.27 16.85
C ILE H 2 -25.61 12.45 18.24
N GLN H 3 -25.29 13.69 18.59
CA GLN H 3 -24.83 13.97 19.94
C GLN H 3 -26.04 13.97 20.85
N ARG H 4 -25.88 13.44 22.06
CA ARG H 4 -26.91 13.35 23.08
C ARG H 4 -26.38 13.91 24.37
N THR H 5 -27.15 14.77 24.99
CA THR H 5 -26.68 15.44 26.20
C THR H 5 -26.89 14.55 27.40
N PRO H 6 -25.95 14.58 28.35
CA PRO H 6 -26.06 13.69 29.51
C PRO H 6 -27.26 13.99 30.41
N LYS H 7 -28.01 12.96 30.81
CA LYS H 7 -28.89 13.04 31.97
C LYS H 7 -28.04 12.91 33.22
N ILE H 8 -28.46 13.54 34.30
CA ILE H 8 -27.66 13.62 35.52
C ILE H 8 -28.56 13.41 36.74
N GLN H 9 -28.19 12.48 37.61
CA GLN H 9 -28.78 12.40 38.94
C GLN H 9 -27.71 12.35 40.01
N VAL H 10 -27.84 13.18 41.03
CA VAL H 10 -26.96 13.17 42.18
C VAL H 10 -27.67 12.64 43.41
N TYR H 11 -27.04 11.71 44.12
CA TYR H 11 -27.72 11.03 45.20
C TYR H 11 -26.74 10.29 46.08
N SER H 12 -27.26 9.66 47.13
CA SER H 12 -26.45 8.90 48.06
C SER H 12 -26.78 7.41 47.92
N ARG H 13 -25.78 6.55 48.17
CA ARG H 13 -26.01 5.10 48.10
C ARG H 13 -27.11 4.63 49.07
N HIS H 14 -26.96 5.01 50.32
CA HIS H 14 -27.96 4.74 51.35
C HIS H 14 -28.54 6.08 51.78
N PRO H 15 -29.72 6.06 52.40
CA PRO H 15 -30.37 7.30 52.85
C PRO H 15 -29.41 8.10 53.72
N ALA H 16 -29.41 9.42 53.56
CA ALA H 16 -28.42 10.24 54.22
C ALA H 16 -28.75 10.36 55.71
N GLU H 17 -27.72 10.26 56.55
CA GLU H 17 -27.83 10.51 57.98
C GLU H 17 -26.63 11.30 58.45
N ASN H 18 -26.83 12.60 58.70
CA ASN H 18 -25.73 13.51 59.05
C ASN H 18 -24.77 12.94 60.08
N GLY H 19 -23.55 12.64 59.66
CA GLY H 19 -22.53 12.13 60.57
C GLY H 19 -22.17 10.68 60.30
N LYS H 20 -23.01 9.99 59.53
CA LYS H 20 -22.76 8.57 59.21
C LYS H 20 -22.16 8.40 57.80
N SER H 21 -21.28 7.41 57.66
CA SER H 21 -20.61 7.13 56.39
C SER H 21 -21.58 6.71 55.29
N ASN H 22 -21.29 7.15 54.07
CA ASN H 22 -22.08 6.78 52.90
C ASN H 22 -21.27 6.98 51.62
N PHE H 23 -21.97 7.00 50.48
CA PHE H 23 -21.33 7.30 49.20
C PHE H 23 -22.13 8.34 48.43
N LEU H 24 -21.45 9.38 47.96
CA LEU H 24 -22.05 10.40 47.11
C LEU H 24 -21.98 10.00 45.63
N ASN H 25 -23.13 9.68 45.05
CA ASN H 25 -23.20 9.22 43.68
C ASN H 25 -23.57 10.31 42.69
N CYS H 26 -22.95 10.28 41.51
CA CYS H 26 -23.41 11.10 40.39
C CYS H 26 -23.51 10.22 39.16
N TYR H 27 -24.74 10.00 38.73
CA TYR H 27 -25.03 9.06 37.67
C TYR H 27 -25.30 9.85 36.40
N VAL H 28 -24.56 9.54 35.34
CA VAL H 28 -24.70 10.27 34.10
C VAL H 28 -25.05 9.26 33.00
N SER H 29 -26.06 9.56 32.21
CA SER H 29 -26.58 8.56 31.27
C SER H 29 -27.12 9.19 30.01
N GLY H 30 -27.38 8.36 29.01
CA GLY H 30 -28.01 8.79 27.77
C GLY H 30 -27.21 9.81 26.98
N PHE H 31 -25.89 9.80 27.15
CA PHE H 31 -25.08 10.78 26.43
C PHE H 31 -24.25 10.13 25.30
N HIS H 32 -23.80 10.97 24.38
CA HIS H 32 -23.02 10.53 23.21
C HIS H 32 -22.41 11.77 22.56
N PRO H 33 -21.08 11.78 22.32
CA PRO H 33 -20.09 10.70 22.48
C PRO H 33 -19.74 10.45 23.94
N SER H 34 -18.87 9.48 24.15
CA SER H 34 -18.59 8.97 25.49
C SER H 34 -17.60 9.83 26.26
N ASP H 35 -16.88 10.69 25.54
CA ASP H 35 -15.97 11.62 26.18
C ASP H 35 -16.74 12.56 27.10
N ILE H 36 -16.45 12.52 28.40
CA ILE H 36 -17.19 13.34 29.34
C ILE H 36 -16.34 13.67 30.57
N GLU H 37 -16.62 14.81 31.20
CA GLU H 37 -15.92 15.19 32.43
C GLU H 37 -16.91 15.43 33.56
N VAL H 38 -16.78 14.65 34.62
CA VAL H 38 -17.69 14.71 35.74
C VAL H 38 -16.91 15.02 37.03
N ASP H 39 -17.33 16.06 37.73
CA ASP H 39 -16.71 16.45 38.99
C ASP H 39 -17.74 16.42 40.10
N LEU H 40 -17.42 15.71 41.18
CA LEU H 40 -18.20 15.82 42.40
C LEU H 40 -17.67 17.01 43.21
N LEU H 41 -18.55 17.94 43.59
CA LEU H 41 -18.13 19.12 44.37
C LEU H 41 -18.60 19.10 45.83
N LYS H 42 -17.76 19.64 46.72
CA LYS H 42 -18.15 19.87 48.11
C LYS H 42 -17.96 21.35 48.39
N ASN H 43 -19.08 22.03 48.65
CA ASN H 43 -19.10 23.48 48.87
C ASN H 43 -18.33 24.22 47.77
N GLY H 44 -18.70 23.90 46.53
CA GLY H 44 -18.17 24.58 45.37
C GLY H 44 -16.75 24.16 44.99
N GLU H 45 -16.18 23.22 45.75
CA GLU H 45 -14.80 22.81 45.50
C GLU H 45 -14.71 21.35 45.07
N ARG H 46 -13.81 21.08 44.12
CA ARG H 46 -13.68 19.76 43.52
C ARG H 46 -13.14 18.71 44.50
N ILE H 47 -13.94 17.69 44.78
CA ILE H 47 -13.47 16.52 45.55
C ILE H 47 -12.45 15.74 44.72
N GLU H 48 -11.34 15.37 45.36
CA GLU H 48 -10.16 14.92 44.63
C GLU H 48 -10.18 13.44 44.28
N LYS H 49 -10.68 12.60 45.19
CA LYS H 49 -10.58 11.16 45.00
C LYS H 49 -11.91 10.52 44.61
N VAL H 50 -12.31 10.74 43.37
CA VAL H 50 -13.58 10.20 42.88
C VAL H 50 -13.33 9.03 41.92
N GLU H 51 -14.08 7.96 42.11
CA GLU H 51 -14.00 6.80 41.23
C GLU H 51 -15.21 6.71 40.30
N HIS H 52 -15.13 5.87 39.28
CA HIS H 52 -16.25 5.70 38.38
C HIS H 52 -16.33 4.31 37.75
N SER H 53 -17.53 3.94 37.32
CA SER H 53 -17.75 2.62 36.79
C SER H 53 -17.07 2.46 35.43
N ASP H 54 -17.06 1.23 34.92
CA ASP H 54 -16.54 0.94 33.60
C ASP H 54 -17.49 1.44 32.51
N LEU H 55 -16.97 2.16 31.51
CA LEU H 55 -17.81 2.67 30.42
C LEU H 55 -18.75 1.60 29.89
N SER H 56 -20.03 1.91 29.84
CA SER H 56 -21.00 0.96 29.33
C SER H 56 -22.10 1.71 28.63
N PHE H 57 -22.98 1.00 27.93
CA PHE H 57 -24.03 1.71 27.21
C PHE H 57 -25.35 0.97 27.17
N SER H 58 -26.40 1.70 26.79
CA SER H 58 -27.75 1.14 26.79
C SER H 58 -28.18 0.70 25.41
N LYS H 59 -29.43 0.22 25.33
CA LYS H 59 -29.97 -0.34 24.09
C LYS H 59 -29.92 0.66 22.93
N ASP H 60 -30.12 1.93 23.22
CA ASP H 60 -30.06 2.96 22.18
C ASP H 60 -28.63 3.44 21.91
N TRP H 61 -27.66 2.69 22.42
CA TRP H 61 -26.23 2.98 22.20
C TRP H 61 -25.69 4.13 23.04
N SER H 62 -26.56 4.81 23.81
CA SER H 62 -26.13 5.92 24.66
C SER H 62 -25.39 5.41 25.91
N PHE H 63 -24.38 6.17 26.35
CA PHE H 63 -23.50 5.74 27.43
C PHE H 63 -24.04 6.10 28.79
N TYR H 64 -23.55 5.40 29.81
CA TYR H 64 -23.82 5.76 31.20
C TYR H 64 -22.60 5.41 32.05
N LEU H 65 -22.43 6.17 33.12
CA LEU H 65 -21.32 6.04 34.04
C LEU H 65 -21.76 6.46 35.43
N LEU H 66 -21.30 5.75 36.45
CA LEU H 66 -21.51 6.15 37.83
C LEU H 66 -20.23 6.69 38.44
N TYR H 67 -20.21 7.98 38.81
CA TYR H 67 -19.10 8.54 39.58
C TYR H 67 -19.47 8.50 41.05
N TYR H 68 -18.53 8.12 41.89
CA TYR H 68 -18.75 8.03 43.30
C TYR H 68 -17.56 8.28 44.20
N THR H 69 -17.84 8.72 45.41
CA THR H 69 -16.86 9.01 46.44
C THR H 69 -17.48 8.86 47.82
N GLU H 70 -16.77 8.21 48.72
CA GLU H 70 -17.23 8.01 50.09
C GLU H 70 -17.34 9.36 50.79
N PHE H 71 -18.33 9.48 51.66
CA PHE H 71 -18.55 10.73 52.39
C PHE H 71 -19.48 10.57 53.58
N THR H 72 -19.50 11.59 54.45
CA THR H 72 -20.35 11.68 55.65
C THR H 72 -20.99 13.04 55.59
N PRO H 73 -22.28 13.05 55.37
CA PRO H 73 -22.98 14.32 55.17
C PRO H 73 -23.15 15.06 56.49
N THR H 74 -23.16 16.38 56.42
CA THR H 74 -23.44 17.20 57.57
C THR H 74 -24.75 17.91 57.30
N GLU H 75 -25.22 18.73 58.23
CA GLU H 75 -26.43 19.49 57.96
C GLU H 75 -26.15 20.68 57.05
N LYS H 76 -24.90 21.16 57.06
CA LYS H 76 -24.56 22.38 56.32
C LYS H 76 -23.77 22.11 55.04
N ASP H 77 -22.95 21.07 55.04
CA ASP H 77 -22.16 20.74 53.85
C ASP H 77 -23.03 20.48 52.63
N GLU H 78 -22.85 21.28 51.59
CA GLU H 78 -23.59 21.12 50.34
C GLU H 78 -22.77 20.41 49.24
N TYR H 79 -23.39 19.50 48.50
CA TYR H 79 -22.70 18.80 47.43
C TYR H 79 -23.38 18.98 46.08
N ALA H 80 -22.56 19.00 45.02
CA ALA H 80 -23.07 19.06 43.66
C ALA H 80 -22.30 18.10 42.73
N CYS H 81 -22.81 17.94 41.52
CA CYS H 81 -22.11 17.21 40.49
C CYS H 81 -22.04 18.10 39.26
N ARG H 82 -20.83 18.32 38.75
CA ARG H 82 -20.65 19.22 37.61
C ARG H 82 -20.14 18.47 36.37
N VAL H 83 -20.77 18.73 35.24
CA VAL H 83 -20.54 17.91 34.06
C VAL H 83 -20.17 18.76 32.85
N ASN H 84 -19.12 18.34 32.14
CA ASN H 84 -18.79 18.93 30.85
C ASN H 84 -18.92 17.88 29.73
N HIS H 85 -19.39 18.33 28.57
CA HIS H 85 -19.67 17.45 27.46
C HIS H 85 -19.73 18.31 26.22
N VAL H 86 -19.50 17.73 25.06
CA VAL H 86 -19.47 18.52 23.84
C VAL H 86 -20.85 19.12 23.54
N THR H 87 -21.91 18.52 24.07
CA THR H 87 -23.26 19.05 23.86
C THR H 87 -23.53 20.26 24.73
N LEU H 88 -22.76 20.39 25.81
CA LEU H 88 -22.93 21.50 26.73
C LEU H 88 -22.14 22.71 26.32
N SER H 89 -22.79 23.88 26.27
CA SER H 89 -22.09 25.12 25.97
C SER H 89 -21.42 25.69 27.22
N GLN H 90 -21.85 25.23 28.38
CA GLN H 90 -21.13 25.51 29.61
C GLN H 90 -21.44 24.40 30.58
N PRO H 91 -20.66 24.29 31.65
CA PRO H 91 -20.87 23.20 32.61
C PRO H 91 -22.31 23.16 33.12
N LYS H 92 -22.86 21.96 33.21
CA LYS H 92 -24.15 21.81 33.84
C LYS H 92 -23.86 21.40 35.27
N ILE H 93 -24.50 22.07 36.22
CA ILE H 93 -24.26 21.77 37.64
C ILE H 93 -25.57 21.41 38.31
N VAL H 94 -25.60 20.25 38.95
CA VAL H 94 -26.77 19.71 39.61
C VAL H 94 -26.46 19.54 41.09
N LYS H 95 -27.27 20.09 41.96
CA LYS H 95 -27.00 20.00 43.36
C LYS H 95 -27.59 18.79 44.04
N TRP H 96 -26.86 18.23 44.98
CA TRP H 96 -27.40 17.13 45.75
C TRP H 96 -28.64 17.58 46.51
N ASP H 97 -29.75 16.88 46.32
CA ASP H 97 -30.97 17.17 47.07
C ASP H 97 -31.26 15.94 47.92
N ARG H 98 -31.25 16.11 49.24
CA ARG H 98 -31.38 15.00 50.19
C ARG H 98 -32.58 14.06 49.88
N ASP H 99 -33.67 14.60 49.34
CA ASP H 99 -34.80 13.73 48.97
C ASP H 99 -35.12 13.73 47.47
N MET H 100 -34.14 13.34 46.63
CA MET H 100 -34.37 13.09 45.20
C MET H 100 -33.39 12.07 44.61
N ASN I 1 19.55 16.09 -27.23
CA ASN I 1 18.60 16.70 -26.29
C ASN I 1 17.46 15.71 -25.99
N LEU I 2 17.40 15.24 -24.74
CA LEU I 2 16.44 14.20 -24.33
C LEU I 2 14.99 14.64 -24.42
N VAL I 3 14.11 13.73 -24.81
CA VAL I 3 12.68 13.99 -24.71
C VAL I 3 12.35 14.40 -23.26
N PRO I 4 11.38 15.32 -23.07
CA PRO I 4 11.19 15.87 -21.72
C PRO I 4 10.74 14.82 -20.69
N MET I 5 10.09 13.75 -21.13
CA MET I 5 9.72 12.67 -20.22
C MET I 5 9.29 11.49 -21.07
N VAL I 6 9.38 10.31 -20.47
CA VAL I 6 9.03 9.06 -21.13
C VAL I 6 7.84 8.45 -20.41
N ALA I 7 7.11 7.58 -21.10
CA ALA I 7 5.92 6.94 -20.50
C ALA I 7 6.25 5.62 -19.86
N THR I 8 5.68 5.39 -18.68
CA THR I 8 5.80 4.12 -17.98
C THR I 8 4.86 3.11 -18.63
N VAL I 9 5.14 1.83 -18.48
CA VAL I 9 4.43 0.83 -19.27
C VAL I 9 3.17 0.33 -18.60
N ASN J 1 -18.02 -15.70 28.48
CA ASN J 1 -16.99 -16.26 27.60
C ASN J 1 -17.11 -15.65 26.21
N LEU J 2 -16.14 -14.82 25.84
CA LEU J 2 -16.16 -14.07 24.57
C LEU J 2 -16.24 -14.99 23.38
N VAL J 3 -16.87 -14.52 22.31
CA VAL J 3 -16.80 -15.24 21.05
C VAL J 3 -15.34 -15.29 20.59
N PRO J 4 -14.94 -16.39 19.93
CA PRO J 4 -13.51 -16.58 19.62
C PRO J 4 -12.88 -15.50 18.72
N MET J 5 -13.66 -14.83 17.88
CA MET J 5 -13.19 -13.66 17.12
C MET J 5 -14.41 -12.93 16.58
N VAL J 6 -14.24 -11.67 16.19
CA VAL J 6 -15.34 -10.89 15.64
C VAL J 6 -15.01 -10.47 14.23
N ALA J 7 -16.04 -10.06 13.49
CA ALA J 7 -15.94 -9.72 12.08
C ALA J 7 -15.64 -8.24 11.87
N THR J 8 -14.69 -7.95 11.00
CA THR J 8 -14.37 -6.58 10.70
C THR J 8 -15.38 -6.06 9.67
N VAL J 9 -15.62 -4.77 9.66
CA VAL J 9 -16.69 -4.25 8.84
C VAL J 9 -16.21 -3.92 7.42
#